data_6JFB
#
_entry.id   6JFB
#
_cell.length_a   76.763
_cell.length_b   152.573
_cell.length_c   94.405
_cell.angle_alpha   90.00
_cell.angle_beta   97.88
_cell.angle_gamma   90.00
#
_symmetry.space_group_name_H-M   'P 1 21 1'
#
loop_
_entity.id
_entity.type
_entity.pdbx_description
1 polymer 'Pyruvate kinase PKM Isoform M2'
2 non-polymer SERINE
3 non-polymer 'PHOSPHATE ION'
4 water water
#
_entity_poly.entity_id   1
_entity_poly.type   'polypeptide(L)'
_entity_poly.pdbx_seq_one_letter_code
;MGSSHHHHHHSSGLVPRGSHMMSKPHSEAGTAFIQTQQLHAAMADTFLEHMCRLDIDSPPITARNTGIICTIGPASRSVE
TLKEMIKSGMNVARLNFSHGTHEYHAETIKNVRTATESFASDPILYRPVAVALDTKGPEIRTGLIKGSGTAEVELKKGAT
LKITLDNAYMEKCDENILWLDYKNICKVVEVGSKIYVDDGLISLQVKQKGADFLVTEVENGGSLGSKKGVNLPGAAVDLP
AVSEKDIQDLKFGVEQDVDMVFASFIRKASDVHEVRKVLGEKGKNIKIISKIENHEGVRRFDEILEASDGIMVARGDLGI
EIPAEKVFLAQKMMIGRCNRAGKPVICATQMLESMIKKPRPTRAEGSDVANAVLDGADCIMLSGETAKGDYPLEAVRMQH
LIAREAEAAIYHLQLFEELRRLAPITSDPTEATAVGAVEASFKCCSGAIIVLTKSGRSAHQVARYRPRAPIIAVTRNPQT
ARQAHLYRGIFPVLCKDPVQEAWAEDVDLRVNFAMNVGKARGFFKKGDVVIVLTGWRPGSGFTNTMRVVPVP
;
_entity_poly.pdbx_strand_id   A,B,C,D
#
loop_
_chem_comp.id
_chem_comp.type
_chem_comp.name
_chem_comp.formula
PO4 non-polymer 'PHOSPHATE ION' 'O4 P -3'
#
# COMPACT_ATOMS: atom_id res chain seq x y z
N GLU A 28 33.76 30.26 6.67
CA GLU A 28 32.34 29.91 6.38
C GLU A 28 31.76 30.87 5.33
N ALA A 29 31.80 32.18 5.64
CA ALA A 29 31.16 33.28 4.88
C ALA A 29 29.64 33.31 5.13
N GLY A 30 29.25 33.21 6.41
CA GLY A 30 27.88 33.45 6.87
C GLY A 30 27.37 32.31 7.73
N THR A 31 26.60 32.67 8.77
CA THR A 31 26.05 31.75 9.78
C THR A 31 25.09 30.70 9.15
N ALA A 32 24.59 30.94 7.93
CA ALA A 32 23.68 30.01 7.20
C ALA A 32 24.40 29.21 6.10
N PHE A 33 25.69 29.49 5.85
CA PHE A 33 26.42 28.88 4.71
C PHE A 33 26.60 27.38 4.97
N ILE A 34 27.18 27.05 6.13
CA ILE A 34 27.40 25.67 6.54
C ILE A 34 26.13 25.15 7.21
N GLN A 35 25.54 24.13 6.59
CA GLN A 35 24.34 23.42 7.04
C GLN A 35 24.64 21.91 6.99
N THR A 36 25.32 21.41 8.03
CA THR A 36 25.84 20.04 8.03
C THR A 36 24.68 19.05 8.02
N GLN A 37 24.76 18.07 7.09
CA GLN A 37 23.77 17.01 6.95
C GLN A 37 24.36 15.68 7.47
N GLN A 38 23.52 14.82 8.02
CA GLN A 38 23.80 13.38 8.20
C GLN A 38 22.83 12.56 7.33
N LEU A 39 23.39 11.69 6.49
CA LEU A 39 22.62 11.08 5.38
C LEU A 39 22.06 9.72 5.80
N HIS A 40 22.62 9.12 6.85
CA HIS A 40 22.28 7.75 7.23
C HIS A 40 21.55 7.75 8.59
N ALA A 41 20.33 8.31 8.57
CA ALA A 41 19.38 8.11 9.63
C ALA A 41 18.40 7.01 9.19
N ALA A 42 17.86 6.25 10.16
CA ALA A 42 16.71 5.36 9.95
C ALA A 42 15.44 6.18 9.63
N MET A 43 14.86 5.99 8.44
CA MET A 43 13.55 6.55 8.11
C MET A 43 12.47 5.70 8.79
N ALA A 44 11.61 6.35 9.58
CA ALA A 44 10.53 5.68 10.32
C ALA A 44 9.50 5.13 9.33
N ASP A 45 8.85 4.03 9.72
CA ASP A 45 7.82 3.34 8.92
C ASP A 45 6.48 4.08 8.96
N THR A 46 6.30 5.01 9.92
CA THR A 46 5.05 5.74 10.10
C THR A 46 5.33 7.23 10.46
N PHE A 47 4.40 8.09 10.07
CA PHE A 47 4.40 9.44 10.49
C PHE A 47 4.44 9.49 12.04
N LEU A 48 3.60 8.69 12.70
CA LEU A 48 3.47 8.77 14.17
C LEU A 48 4.84 8.56 14.81
N GLU A 49 5.54 7.52 14.39
CA GLU A 49 6.89 7.25 14.88
C GLU A 49 7.85 8.39 14.54
N HIS A 50 7.77 8.93 13.33
CA HIS A 50 8.60 10.10 13.01
C HIS A 50 8.44 11.20 14.08
N MET A 51 7.20 11.43 14.53
CA MET A 51 6.94 12.46 15.53
C MET A 51 7.51 12.02 16.89
N CYS A 52 7.35 10.74 17.25
CA CYS A 52 7.78 10.26 18.56
C CYS A 52 9.30 10.40 18.71
N ARG A 53 10.01 10.34 17.59
CA ARG A 53 11.50 10.35 17.60
C ARG A 53 12.06 11.78 17.60
N LEU A 54 11.24 12.80 17.41
CA LEU A 54 11.80 14.14 17.48
C LEU A 54 12.56 14.29 18.80
N ASP A 55 13.69 15.00 18.74
CA ASP A 55 14.52 15.24 19.91
C ASP A 55 15.01 16.68 19.87
N ILE A 56 14.57 17.50 20.83
CA ILE A 56 14.92 18.92 20.83
C ILE A 56 16.39 19.14 21.23
N ASP A 57 17.03 18.16 21.88
CA ASP A 57 18.44 18.30 22.30
C ASP A 57 19.40 17.95 21.14
N SER A 58 18.88 17.45 20.03
CA SER A 58 19.63 17.03 18.85
C SER A 58 19.82 18.21 17.91
N PRO A 59 21.06 18.66 17.58
CA PRO A 59 21.22 19.62 16.48
C PRO A 59 20.55 19.16 15.18
N PRO A 60 19.98 20.08 14.35
CA PRO A 60 19.36 19.66 13.10
C PRO A 60 20.43 18.95 12.25
N ILE A 61 20.02 17.94 11.47
CA ILE A 61 20.96 17.07 10.73
C ILE A 61 20.62 17.12 9.23
N THR A 62 19.94 18.23 8.87
CA THR A 62 19.34 18.47 7.58
C THR A 62 19.69 19.91 7.18
N ALA A 63 19.58 20.23 5.89
CA ALA A 63 19.73 21.60 5.40
C ALA A 63 18.42 22.34 5.62
N ARG A 64 18.49 23.67 5.69
CA ARG A 64 17.30 24.47 5.61
C ARG A 64 16.83 24.55 4.15
N ASN A 65 15.68 23.94 3.84
CA ASN A 65 15.24 23.75 2.49
C ASN A 65 14.21 24.79 2.07
N THR A 66 13.60 25.49 3.02
CA THR A 66 12.61 26.49 2.66
C THR A 66 13.30 27.83 2.38
N GLY A 67 12.79 28.54 1.36
CA GLY A 67 13.28 29.88 0.97
C GLY A 67 12.91 30.95 1.99
N ILE A 68 13.83 31.90 2.21
CA ILE A 68 13.55 33.07 3.03
C ILE A 68 13.47 34.30 2.11
N ILE A 69 12.31 34.93 2.12
CA ILE A 69 12.07 36.18 1.41
C ILE A 69 12.02 37.30 2.47
N CYS A 70 12.84 38.35 2.31
CA CYS A 70 12.77 39.48 3.23
C CYS A 70 12.35 40.75 2.48
N THR A 71 11.45 41.51 3.09
CA THR A 71 11.05 42.83 2.62
C THR A 71 12.13 43.85 3.00
N ILE A 72 12.67 44.53 1.99
CA ILE A 72 13.76 45.47 2.20
C ILE A 72 13.12 46.87 2.22
N GLY A 73 13.40 47.59 3.30
CA GLY A 73 12.95 48.95 3.48
C GLY A 73 13.92 49.76 4.35
N PRO A 74 13.44 50.83 5.03
CA PRO A 74 14.30 51.75 5.77
C PRO A 74 15.32 51.11 6.70
N ALA A 75 14.94 50.02 7.38
CA ALA A 75 15.82 49.37 8.33
C ALA A 75 16.90 48.52 7.64
N SER A 76 16.69 48.12 6.39
CA SER A 76 17.48 47.03 5.83
C SER A 76 18.10 47.35 4.47
N ARG A 77 18.00 48.59 3.96
CA ARG A 77 18.34 48.83 2.55
C ARG A 77 19.78 49.32 2.36
N SER A 78 20.53 49.50 3.45
CA SER A 78 21.97 49.78 3.37
C SER A 78 22.73 48.53 2.91
N VAL A 79 23.81 48.76 2.14
CA VAL A 79 24.63 47.71 1.55
C VAL A 79 25.16 46.80 2.65
N GLU A 80 25.53 47.40 3.78
CA GLU A 80 26.13 46.75 4.94
C GLU A 80 25.16 45.76 5.59
N THR A 81 23.94 46.19 5.86
CA THR A 81 22.95 45.34 6.52
C THR A 81 22.60 44.19 5.57
N LEU A 82 22.42 44.54 4.29
CA LEU A 82 22.06 43.59 3.28
C LEU A 82 23.10 42.47 3.21
N LYS A 83 24.40 42.80 3.23
CA LYS A 83 25.45 41.77 3.20
C LYS A 83 25.25 40.81 4.37
N GLU A 84 24.96 41.35 5.56
CA GLU A 84 24.76 40.55 6.77
C GLU A 84 23.51 39.68 6.59
N MET A 85 22.47 40.21 5.94
CA MET A 85 21.22 39.47 5.77
C MET A 85 21.47 38.27 4.82
N ILE A 86 22.22 38.50 3.73
CA ILE A 86 22.54 37.44 2.77
C ILE A 86 23.29 36.33 3.51
N LYS A 87 24.27 36.71 4.35
CA LYS A 87 25.07 35.76 5.09
C LYS A 87 24.17 34.89 5.99
N SER A 88 23.15 35.50 6.57
CA SER A 88 22.27 34.85 7.57
C SER A 88 21.11 34.06 6.93
N GLY A 89 20.97 34.14 5.61
CA GLY A 89 20.12 33.22 4.86
C GLY A 89 19.06 33.84 3.96
N MET A 90 19.03 35.16 3.77
CA MET A 90 18.08 35.81 2.85
C MET A 90 18.33 35.31 1.43
N ASN A 91 17.27 34.89 0.74
CA ASN A 91 17.35 34.35 -0.58
C ASN A 91 16.71 35.30 -1.59
N VAL A 92 15.66 36.03 -1.18
CA VAL A 92 14.88 36.87 -2.05
C VAL A 92 14.68 38.22 -1.35
N ALA A 93 14.95 39.31 -2.08
CA ALA A 93 14.62 40.68 -1.59
C ALA A 93 13.25 41.10 -2.14
N ARG A 94 12.27 41.34 -1.27
CA ARG A 94 10.98 41.83 -1.68
C ARG A 94 10.95 43.37 -1.60
N LEU A 95 10.47 44.02 -2.67
CA LEU A 95 10.27 45.47 -2.70
C LEU A 95 8.76 45.71 -2.68
N ASN A 96 8.31 46.42 -1.65
CA ASN A 96 6.88 46.65 -1.48
C ASN A 96 6.54 47.99 -2.13
N PHE A 97 5.82 47.93 -3.26
CA PHE A 97 5.46 49.14 -4.04
C PHE A 97 4.18 49.81 -3.54
N SER A 98 3.69 49.41 -2.38
CA SER A 98 2.61 50.08 -1.70
C SER A 98 3.01 51.53 -1.37
N HIS A 99 4.29 51.73 -1.06
CA HIS A 99 4.86 53.06 -0.86
C HIS A 99 6.19 53.19 -1.61
N GLY A 100 6.64 54.44 -1.77
CA GLY A 100 7.95 54.81 -2.32
C GLY A 100 7.84 55.15 -3.79
N THR A 101 8.83 55.89 -4.30
CA THR A 101 8.90 56.23 -5.71
C THR A 101 9.78 55.21 -6.44
N HIS A 102 9.75 55.26 -7.77
CA HIS A 102 10.62 54.43 -8.57
C HIS A 102 12.09 54.70 -8.21
N GLU A 103 12.44 55.98 -7.99
CA GLU A 103 13.82 56.34 -7.68
C GLU A 103 14.26 55.61 -6.40
N TYR A 104 13.42 55.64 -5.39
CA TYR A 104 13.75 55.04 -4.13
C TYR A 104 13.98 53.52 -4.28
N HIS A 105 13.06 52.84 -4.97
CA HIS A 105 13.13 51.37 -5.14
C HIS A 105 14.30 51.01 -6.05
N ALA A 106 14.56 51.79 -7.11
CA ALA A 106 15.78 51.59 -7.96
C ALA A 106 17.07 51.63 -7.10
N GLU A 107 17.12 52.52 -6.09
CA GLU A 107 18.30 52.60 -5.23
C GLU A 107 18.32 51.42 -4.25
N THR A 108 17.17 50.99 -3.72
CA THR A 108 17.15 49.69 -2.95
C THR A 108 17.74 48.55 -3.80
N ILE A 109 17.25 48.40 -5.03
CA ILE A 109 17.67 47.29 -5.88
C ILE A 109 19.20 47.36 -6.06
N LYS A 110 19.73 48.58 -6.25
CA LYS A 110 21.13 48.78 -6.54
C LYS A 110 21.96 48.35 -5.33
N ASN A 111 21.49 48.65 -4.12
CA ASN A 111 22.18 48.22 -2.92
C ASN A 111 22.09 46.68 -2.76
N VAL A 112 20.94 46.09 -3.09
CA VAL A 112 20.78 44.63 -3.01
C VAL A 112 21.83 43.96 -3.93
N ARG A 113 21.96 44.47 -5.16
CA ARG A 113 22.86 43.90 -6.18
C ARG A 113 24.32 44.16 -5.78
N THR A 114 24.61 45.29 -5.15
CA THR A 114 25.97 45.54 -4.68
C THR A 114 26.34 44.53 -3.59
N ALA A 115 25.46 44.33 -2.61
CA ALA A 115 25.71 43.40 -1.53
C ALA A 115 25.82 41.97 -2.10
N THR A 116 24.96 41.61 -3.05
CA THR A 116 24.98 40.25 -3.60
C THR A 116 26.31 39.99 -4.31
N GLU A 117 26.70 40.94 -5.17
CA GLU A 117 27.86 40.83 -6.02
C GLU A 117 29.14 40.92 -5.19
N SER A 118 29.08 41.44 -3.97
CA SER A 118 30.28 41.50 -3.13
C SER A 118 30.83 40.10 -2.77
N PHE A 119 30.04 39.02 -2.93
CA PHE A 119 30.53 37.66 -2.64
C PHE A 119 30.97 36.93 -3.92
N ALA A 120 30.87 37.59 -5.08
CA ALA A 120 31.00 36.90 -6.37
C ALA A 120 32.43 36.42 -6.58
N SER A 121 33.39 37.06 -5.92
CA SER A 121 34.79 36.80 -6.18
C SER A 121 35.08 35.31 -5.93
N ASP A 122 34.43 34.71 -4.92
CA ASP A 122 34.56 33.28 -4.66
C ASP A 122 33.30 32.55 -5.12
N PRO A 123 33.33 31.94 -6.33
CA PRO A 123 32.17 31.27 -6.89
C PRO A 123 31.55 30.18 -6.00
N ILE A 124 32.35 29.61 -5.10
CA ILE A 124 31.86 28.60 -4.16
C ILE A 124 30.97 29.26 -3.09
N LEU A 125 31.29 30.49 -2.66
CA LEU A 125 30.56 31.12 -1.55
C LEU A 125 29.47 32.08 -2.08
N TYR A 126 29.36 32.24 -3.39
CA TYR A 126 28.37 33.12 -3.96
C TYR A 126 27.00 32.49 -3.78
N ARG A 127 26.09 33.29 -3.22
CA ARG A 127 24.71 32.94 -3.13
C ARG A 127 23.93 33.86 -4.04
N PRO A 128 23.18 33.34 -5.02
CA PRO A 128 22.28 34.15 -5.80
C PRO A 128 21.20 34.71 -4.87
N VAL A 129 20.75 35.93 -5.15
CA VAL A 129 19.71 36.61 -4.39
C VAL A 129 18.73 37.20 -5.38
N ALA A 130 17.46 36.78 -5.29
CA ALA A 130 16.44 37.22 -6.21
C ALA A 130 15.85 38.56 -5.77
N VAL A 131 15.34 39.32 -6.74
CA VAL A 131 14.60 40.54 -6.48
C VAL A 131 13.15 40.31 -6.88
N ALA A 132 12.23 40.63 -5.96
CA ALA A 132 10.80 40.48 -6.14
C ALA A 132 10.13 41.85 -6.00
N LEU A 133 9.29 42.20 -6.99
CA LEU A 133 8.47 43.41 -6.96
C LEU A 133 7.03 43.04 -6.56
N ASP A 134 6.56 43.58 -5.43
CA ASP A 134 5.23 43.36 -4.93
C ASP A 134 4.42 44.64 -5.17
N THR A 135 3.43 44.54 -6.06
CA THR A 135 2.58 45.64 -6.50
C THR A 135 1.66 46.08 -5.35
N LYS A 136 1.23 47.33 -5.43
CA LYS A 136 0.33 47.92 -4.47
C LYS A 136 -1.06 47.30 -4.67
N GLY A 137 -1.49 47.24 -5.94
CA GLY A 137 -2.68 46.51 -6.30
C GLY A 137 -3.94 47.35 -6.12
N PRO A 138 -5.09 46.86 -6.62
CA PRO A 138 -6.38 47.54 -6.46
C PRO A 138 -6.73 47.72 -4.99
N GLU A 139 -7.31 48.88 -4.68
CA GLU A 139 -7.58 49.32 -3.33
C GLU A 139 -8.92 50.04 -3.29
N ILE A 140 -9.63 49.89 -2.17
CA ILE A 140 -10.80 50.69 -1.83
C ILE A 140 -10.40 51.56 -0.65
N ARG A 141 -10.58 52.88 -0.81
CA ARG A 141 -10.21 53.85 0.22
C ARG A 141 -11.44 54.71 0.58
N THR A 142 -11.53 55.06 1.87
CA THR A 142 -12.45 56.08 2.35
C THR A 142 -11.99 57.46 1.84
N GLY A 143 -12.80 58.49 2.13
CA GLY A 143 -12.43 59.89 1.99
C GLY A 143 -12.20 60.53 3.36
N LEU A 144 -11.53 61.69 3.37
CA LEU A 144 -11.02 62.28 4.63
C LEU A 144 -12.19 62.71 5.53
N ILE A 145 -11.91 62.72 6.85
CA ILE A 145 -12.82 63.16 7.93
C ILE A 145 -13.15 64.65 7.72
N LYS A 146 -12.10 65.41 7.40
CA LYS A 146 -12.13 66.83 6.97
C LYS A 146 -10.68 67.32 6.89
N GLY A 147 -9.81 66.72 7.72
CA GLY A 147 -8.36 66.73 7.55
C GLY A 147 -7.75 68.04 8.01
N ALA A 151 -7.15 63.76 12.52
CA ALA A 151 -8.40 63.80 11.77
C ALA A 151 -9.24 62.54 12.08
N GLU A 152 -9.86 62.49 13.27
CA GLU A 152 -10.41 61.25 13.88
C GLU A 152 -11.92 61.39 14.18
N VAL A 153 -12.63 60.25 14.20
CA VAL A 153 -14.06 60.19 14.60
C VAL A 153 -14.31 58.84 15.31
N GLU A 154 -15.14 58.88 16.35
CA GLU A 154 -15.45 57.68 17.12
C GLU A 154 -16.75 57.07 16.58
N LEU A 155 -16.64 55.82 16.15
CA LEU A 155 -17.72 55.09 15.52
C LEU A 155 -18.31 54.13 16.56
N LYS A 156 -19.64 54.21 16.72
CA LYS A 156 -20.30 53.82 17.95
C LYS A 156 -20.95 52.45 17.76
N LYS A 157 -20.45 51.47 18.54
CA LYS A 157 -21.06 50.14 18.68
C LYS A 157 -22.59 50.29 18.65
N GLY A 158 -23.25 49.50 17.78
CA GLY A 158 -24.64 49.76 17.40
C GLY A 158 -24.68 50.83 16.34
N ALA A 159 -25.54 51.83 16.52
CA ALA A 159 -25.61 53.02 15.64
C ALA A 159 -25.92 52.60 14.21
N THR A 160 -26.06 53.61 13.35
CA THR A 160 -26.20 53.43 11.92
C THR A 160 -25.12 54.30 11.24
N LEU A 161 -24.68 53.86 10.06
CA LEU A 161 -23.73 54.59 9.24
C LEU A 161 -24.12 54.43 7.77
N LYS A 162 -24.30 55.56 7.08
CA LYS A 162 -24.54 55.57 5.65
C LYS A 162 -23.20 55.69 4.94
N ILE A 163 -22.94 54.73 4.04
CA ILE A 163 -21.85 54.79 3.07
C ILE A 163 -22.39 55.46 1.79
N THR A 164 -21.83 56.63 1.46
CA THR A 164 -22.24 57.46 0.33
C THR A 164 -21.17 57.41 -0.76
N LEU A 165 -21.53 57.83 -1.98
CA LEU A 165 -20.72 57.46 -3.12
C LEU A 165 -20.34 58.65 -4.03
N ASP A 166 -21.02 59.80 -3.98
CA ASP A 166 -20.61 60.90 -4.88
C ASP A 166 -19.74 61.88 -4.09
N ASN A 167 -18.84 62.54 -4.83
CA ASN A 167 -17.66 63.26 -4.31
C ASN A 167 -18.08 64.47 -3.46
N ALA A 168 -19.33 64.93 -3.62
CA ALA A 168 -19.88 66.04 -2.83
C ALA A 168 -19.95 65.68 -1.34
N TYR A 169 -19.41 64.51 -0.96
CA TYR A 169 -19.39 64.05 0.40
C TYR A 169 -18.04 63.38 0.75
N MET A 170 -16.97 63.71 0.01
CA MET A 170 -15.67 62.99 0.13
C MET A 170 -14.80 63.59 1.24
N GLU A 171 -14.84 64.93 1.42
CA GLU A 171 -13.98 65.65 2.38
C GLU A 171 -14.68 65.81 3.74
N LYS A 172 -15.83 65.16 3.93
CA LYS A 172 -16.61 65.25 5.15
C LYS A 172 -17.22 63.87 5.46
N CYS A 173 -16.87 63.30 6.60
CA CYS A 173 -17.37 61.99 7.02
C CYS A 173 -18.04 62.12 8.39
N ASP A 174 -17.51 61.44 9.42
CA ASP A 174 -18.02 61.50 10.80
C ASP A 174 -19.36 60.77 10.92
N GLU A 175 -19.34 59.63 11.64
CA GLU A 175 -20.49 58.90 12.24
C GLU A 175 -21.71 58.85 11.32
N ASN A 176 -22.20 60.00 10.87
CA ASN A 176 -23.38 60.07 10.00
C ASN A 176 -23.08 59.38 8.66
N ILE A 177 -22.11 59.92 7.91
CA ILE A 177 -21.83 59.47 6.54
C ILE A 177 -20.35 59.05 6.44
N LEU A 178 -20.03 58.35 5.35
CA LEU A 178 -18.66 57.99 4.99
C LEU A 178 -18.58 57.78 3.47
N TRP A 179 -17.49 58.26 2.87
CA TRP A 179 -17.29 58.21 1.42
C TRP A 179 -16.27 57.11 1.08
N LEU A 180 -16.33 56.58 -0.15
CA LEU A 180 -15.25 55.72 -0.69
C LEU A 180 -15.30 55.67 -2.22
N ASP A 181 -14.17 55.24 -2.81
CA ASP A 181 -13.82 55.47 -4.21
C ASP A 181 -14.25 54.32 -5.12
N TYR A 182 -14.69 53.19 -4.55
CA TYR A 182 -15.12 52.05 -5.34
C TYR A 182 -16.57 52.27 -5.77
N LYS A 183 -16.79 52.67 -7.03
CA LYS A 183 -18.11 53.15 -7.44
C LYS A 183 -19.15 52.03 -7.39
N ASN A 184 -18.73 50.77 -7.60
CA ASN A 184 -19.65 49.65 -7.77
C ASN A 184 -19.93 48.88 -6.46
N ILE A 185 -19.73 49.50 -5.27
CA ILE A 185 -19.88 48.72 -4.01
C ILE A 185 -21.29 48.11 -3.97
N CYS A 186 -22.27 48.94 -4.34
CA CYS A 186 -23.69 48.62 -4.22
C CYS A 186 -24.01 47.39 -5.07
N LYS A 187 -23.41 47.29 -6.26
CA LYS A 187 -23.55 46.13 -7.16
C LYS A 187 -23.10 44.85 -6.44
N VAL A 188 -21.98 44.91 -5.72
CA VAL A 188 -21.32 43.70 -5.30
C VAL A 188 -21.70 43.34 -3.85
N VAL A 189 -22.20 44.30 -3.08
CA VAL A 189 -22.65 44.03 -1.71
C VAL A 189 -24.11 43.57 -1.75
N GLU A 190 -24.52 42.75 -0.76
CA GLU A 190 -25.95 42.35 -0.52
C GLU A 190 -26.34 42.69 0.94
N VAL A 191 -27.62 42.48 1.27
CA VAL A 191 -28.13 42.66 2.66
C VAL A 191 -27.38 41.67 3.56
N GLY A 192 -26.85 42.15 4.70
CA GLY A 192 -26.18 41.29 5.70
C GLY A 192 -24.68 41.11 5.44
N SER A 193 -24.16 41.80 4.40
CA SER A 193 -22.72 41.76 4.06
C SER A 193 -21.91 42.50 5.13
N LYS A 194 -20.72 41.99 5.43
CA LYS A 194 -19.75 42.74 6.22
C LYS A 194 -18.97 43.67 5.30
N ILE A 195 -18.67 44.86 5.83
CA ILE A 195 -17.67 45.76 5.29
C ILE A 195 -16.72 46.12 6.42
N TYR A 196 -15.43 45.90 6.20
CA TYR A 196 -14.38 46.25 7.17
C TYR A 196 -13.67 47.54 6.73
N VAL A 197 -13.33 48.37 7.71
CA VAL A 197 -12.65 49.60 7.44
C VAL A 197 -11.40 49.64 8.33
N ASP A 198 -10.31 50.24 7.83
CA ASP A 198 -8.98 50.34 8.48
C ASP A 198 -8.45 48.94 8.79
N ASP A 199 -8.17 48.22 7.71
CA ASP A 199 -7.61 46.87 7.68
C ASP A 199 -8.05 46.11 8.94
N GLY A 200 -9.37 45.95 9.09
CA GLY A 200 -10.00 45.04 10.06
C GLY A 200 -10.65 45.74 11.26
N LEU A 201 -10.19 46.95 11.61
CA LEU A 201 -10.57 47.58 12.91
C LEU A 201 -12.10 47.68 13.02
N ILE A 202 -12.72 48.39 12.07
CA ILE A 202 -14.16 48.71 12.09
C ILE A 202 -14.93 47.67 11.25
N SER A 203 -15.97 47.10 11.87
CA SER A 203 -16.90 46.18 11.22
C SER A 203 -18.24 46.89 11.02
N LEU A 204 -18.94 46.52 9.93
CA LEU A 204 -20.23 47.08 9.49
C LEU A 204 -21.10 45.97 8.87
N GLN A 205 -22.42 46.13 9.01
CA GLN A 205 -23.41 45.18 8.55
C GLN A 205 -24.41 45.95 7.68
N VAL A 206 -24.50 45.62 6.38
CA VAL A 206 -25.37 46.38 5.47
C VAL A 206 -26.80 45.86 5.66
N LYS A 207 -27.72 46.78 6.01
CA LYS A 207 -29.14 46.51 6.22
C LYS A 207 -29.91 46.71 4.91
N GLN A 208 -29.58 47.80 4.18
CA GLN A 208 -30.25 48.18 2.92
C GLN A 208 -29.26 48.81 1.94
N LYS A 209 -29.46 48.52 0.65
CA LYS A 209 -28.79 49.21 -0.45
C LYS A 209 -29.73 50.33 -0.93
N GLY A 210 -29.30 51.59 -0.77
CA GLY A 210 -30.21 52.74 -0.75
C GLY A 210 -30.04 53.67 -1.95
N ALA A 211 -30.14 53.08 -3.16
CA ALA A 211 -30.09 53.78 -4.48
C ALA A 211 -28.76 54.54 -4.63
N ASP A 212 -27.68 53.80 -4.93
CA ASP A 212 -26.30 54.31 -5.11
C ASP A 212 -25.72 54.73 -3.74
N PHE A 213 -26.38 54.34 -2.64
CA PHE A 213 -25.93 54.53 -1.25
C PHE A 213 -25.96 53.16 -0.53
N LEU A 214 -25.44 53.14 0.70
CA LEU A 214 -25.48 51.97 1.59
C LEU A 214 -25.83 52.47 3.00
N VAL A 215 -26.63 51.69 3.74
CA VAL A 215 -26.92 52.00 5.17
C VAL A 215 -26.54 50.79 6.03
N THR A 216 -25.72 51.03 7.05
CA THR A 216 -24.97 50.00 7.74
C THR A 216 -25.12 50.17 9.26
N GLU A 217 -25.31 49.03 9.94
CA GLU A 217 -25.19 48.94 11.40
C GLU A 217 -23.71 48.69 11.73
N VAL A 218 -23.20 49.46 12.70
CA VAL A 218 -21.85 49.30 13.20
C VAL A 218 -21.79 48.04 14.07
N GLU A 219 -21.17 46.98 13.54
CA GLU A 219 -21.04 45.72 14.23
C GLU A 219 -19.98 45.84 15.33
N ASN A 220 -18.85 46.51 15.01
CA ASN A 220 -17.69 46.59 15.91
C ASN A 220 -17.57 48.02 16.48
N GLY A 221 -17.02 48.94 15.69
CA GLY A 221 -16.85 50.34 16.13
C GLY A 221 -15.49 50.60 16.76
N GLY A 222 -14.89 51.74 16.38
CA GLY A 222 -13.64 52.21 16.93
C GLY A 222 -13.38 53.66 16.53
N SER A 223 -12.10 53.99 16.36
CA SER A 223 -11.70 55.29 15.87
C SER A 223 -11.44 55.21 14.36
N LEU A 224 -12.00 56.18 13.62
CA LEU A 224 -11.98 56.24 12.16
C LEU A 224 -11.12 57.41 11.71
N GLY A 225 -10.26 57.16 10.72
CA GLY A 225 -9.39 58.16 10.12
C GLY A 225 -9.68 58.33 8.64
N SER A 226 -8.73 58.97 7.95
CA SER A 226 -8.86 59.43 6.58
C SER A 226 -8.07 58.53 5.62
N LYS A 227 -8.74 58.11 4.54
CA LYS A 227 -8.19 57.30 3.45
C LYS A 227 -7.77 55.93 3.99
N LYS A 228 -8.64 55.37 4.84
CA LYS A 228 -8.46 54.08 5.49
C LYS A 228 -8.98 52.99 4.55
N GLY A 229 -8.26 51.85 4.52
CA GLY A 229 -8.54 50.72 3.63
C GLY A 229 -9.82 50.00 4.02
N VAL A 230 -10.52 49.51 2.99
CA VAL A 230 -11.84 48.92 3.08
C VAL A 230 -11.78 47.52 2.46
N ASN A 231 -12.30 46.51 3.16
CA ASN A 231 -12.36 45.13 2.67
C ASN A 231 -13.82 44.65 2.65
N LEU A 232 -14.17 43.85 1.64
CA LEU A 232 -15.54 43.40 1.37
C LEU A 232 -15.62 41.87 1.45
N PRO A 233 -15.72 41.29 2.67
CA PRO A 233 -15.74 39.82 2.83
C PRO A 233 -16.74 39.09 1.93
N GLY A 234 -16.26 38.16 1.12
CA GLY A 234 -17.14 37.35 0.28
C GLY A 234 -17.77 38.08 -0.90
N ALA A 235 -17.48 39.39 -1.10
CA ALA A 235 -17.99 40.11 -2.29
C ALA A 235 -17.05 39.94 -3.49
N ALA A 236 -17.62 39.72 -4.68
CA ALA A 236 -16.85 39.62 -5.93
C ALA A 236 -16.48 41.02 -6.44
N VAL A 237 -15.43 41.61 -5.86
CA VAL A 237 -15.00 42.97 -6.21
C VAL A 237 -14.62 43.01 -7.71
N ASP A 238 -14.98 44.15 -8.33
CA ASP A 238 -15.06 44.41 -9.77
C ASP A 238 -13.85 45.22 -10.29
N LEU A 239 -12.97 45.64 -9.36
CA LEU A 239 -11.80 46.48 -9.65
C LEU A 239 -10.88 45.81 -10.65
N PRO A 240 -10.19 46.59 -11.51
CA PRO A 240 -9.31 46.03 -12.52
C PRO A 240 -8.26 45.08 -11.92
N ALA A 241 -7.83 44.10 -12.72
CA ALA A 241 -6.76 43.19 -12.36
C ALA A 241 -5.49 43.97 -11.98
N VAL A 242 -5.24 45.05 -12.71
CA VAL A 242 -4.04 45.85 -12.59
C VAL A 242 -4.44 47.33 -12.59
N SER A 243 -4.20 48.05 -11.48
CA SER A 243 -4.39 49.53 -11.47
C SER A 243 -3.37 50.15 -12.43
N GLU A 244 -3.53 51.44 -12.78
CA GLU A 244 -2.59 52.06 -13.74
C GLU A 244 -1.24 52.23 -13.04
N LYS A 245 -1.27 52.46 -11.72
CA LYS A 245 -0.06 52.53 -10.92
C LYS A 245 0.69 51.20 -10.99
N ASP A 246 -0.02 50.07 -11.01
CA ASP A 246 0.63 48.74 -11.08
C ASP A 246 1.26 48.52 -12.47
N ILE A 247 0.55 48.96 -13.52
CA ILE A 247 1.05 48.86 -14.92
C ILE A 247 2.41 49.54 -15.01
N GLN A 248 2.52 50.76 -14.47
CA GLN A 248 3.80 51.51 -14.48
C GLN A 248 4.83 50.81 -13.57
N ASP A 249 4.39 50.27 -12.43
CA ASP A 249 5.35 49.61 -11.53
C ASP A 249 5.86 48.31 -12.16
N LEU A 250 5.00 47.60 -12.91
CA LEU A 250 5.43 46.37 -13.58
C LEU A 250 6.38 46.67 -14.76
N LYS A 251 6.16 47.78 -15.50
CA LYS A 251 7.09 48.16 -16.59
C LYS A 251 8.46 48.57 -15.99
N PHE A 252 8.44 49.22 -14.82
CA PHE A 252 9.68 49.53 -14.08
C PHE A 252 10.41 48.22 -13.69
N GLY A 253 9.66 47.26 -13.16
CA GLY A 253 10.24 45.94 -12.82
C GLY A 253 10.93 45.27 -14.00
N VAL A 254 10.32 45.36 -15.18
CA VAL A 254 10.93 44.81 -16.43
C VAL A 254 12.26 45.53 -16.73
N GLU A 255 12.22 46.87 -16.72
CA GLU A 255 13.43 47.73 -16.93
C GLU A 255 14.51 47.38 -15.92
N GLN A 256 14.11 47.14 -14.66
CA GLN A 256 15.06 46.91 -13.57
C GLN A 256 15.51 45.44 -13.55
N ASP A 257 14.99 44.61 -14.47
CA ASP A 257 15.37 43.19 -14.58
C ASP A 257 15.02 42.42 -13.30
N VAL A 258 13.81 42.55 -12.76
CA VAL A 258 13.46 41.77 -11.53
C VAL A 258 13.13 40.31 -11.91
N ASP A 259 13.21 39.42 -10.93
CA ASP A 259 13.05 37.95 -11.14
C ASP A 259 11.58 37.54 -11.08
N MET A 260 10.80 38.26 -10.28
CA MET A 260 9.46 37.86 -10.07
C MET A 260 8.66 39.06 -9.62
N VAL A 261 7.35 38.92 -9.80
CA VAL A 261 6.38 39.88 -9.38
C VAL A 261 5.37 39.18 -8.43
N PHE A 262 5.05 39.82 -7.31
CA PHE A 262 3.94 39.36 -6.44
C PHE A 262 2.73 40.23 -6.75
N ALA A 263 1.76 39.68 -7.50
CA ALA A 263 0.63 40.45 -8.05
C ALA A 263 -0.53 40.40 -7.06
N SER A 264 -1.10 41.56 -6.74
CA SER A 264 -1.96 41.71 -5.59
C SER A 264 -3.42 41.39 -5.96
N PHE A 265 -4.16 40.87 -4.97
CA PHE A 265 -5.62 40.80 -4.95
C PHE A 265 -6.12 40.07 -6.21
N ILE A 266 -5.54 38.88 -6.45
CA ILE A 266 -5.85 38.11 -7.63
C ILE A 266 -7.11 37.33 -7.32
N ARG A 267 -8.13 37.46 -8.17
CA ARG A 267 -9.46 36.89 -7.94
C ARG A 267 -9.87 35.92 -9.04
N LYS A 268 -9.19 35.94 -10.19
CA LYS A 268 -9.59 35.02 -11.28
C LYS A 268 -8.41 34.83 -12.23
N ALA A 269 -8.46 33.78 -13.06
CA ALA A 269 -7.37 33.49 -14.03
C ALA A 269 -7.11 34.68 -14.96
N SER A 270 -8.18 35.42 -15.33
CA SER A 270 -8.01 36.55 -16.23
C SER A 270 -7.07 37.57 -15.58
N ASP A 271 -7.19 37.82 -14.27
CA ASP A 271 -6.31 38.79 -13.59
C ASP A 271 -4.85 38.46 -13.87
N VAL A 272 -4.50 37.17 -13.80
CA VAL A 272 -3.14 36.73 -14.01
C VAL A 272 -2.72 37.00 -15.45
N HIS A 273 -3.61 36.67 -16.41
CA HIS A 273 -3.33 36.84 -17.84
C HIS A 273 -3.06 38.32 -18.12
N GLU A 274 -3.84 39.23 -17.50
CA GLU A 274 -3.65 40.70 -17.60
C GLU A 274 -2.25 41.08 -17.11
N VAL A 275 -1.81 40.56 -15.96
CA VAL A 275 -0.49 40.84 -15.47
C VAL A 275 0.50 40.37 -16.52
N ARG A 276 0.30 39.16 -17.06
CA ARG A 276 1.25 38.58 -17.99
C ARG A 276 1.30 39.43 -19.25
N LYS A 277 0.13 39.95 -19.66
CA LYS A 277 0.05 40.83 -20.83
C LYS A 277 0.91 42.09 -20.60
N VAL A 278 0.81 42.69 -19.42
CA VAL A 278 1.55 43.91 -19.12
C VAL A 278 3.06 43.62 -19.18
N LEU A 279 3.51 42.48 -18.65
CA LEU A 279 4.95 42.17 -18.62
C LEU A 279 5.43 41.90 -20.05
N GLY A 280 4.51 41.44 -20.91
CA GLY A 280 4.71 41.27 -22.34
C GLY A 280 5.93 40.41 -22.66
N GLU A 281 6.44 40.59 -23.89
CA GLU A 281 7.48 39.78 -24.45
C GLU A 281 8.78 40.04 -23.71
N LYS A 282 9.03 41.30 -23.36
CA LYS A 282 10.30 41.62 -22.71
C LYS A 282 10.34 41.01 -21.32
N GLY A 283 9.20 40.93 -20.62
CA GLY A 283 9.14 40.37 -19.24
C GLY A 283 8.64 38.91 -19.17
N LYS A 284 8.76 38.14 -20.27
CA LYS A 284 8.08 36.84 -20.40
C LYS A 284 8.71 35.81 -19.45
N ASN A 285 9.97 35.99 -19.10
CA ASN A 285 10.68 35.08 -18.21
C ASN A 285 10.54 35.48 -16.74
N ILE A 286 9.82 36.57 -16.45
CA ILE A 286 9.53 37.01 -15.09
C ILE A 286 8.40 36.13 -14.51
N LYS A 287 8.67 35.51 -13.36
CA LYS A 287 7.64 34.69 -12.65
C LYS A 287 6.57 35.58 -12.00
N ILE A 288 5.31 35.23 -12.26
CA ILE A 288 4.17 35.89 -11.67
C ILE A 288 3.65 35.02 -10.50
N ILE A 289 3.79 35.55 -9.28
CA ILE A 289 3.25 34.94 -8.09
C ILE A 289 1.94 35.65 -7.77
N SER A 290 0.82 34.93 -7.79
CA SER A 290 -0.48 35.50 -7.46
C SER A 290 -0.74 35.48 -5.93
N LYS A 291 -1.04 36.66 -5.38
CA LYS A 291 -1.38 36.81 -3.97
C LYS A 291 -2.87 36.52 -3.79
N ILE A 292 -3.19 35.61 -2.86
CA ILE A 292 -4.56 35.26 -2.54
C ILE A 292 -4.88 35.97 -1.23
N GLU A 293 -5.78 36.96 -1.34
CA GLU A 293 -6.02 37.92 -0.28
C GLU A 293 -7.52 38.10 -0.02
N ASN A 294 -8.40 37.35 -0.72
CA ASN A 294 -9.84 37.43 -0.39
C ASN A 294 -10.54 36.11 -0.70
N HIS A 295 -11.84 36.08 -0.40
CA HIS A 295 -12.67 34.89 -0.52
C HIS A 295 -12.74 34.44 -1.99
N GLU A 296 -12.91 35.37 -2.93
CA GLU A 296 -13.09 35.00 -4.37
C GLU A 296 -11.84 34.27 -4.87
N GLY A 297 -10.67 34.73 -4.44
CA GLY A 297 -9.39 34.11 -4.79
C GLY A 297 -9.29 32.67 -4.32
N VAL A 298 -9.79 32.41 -3.11
CA VAL A 298 -9.82 31.06 -2.57
C VAL A 298 -10.81 30.23 -3.41
N ARG A 299 -11.98 30.80 -3.67
CA ARG A 299 -13.05 30.11 -4.40
C ARG A 299 -12.54 29.70 -5.80
N ARG A 300 -11.76 30.57 -6.46
CA ARG A 300 -11.35 30.32 -7.87
C ARG A 300 -9.89 29.90 -7.95
N PHE A 301 -9.40 29.23 -6.90
CA PHE A 301 -7.97 28.95 -6.76
C PHE A 301 -7.43 28.07 -7.90
N ASP A 302 -8.21 27.09 -8.32
CA ASP A 302 -7.72 26.12 -9.31
C ASP A 302 -7.33 26.86 -10.59
N GLU A 303 -8.17 27.76 -11.07
CA GLU A 303 -7.88 28.48 -12.34
C GLU A 303 -6.76 29.50 -12.10
N ILE A 304 -6.73 30.13 -10.91
CA ILE A 304 -5.65 31.06 -10.61
C ILE A 304 -4.33 30.30 -10.62
N LEU A 305 -4.28 29.16 -9.93
CA LEU A 305 -3.08 28.33 -9.91
C LEU A 305 -2.66 27.92 -11.32
N GLU A 306 -3.64 27.41 -12.11
CA GLU A 306 -3.44 27.04 -13.56
C GLU A 306 -2.61 28.11 -14.27
N ALA A 307 -3.06 29.37 -14.14
CA ALA A 307 -2.54 30.51 -14.88
C ALA A 307 -1.24 31.06 -14.29
N SER A 308 -0.96 30.80 -13.00
CA SER A 308 0.17 31.47 -12.30
C SER A 308 1.45 30.63 -12.35
N ASP A 309 2.58 31.27 -12.07
CA ASP A 309 3.83 30.57 -11.83
C ASP A 309 3.91 30.13 -10.37
N GLY A 310 3.28 30.87 -9.48
CA GLY A 310 3.32 30.53 -8.05
C GLY A 310 2.16 31.20 -7.35
N ILE A 311 2.05 30.96 -6.03
CA ILE A 311 1.00 31.49 -5.17
C ILE A 311 1.63 32.03 -3.89
N MET A 312 1.09 33.13 -3.38
CA MET A 312 1.40 33.65 -2.04
C MET A 312 0.10 33.71 -1.24
N VAL A 313 0.11 33.08 -0.07
CA VAL A 313 -1.01 33.05 0.87
C VAL A 313 -0.78 34.18 1.88
N ALA A 314 -1.63 35.21 1.78
CA ALA A 314 -1.59 36.40 2.64
C ALA A 314 -2.57 36.24 3.80
N ARG A 315 -2.10 35.61 4.88
CA ARG A 315 -2.97 35.21 5.98
C ARG A 315 -3.68 36.43 6.58
N GLY A 316 -2.97 37.57 6.72
CA GLY A 316 -3.54 38.77 7.35
C GLY A 316 -4.77 39.27 6.63
N ASP A 317 -4.64 39.40 5.31
CA ASP A 317 -5.67 39.88 4.44
C ASP A 317 -6.81 38.85 4.35
N LEU A 318 -6.50 37.55 4.27
CA LEU A 318 -7.52 36.48 4.28
C LEU A 318 -8.35 36.56 5.58
N GLY A 319 -7.67 36.89 6.68
CA GLY A 319 -8.25 36.97 7.99
C GLY A 319 -9.25 38.10 8.16
N ILE A 320 -9.16 39.14 7.33
CA ILE A 320 -10.20 40.20 7.31
C ILE A 320 -11.41 39.71 6.51
N GLU A 321 -11.12 39.03 5.39
CA GLU A 321 -12.06 38.76 4.32
C GLU A 321 -12.88 37.48 4.59
N ILE A 322 -12.43 36.69 5.58
CA ILE A 322 -12.87 35.31 5.82
C ILE A 322 -12.88 35.12 7.32
N PRO A 323 -13.81 34.30 7.89
CA PRO A 323 -13.84 34.09 9.33
C PRO A 323 -12.45 33.69 9.83
N ALA A 324 -11.96 34.43 10.84
CA ALA A 324 -10.74 34.11 11.59
C ALA A 324 -10.39 32.62 11.51
N GLU A 325 -11.34 31.78 11.97
CA GLU A 325 -11.13 30.36 12.27
C GLU A 325 -11.23 29.43 11.06
N LYS A 326 -11.36 29.96 9.84
CA LYS A 326 -11.33 29.15 8.65
C LYS A 326 -10.00 29.36 7.89
N VAL A 327 -9.25 30.41 8.24
CA VAL A 327 -8.10 30.78 7.43
C VAL A 327 -7.10 29.63 7.40
N PHE A 328 -6.97 28.88 8.51
CA PHE A 328 -5.97 27.81 8.58
C PHE A 328 -6.34 26.70 7.58
N LEU A 329 -7.64 26.49 7.38
CA LEU A 329 -8.16 25.56 6.36
C LEU A 329 -7.74 26.05 4.99
N ALA A 330 -8.00 27.32 4.69
CA ALA A 330 -7.66 27.90 3.40
C ALA A 330 -6.16 27.81 3.17
N GLN A 331 -5.33 28.08 4.18
CA GLN A 331 -3.85 27.97 4.03
C GLN A 331 -3.45 26.53 3.64
N LYS A 332 -3.98 25.54 4.37
CA LYS A 332 -3.60 24.16 4.17
C LYS A 332 -4.04 23.66 2.78
N MET A 333 -5.25 23.98 2.35
CA MET A 333 -5.78 23.66 1.03
C MET A 333 -4.87 24.25 -0.06
N MET A 334 -4.54 25.54 0.04
CA MET A 334 -3.83 26.16 -1.07
C MET A 334 -2.42 25.59 -1.18
N ILE A 335 -1.78 25.35 -0.04
CA ILE A 335 -0.45 24.79 -0.05
C ILE A 335 -0.46 23.35 -0.60
N GLY A 336 -1.44 22.55 -0.19
CA GLY A 336 -1.63 21.20 -0.76
C GLY A 336 -1.86 21.23 -2.27
N ARG A 337 -2.69 22.12 -2.77
CA ARG A 337 -2.97 22.15 -4.21
C ARG A 337 -1.72 22.58 -4.99
N CYS A 338 -0.99 23.59 -4.47
CA CYS A 338 0.28 24.02 -5.09
C CYS A 338 1.29 22.89 -5.08
N ASN A 339 1.39 22.18 -3.94
CA ASN A 339 2.31 21.07 -3.85
C ASN A 339 1.90 20.05 -4.93
N ARG A 340 0.60 19.80 -5.09
CA ARG A 340 0.19 18.77 -6.05
C ARG A 340 0.55 19.19 -7.48
N ALA A 341 0.48 20.50 -7.80
CA ALA A 341 0.76 21.00 -9.16
C ALA A 341 2.26 21.27 -9.36
N GLY A 342 3.05 21.15 -8.31
CA GLY A 342 4.50 21.48 -8.39
C GLY A 342 4.76 22.97 -8.63
N LYS A 343 3.87 23.83 -8.13
CA LYS A 343 4.07 25.27 -8.25
C LYS A 343 4.47 25.86 -6.89
N PRO A 344 5.44 26.79 -6.85
CA PRO A 344 5.88 27.40 -5.59
C PRO A 344 4.74 28.05 -4.80
N VAL A 345 4.75 27.87 -3.48
CA VAL A 345 3.81 28.58 -2.62
C VAL A 345 4.58 29.26 -1.49
N ILE A 346 4.28 30.54 -1.27
CA ILE A 346 4.91 31.38 -0.32
C ILE A 346 3.89 31.64 0.78
N CYS A 347 4.27 31.41 2.04
CA CYS A 347 3.43 31.82 3.15
C CYS A 347 3.85 33.22 3.64
N ALA A 348 2.89 34.15 3.79
CA ALA A 348 3.20 35.57 4.08
C ALA A 348 2.29 36.18 5.15
N THR A 349 2.82 37.26 5.74
CA THR A 349 2.18 38.15 6.72
C THR A 349 2.07 37.44 8.05
N GLN A 350 2.24 38.20 9.13
CA GLN A 350 2.10 37.72 10.51
C GLN A 350 3.03 36.52 10.77
N MET A 351 4.30 36.68 10.41
CA MET A 351 5.25 35.59 10.69
C MET A 351 6.00 35.87 12.00
N LEU A 352 6.92 36.83 11.97
CA LEU A 352 7.73 37.17 13.14
C LEU A 352 7.54 38.66 13.47
N GLU A 353 6.28 39.10 13.38
CA GLU A 353 5.87 40.49 13.48
C GLU A 353 6.27 41.09 14.85
N SER A 354 6.35 40.26 15.91
CA SER A 354 6.76 40.76 17.22
C SER A 354 8.24 41.19 17.20
N MET A 355 9.00 40.69 16.21
CA MET A 355 10.42 41.04 16.12
C MET A 355 10.63 42.42 15.50
N ILE A 356 9.57 43.16 15.20
CA ILE A 356 9.71 44.56 14.90
C ILE A 356 10.29 45.29 16.13
N LYS A 357 9.86 44.93 17.35
CA LYS A 357 10.25 45.67 18.58
C LYS A 357 11.11 44.84 19.52
N LYS A 358 11.20 43.52 19.33
CA LYS A 358 11.97 42.67 20.29
C LYS A 358 12.96 41.79 19.54
N PRO A 359 14.07 41.38 20.20
CA PRO A 359 15.10 40.61 19.53
C PRO A 359 14.84 39.10 19.43
N ARG A 360 13.74 38.60 20.01
CA ARG A 360 13.36 37.17 19.90
C ARG A 360 11.88 37.11 19.53
N PRO A 361 11.38 36.04 18.89
CA PRO A 361 9.95 35.90 18.62
C PRO A 361 9.23 35.20 19.79
N THR A 362 7.90 35.19 19.77
CA THR A 362 7.12 34.41 20.72
C THR A 362 7.13 32.93 20.31
N ARG A 363 6.88 32.07 21.28
CA ARG A 363 6.59 30.63 21.09
C ARG A 363 5.58 30.41 19.95
N ALA A 364 4.47 31.16 19.98
CA ALA A 364 3.40 31.03 19.00
C ALA A 364 3.89 31.36 17.58
N GLU A 365 4.77 32.36 17.46
CA GLU A 365 5.30 32.74 16.12
C GLU A 365 6.20 31.62 15.57
N GLY A 366 7.02 31.06 16.45
CA GLY A 366 7.82 29.95 16.13
C GLY A 366 6.97 28.79 15.61
N SER A 367 5.89 28.47 16.32
CA SER A 367 5.02 27.38 15.94
C SER A 367 4.29 27.68 14.61
N ASP A 368 3.81 28.91 14.42
CA ASP A 368 3.08 29.32 13.19
C ASP A 368 4.01 29.19 11.97
N VAL A 369 5.26 29.67 12.09
CA VAL A 369 6.22 29.57 11.01
C VAL A 369 6.50 28.09 10.72
N ALA A 370 6.80 27.32 11.76
CA ALA A 370 7.08 25.91 11.66
C ALA A 370 5.93 25.18 10.94
N ASN A 371 4.69 25.50 11.33
CA ASN A 371 3.56 24.80 10.81
C ASN A 371 3.38 25.15 9.32
N ALA A 372 3.73 26.37 8.88
CA ALA A 372 3.65 26.68 7.43
C ALA A 372 4.66 25.86 6.63
N VAL A 373 5.88 25.68 7.13
CA VAL A 373 6.88 24.81 6.55
C VAL A 373 6.38 23.35 6.52
N LEU A 374 5.78 22.91 7.63
CA LEU A 374 5.28 21.53 7.71
C LEU A 374 4.06 21.32 6.82
N ASP A 375 3.22 22.34 6.58
CA ASP A 375 2.09 22.22 5.68
C ASP A 375 2.60 22.08 4.22
N GLY A 376 3.86 22.45 3.95
CA GLY A 376 4.50 22.27 2.63
C GLY A 376 4.85 23.56 1.90
N ALA A 377 4.91 24.70 2.59
CA ALA A 377 5.32 25.96 1.98
C ALA A 377 6.73 25.85 1.39
N ASP A 378 6.92 26.46 0.22
CA ASP A 378 8.23 26.52 -0.42
C ASP A 378 9.09 27.63 0.21
N CYS A 379 8.48 28.79 0.46
CA CYS A 379 9.16 29.95 0.99
C CYS A 379 8.32 30.56 2.13
N ILE A 380 8.99 31.21 3.08
CA ILE A 380 8.37 32.05 4.07
C ILE A 380 8.86 33.49 3.86
N MET A 381 7.93 34.44 3.90
CA MET A 381 8.24 35.83 3.71
C MET A 381 8.13 36.62 5.02
N LEU A 382 9.14 37.47 5.28
CA LEU A 382 9.14 38.43 6.40
C LEU A 382 8.78 39.79 5.84
N SER A 383 8.05 40.58 6.64
CA SER A 383 7.50 41.87 6.20
C SER A 383 8.14 42.98 7.06
N GLY A 384 7.39 43.59 7.96
CA GLY A 384 7.84 44.76 8.70
C GLY A 384 9.07 44.43 9.54
N GLU A 385 9.21 43.15 9.92
CA GLU A 385 10.31 42.67 10.76
C GLU A 385 11.66 42.92 10.11
N THR A 386 11.71 42.91 8.77
CA THR A 386 12.95 43.20 8.04
C THR A 386 12.87 44.56 7.38
N ALA A 387 11.67 45.02 6.98
CA ALA A 387 11.51 46.29 6.25
C ALA A 387 11.81 47.50 7.16
N LYS A 388 11.26 47.55 8.37
CA LYS A 388 11.28 48.80 9.13
C LYS A 388 11.56 48.61 10.63
N GLY A 389 11.78 47.39 11.11
CA GLY A 389 11.84 47.20 12.55
C GLY A 389 13.25 47.36 13.08
N ASP A 390 13.42 47.14 14.38
CA ASP A 390 14.62 47.38 15.11
C ASP A 390 15.62 46.24 15.00
N TYR A 391 15.22 45.06 14.49
CA TYR A 391 16.11 43.89 14.50
C TYR A 391 16.02 43.09 13.20
N PRO A 392 16.28 43.69 12.02
CA PRO A 392 16.09 42.97 10.75
C PRO A 392 17.01 41.74 10.67
N LEU A 393 18.21 41.87 11.22
CA LEU A 393 19.21 40.87 11.09
C LEU A 393 18.78 39.65 11.89
N GLU A 394 18.38 39.91 13.14
CA GLU A 394 17.99 38.89 14.08
C GLU A 394 16.72 38.16 13.56
N ALA A 395 15.83 38.90 12.89
CA ALA A 395 14.64 38.33 12.27
C ALA A 395 15.02 37.30 11.19
N VAL A 396 15.97 37.64 10.32
CA VAL A 396 16.41 36.70 9.30
C VAL A 396 16.98 35.44 9.96
N ARG A 397 17.83 35.64 10.98
CA ARG A 397 18.54 34.58 11.66
C ARG A 397 17.55 33.63 12.38
N MET A 398 16.54 34.22 12.99
CA MET A 398 15.55 33.48 13.72
C MET A 398 14.70 32.67 12.74
N GLN A 399 14.39 33.25 11.58
CA GLN A 399 13.64 32.56 10.55
C GLN A 399 14.42 31.33 10.08
N HIS A 400 15.72 31.52 9.82
CA HIS A 400 16.59 30.44 9.39
C HIS A 400 16.61 29.34 10.45
N LEU A 401 16.68 29.72 11.74
CA LEU A 401 16.75 28.74 12.81
C LEU A 401 15.45 27.93 12.84
N ILE A 402 14.31 28.61 12.77
CA ILE A 402 13.02 27.96 12.91
C ILE A 402 12.84 27.02 11.71
N ALA A 403 13.05 27.54 10.50
CA ALA A 403 12.85 26.80 9.26
C ALA A 403 13.71 25.55 9.25
N ARG A 404 14.93 25.65 9.78
CA ARG A 404 15.84 24.55 9.81
C ARG A 404 15.40 23.50 10.84
N GLU A 405 14.93 23.93 12.01
CA GLU A 405 14.43 23.00 13.02
C GLU A 405 13.14 22.31 12.55
N ALA A 406 12.29 23.03 11.82
CA ALA A 406 11.08 22.45 11.27
C ALA A 406 11.39 21.22 10.41
N GLU A 407 12.54 21.24 9.72
CA GLU A 407 12.93 20.23 8.74
C GLU A 407 12.96 18.82 9.36
N ALA A 408 13.29 18.71 10.65
CA ALA A 408 13.27 17.45 11.37
C ALA A 408 11.87 16.81 11.38
N ALA A 409 10.80 17.62 11.32
CA ALA A 409 9.45 17.08 11.48
C ALA A 409 8.80 16.81 10.11
N ILE A 410 9.49 17.13 9.01
CA ILE A 410 9.02 16.80 7.69
C ILE A 410 9.17 15.28 7.47
N TYR A 411 8.11 14.64 6.98
CA TYR A 411 8.11 13.21 6.78
C TYR A 411 8.20 12.94 5.28
N HIS A 412 9.44 12.84 4.78
CA HIS A 412 9.76 12.89 3.35
C HIS A 412 9.15 11.72 2.56
N LEU A 413 9.23 10.52 3.12
CA LEU A 413 8.74 9.29 2.52
C LEU A 413 7.29 9.49 2.05
N GLN A 414 6.42 9.95 2.94
CA GLN A 414 5.01 10.01 2.62
C GLN A 414 4.77 11.03 1.50
N LEU A 415 5.37 12.22 1.66
CA LEU A 415 5.27 13.30 0.67
C LEU A 415 5.57 12.72 -0.73
N PHE A 416 6.78 12.18 -0.89
CA PHE A 416 7.21 11.63 -2.16
C PHE A 416 6.25 10.51 -2.62
N GLU A 417 5.96 9.52 -1.76
CA GLU A 417 5.06 8.38 -2.13
C GLU A 417 3.72 8.91 -2.67
N GLU A 418 3.15 9.92 -2.01
CA GLU A 418 1.82 10.41 -2.37
C GLU A 418 1.86 11.21 -3.69
N LEU A 419 2.88 12.08 -3.87
CA LEU A 419 3.01 12.87 -5.11
C LEU A 419 3.26 11.94 -6.30
N ARG A 420 4.17 10.98 -6.15
CA ARG A 420 4.37 9.96 -7.19
C ARG A 420 3.02 9.33 -7.56
N ARG A 421 2.32 8.83 -6.56
CA ARG A 421 1.07 8.13 -6.78
C ARG A 421 -0.02 9.05 -7.38
N LEU A 422 0.15 10.38 -7.33
CA LEU A 422 -0.94 11.31 -7.75
C LEU A 422 -0.62 12.05 -9.06
N ALA A 423 0.08 11.40 -10.00
CA ALA A 423 0.32 12.02 -11.32
C ALA A 423 0.10 10.99 -12.43
N PRO A 424 -0.05 11.41 -13.71
CA PRO A 424 -0.25 10.47 -14.82
C PRO A 424 1.03 9.76 -15.29
N ILE A 425 0.93 9.03 -16.41
CA ILE A 425 2.08 8.31 -17.04
C ILE A 425 3.11 9.35 -17.51
N THR A 426 2.62 10.41 -18.18
CA THR A 426 3.42 11.46 -18.86
C THR A 426 4.28 10.83 -19.98
N SER A 427 5.50 10.36 -19.60
CA SER A 427 6.54 9.86 -20.52
C SER A 427 7.46 11.00 -20.99
N ASP A 428 7.14 12.25 -20.63
CA ASP A 428 8.07 13.36 -20.80
C ASP A 428 9.41 12.93 -20.20
N PRO A 429 10.47 12.74 -21.01
CA PRO A 429 11.75 12.25 -20.49
C PRO A 429 12.26 12.96 -19.22
N THR A 430 12.15 14.30 -19.18
CA THR A 430 12.61 15.15 -18.06
C THR A 430 11.84 14.83 -16.77
N GLU A 431 10.51 14.67 -16.88
CA GLU A 431 9.61 14.29 -15.77
C GLU A 431 9.99 12.91 -15.25
N ALA A 432 10.05 11.91 -16.15
CA ALA A 432 10.33 10.50 -15.77
C ALA A 432 11.67 10.43 -15.04
N THR A 433 12.65 11.20 -15.53
CA THR A 433 14.00 11.24 -14.96
C THR A 433 14.04 11.96 -13.59
N ALA A 434 13.21 13.00 -13.41
CA ALA A 434 13.06 13.68 -12.10
C ALA A 434 12.53 12.69 -11.03
N VAL A 435 11.42 11.99 -11.33
CA VAL A 435 10.88 11.05 -10.33
C VAL A 435 11.92 10.00 -9.96
N GLY A 436 12.66 9.49 -10.98
CA GLY A 436 13.75 8.52 -10.82
C GLY A 436 14.86 9.03 -9.91
N ALA A 437 15.27 10.30 -10.10
CA ALA A 437 16.41 10.82 -9.34
C ALA A 437 16.03 10.87 -7.86
N VAL A 438 14.79 11.25 -7.58
CA VAL A 438 14.33 11.41 -6.21
C VAL A 438 14.25 10.04 -5.53
N GLU A 439 13.70 9.07 -6.26
CA GLU A 439 13.64 7.67 -5.82
C GLU A 439 15.05 7.21 -5.45
N ALA A 440 15.99 7.38 -6.39
CA ALA A 440 17.39 7.01 -6.21
C ALA A 440 17.98 7.76 -5.01
N SER A 441 17.58 9.02 -4.80
CA SER A 441 18.15 9.81 -3.70
C SER A 441 17.82 9.14 -2.34
N PHE A 442 16.58 8.68 -2.14
CA PHE A 442 16.14 7.92 -0.93
C PHE A 442 16.88 6.57 -0.86
N LYS A 443 16.86 5.79 -1.95
CA LYS A 443 17.42 4.42 -1.91
C LYS A 443 18.90 4.45 -1.58
N CYS A 444 19.63 5.42 -2.14
CA CYS A 444 21.08 5.55 -1.98
C CYS A 444 21.47 6.43 -0.81
N CYS A 445 20.50 7.00 -0.08
CA CYS A 445 20.75 8.01 1.01
C CYS A 445 21.71 9.09 0.48
N SER A 446 21.42 9.63 -0.71
CA SER A 446 22.36 10.50 -1.38
C SER A 446 22.50 11.82 -0.62
N GLY A 447 23.67 12.43 -0.76
CA GLY A 447 23.99 13.75 -0.19
C GLY A 447 23.27 14.89 -0.90
N ALA A 448 22.92 14.67 -2.17
CA ALA A 448 22.39 15.72 -3.05
C ALA A 448 21.87 15.10 -4.35
N ILE A 449 20.96 15.84 -5.01
CA ILE A 449 20.68 15.68 -6.42
C ILE A 449 21.23 16.93 -7.13
N ILE A 450 22.30 16.76 -7.91
CA ILE A 450 22.90 17.77 -8.77
C ILE A 450 22.18 17.78 -10.12
N VAL A 451 21.56 18.91 -10.47
CA VAL A 451 20.86 19.07 -11.71
C VAL A 451 21.56 20.17 -12.53
N LEU A 452 22.05 19.82 -13.73
CA LEU A 452 22.55 20.87 -14.71
C LEU A 452 21.38 21.34 -15.56
N THR A 453 21.14 22.66 -15.56
CA THR A 453 19.93 23.22 -16.09
C THR A 453 20.16 24.67 -16.54
N LYS A 454 19.62 24.96 -17.71
CA LYS A 454 19.63 26.26 -18.32
C LYS A 454 18.43 27.06 -17.81
N SER A 455 17.23 26.48 -17.93
CA SER A 455 16.02 27.20 -17.61
C SER A 455 15.58 26.94 -16.14
N GLY A 456 16.17 25.93 -15.49
CA GLY A 456 15.75 25.56 -14.13
C GLY A 456 14.68 24.47 -14.13
N ARG A 457 14.05 24.20 -15.27
CA ARG A 457 12.86 23.36 -15.36
C ARG A 457 13.11 22.00 -14.71
N SER A 458 14.24 21.34 -15.03
CA SER A 458 14.50 20.02 -14.45
C SER A 458 14.63 20.10 -12.92
N ALA A 459 15.32 21.12 -12.41
CA ALA A 459 15.46 21.28 -10.99
C ALA A 459 14.07 21.47 -10.35
N HIS A 460 13.20 22.26 -10.96
CA HIS A 460 11.85 22.48 -10.51
C HIS A 460 11.05 21.17 -10.52
N GLN A 461 11.28 20.32 -11.53
CA GLN A 461 10.52 19.08 -11.64
C GLN A 461 10.99 18.13 -10.54
N VAL A 462 12.28 18.18 -10.19
CA VAL A 462 12.79 17.38 -9.10
C VAL A 462 12.19 17.86 -7.76
N ALA A 463 12.09 19.19 -7.58
CA ALA A 463 11.62 19.78 -6.29
C ALA A 463 10.17 19.42 -6.00
N ARG A 464 9.34 19.24 -7.03
CA ARG A 464 7.93 18.96 -6.77
C ARG A 464 7.79 17.58 -6.09
N TYR A 465 8.77 16.68 -6.22
CA TYR A 465 8.70 15.33 -5.62
C TYR A 465 9.35 15.27 -4.25
N ARG A 466 9.88 16.41 -3.79
CA ARG A 466 10.15 16.63 -2.40
C ARG A 466 11.17 15.64 -1.86
N PRO A 467 12.40 15.59 -2.43
CA PRO A 467 13.43 14.68 -1.93
C PRO A 467 13.86 15.15 -0.54
N ARG A 468 14.57 14.30 0.22
CA ARG A 468 15.19 14.77 1.45
C ARG A 468 16.51 15.50 1.13
N ALA A 469 17.27 14.94 0.19
CA ALA A 469 18.56 15.52 -0.18
C ALA A 469 18.37 16.91 -0.78
N PRO A 470 19.31 17.86 -0.55
CA PRO A 470 19.32 19.13 -1.26
C PRO A 470 19.44 18.93 -2.78
N ILE A 471 18.80 19.81 -3.54
CA ILE A 471 18.99 19.91 -4.97
C ILE A 471 19.97 21.04 -5.27
N ILE A 472 21.14 20.70 -5.83
CA ILE A 472 22.10 21.68 -6.27
C ILE A 472 21.88 21.90 -7.77
N ALA A 473 21.27 23.04 -8.07
CA ALA A 473 20.97 23.41 -9.40
C ALA A 473 22.13 24.25 -9.94
N VAL A 474 22.95 23.66 -10.81
CA VAL A 474 24.05 24.30 -11.46
C VAL A 474 23.56 24.84 -12.79
N THR A 475 23.68 26.16 -12.98
CA THR A 475 23.27 26.87 -14.17
C THR A 475 24.29 27.96 -14.51
N ARG A 476 24.33 28.35 -15.78
CA ARG A 476 25.11 29.54 -16.22
C ARG A 476 24.20 30.77 -16.40
N ASN A 477 22.88 30.58 -16.25
CA ASN A 477 21.92 31.63 -16.47
C ASN A 477 21.63 32.32 -15.13
N PRO A 478 22.05 33.59 -14.92
CA PRO A 478 21.93 34.23 -13.61
C PRO A 478 20.48 34.38 -13.12
N GLN A 479 19.52 34.55 -14.05
CA GLN A 479 18.10 34.68 -13.72
C GLN A 479 17.53 33.32 -13.23
N THR A 480 17.87 32.22 -13.93
CA THR A 480 17.51 30.88 -13.50
C THR A 480 17.96 30.70 -12.05
N ALA A 481 19.20 31.08 -11.79
CA ALA A 481 19.78 30.86 -10.50
C ALA A 481 19.01 31.62 -9.39
N ARG A 482 18.53 32.84 -9.71
CA ARG A 482 17.82 33.67 -8.75
C ARG A 482 16.39 33.13 -8.57
N GLN A 483 15.72 32.74 -9.65
CA GLN A 483 14.35 32.28 -9.60
C GLN A 483 14.23 30.91 -8.90
N ALA A 484 15.33 30.14 -8.84
CA ALA A 484 15.31 28.81 -8.24
C ALA A 484 14.96 28.85 -6.75
N HIS A 485 15.09 30.01 -6.11
CA HIS A 485 14.79 30.16 -4.69
C HIS A 485 13.29 30.01 -4.37
N LEU A 486 12.42 30.16 -5.37
CA LEU A 486 10.98 29.99 -5.17
C LEU A 486 10.63 28.54 -4.79
N TYR A 487 11.52 27.58 -5.06
CA TYR A 487 11.28 26.13 -4.89
C TYR A 487 11.99 25.53 -3.67
N ARG A 488 11.21 24.91 -2.79
CA ARG A 488 11.75 24.21 -1.66
C ARG A 488 12.89 23.29 -2.12
N GLY A 489 14.02 23.32 -1.42
CA GLY A 489 15.05 22.35 -1.58
C GLY A 489 16.02 22.60 -2.74
N ILE A 490 15.86 23.67 -3.53
CA ILE A 490 16.86 24.01 -4.58
C ILE A 490 17.86 25.01 -4.03
N PHE A 491 19.12 24.58 -4.00
CA PHE A 491 20.27 25.46 -3.72
C PHE A 491 20.93 25.86 -5.05
N PRO A 492 20.57 26.99 -5.67
CA PRO A 492 21.12 27.37 -6.97
C PRO A 492 22.60 27.80 -6.87
N VAL A 493 23.42 27.37 -7.83
CA VAL A 493 24.82 27.81 -7.90
C VAL A 493 25.09 28.27 -9.34
N LEU A 494 25.69 29.45 -9.47
CA LEU A 494 25.86 30.07 -10.76
C LEU A 494 27.28 29.80 -11.22
N CYS A 495 27.39 28.98 -12.27
CA CYS A 495 28.65 28.66 -12.93
C CYS A 495 29.01 29.87 -13.81
N LYS A 496 30.22 30.40 -13.64
CA LYS A 496 30.71 31.54 -14.41
C LYS A 496 31.77 31.12 -15.45
N ASP A 497 32.18 29.84 -15.43
CA ASP A 497 33.17 29.30 -16.35
C ASP A 497 32.57 29.25 -17.74
N PRO A 498 33.35 29.49 -18.82
CA PRO A 498 32.78 29.47 -20.17
C PRO A 498 32.42 28.02 -20.56
N VAL A 499 31.58 27.89 -21.58
CA VAL A 499 31.17 26.58 -22.08
C VAL A 499 32.41 25.88 -22.66
N GLN A 500 32.75 24.72 -22.10
CA GLN A 500 33.83 23.89 -22.63
C GLN A 500 33.32 23.15 -23.87
N GLU A 501 34.24 22.83 -24.79
CA GLU A 501 33.85 22.41 -26.14
C GLU A 501 33.29 20.99 -26.09
N ALA A 502 34.09 20.11 -25.49
CA ALA A 502 33.77 18.72 -25.27
C ALA A 502 32.63 18.65 -24.24
N TRP A 503 31.43 18.24 -24.69
CA TRP A 503 30.22 18.26 -23.88
C TRP A 503 30.41 17.50 -22.56
N ALA A 504 31.09 16.34 -22.62
CA ALA A 504 31.31 15.48 -21.46
C ALA A 504 32.17 16.15 -20.38
N GLU A 505 33.12 17.00 -20.78
CA GLU A 505 34.03 17.62 -19.82
C GLU A 505 33.45 18.95 -19.34
N ASP A 506 32.49 19.51 -20.10
CA ASP A 506 31.70 20.64 -19.60
C ASP A 506 30.81 20.15 -18.45
N VAL A 507 30.31 18.91 -18.58
CA VAL A 507 29.45 18.28 -17.61
C VAL A 507 30.28 17.99 -16.35
N ASP A 508 31.44 17.35 -16.54
CA ASP A 508 32.30 17.03 -15.40
C ASP A 508 32.73 18.30 -14.67
N LEU A 509 32.90 19.43 -15.38
CA LEU A 509 33.32 20.68 -14.72
C LEU A 509 32.18 21.23 -13.84
N ARG A 510 30.95 21.19 -14.35
CA ARG A 510 29.75 21.72 -13.63
C ARG A 510 29.45 20.81 -12.45
N VAL A 511 29.54 19.49 -12.69
CA VAL A 511 29.42 18.53 -11.63
C VAL A 511 30.51 18.79 -10.58
N ASN A 512 31.74 19.03 -11.01
CA ASN A 512 32.82 19.26 -10.05
C ASN A 512 32.51 20.46 -9.14
N PHE A 513 32.12 21.58 -9.76
CA PHE A 513 31.71 22.84 -9.05
C PHE A 513 30.66 22.52 -7.96
N ALA A 514 29.63 21.74 -8.34
CA ALA A 514 28.58 21.24 -7.41
C ALA A 514 29.18 20.42 -6.25
N MET A 515 30.12 19.51 -6.56
CA MET A 515 30.71 18.64 -5.52
C MET A 515 31.38 19.52 -4.45
N ASN A 516 32.04 20.57 -4.93
CA ASN A 516 32.88 21.48 -4.13
C ASN A 516 31.97 22.36 -3.25
N VAL A 517 30.83 22.80 -3.79
CA VAL A 517 29.91 23.64 -3.03
C VAL A 517 29.33 22.77 -1.90
N GLY A 518 28.88 21.58 -2.28
CA GLY A 518 28.22 20.66 -1.40
C GLY A 518 29.12 20.21 -0.26
N LYS A 519 30.40 19.91 -0.57
CA LYS A 519 31.41 19.66 0.46
C LYS A 519 31.59 20.90 1.34
N ALA A 520 31.68 22.08 0.73
CA ALA A 520 31.93 23.31 1.53
C ALA A 520 30.73 23.64 2.45
N ARG A 521 29.51 23.37 2.00
CA ARG A 521 28.31 23.68 2.80
C ARG A 521 28.00 22.52 3.77
N GLY A 522 28.81 21.46 3.72
CA GLY A 522 28.71 20.31 4.63
C GLY A 522 27.53 19.40 4.28
N PHE A 523 27.01 19.51 3.06
CA PHE A 523 25.92 18.64 2.59
C PHE A 523 26.38 17.18 2.51
N PHE A 524 27.65 16.97 2.15
CA PHE A 524 28.19 15.64 2.00
C PHE A 524 29.71 15.71 1.99
N LYS A 525 30.37 14.55 1.97
CA LYS A 525 31.84 14.49 1.92
C LYS A 525 32.29 13.28 1.10
N LYS A 526 33.61 13.16 0.94
CA LYS A 526 34.27 12.03 0.28
C LYS A 526 33.62 10.71 0.73
N GLY A 527 33.24 9.87 -0.24
CA GLY A 527 32.68 8.54 0.03
C GLY A 527 31.16 8.50 0.09
N ASP A 528 30.50 9.66 0.10
CA ASP A 528 29.03 9.74 -0.04
C ASP A 528 28.69 9.54 -1.53
N VAL A 529 27.39 9.47 -1.84
CA VAL A 529 26.86 9.29 -3.19
C VAL A 529 25.93 10.47 -3.49
N VAL A 530 25.90 10.89 -4.75
CA VAL A 530 25.04 11.99 -5.21
C VAL A 530 24.40 11.52 -6.51
N ILE A 531 23.19 12.01 -6.80
CA ILE A 531 22.53 11.76 -8.04
C ILE A 531 22.83 12.93 -8.96
N VAL A 532 23.08 12.66 -10.25
CA VAL A 532 23.41 13.75 -11.18
C VAL A 532 22.51 13.65 -12.39
N LEU A 533 21.88 14.78 -12.69
CA LEU A 533 20.96 14.92 -13.77
C LEU A 533 21.59 15.86 -14.79
N THR A 534 21.47 15.48 -16.08
CA THR A 534 22.06 16.18 -17.23
C THR A 534 21.21 15.89 -18.47
N GLY A 535 21.53 16.63 -19.53
CA GLY A 535 21.11 16.24 -20.84
C GLY A 535 22.00 15.11 -21.32
N TRP A 536 21.77 14.66 -22.55
CA TRP A 536 22.71 13.81 -23.25
C TRP A 536 23.14 14.49 -24.55
N ARG A 537 24.45 14.78 -24.63
CA ARG A 537 25.15 15.51 -25.73
C ARG A 537 24.62 16.94 -25.86
N PRO A 538 25.33 17.84 -26.59
CA PRO A 538 25.09 19.27 -26.50
C PRO A 538 23.69 19.66 -27.00
N GLY A 539 23.20 20.78 -26.47
CA GLY A 539 21.98 21.45 -26.90
C GLY A 539 20.82 20.50 -27.12
N SER A 540 20.81 19.41 -26.33
CA SER A 540 19.75 18.43 -26.39
C SER A 540 18.47 19.05 -25.82
N GLY A 541 17.31 18.66 -26.38
CA GLY A 541 16.06 18.74 -25.66
C GLY A 541 16.00 17.63 -24.61
N PHE A 542 15.73 18.01 -23.34
CA PHE A 542 15.42 17.07 -22.22
C PHE A 542 16.65 16.92 -21.30
N THR A 543 16.49 17.22 -20.00
CA THR A 543 17.33 16.67 -18.95
C THR A 543 16.86 15.24 -18.63
N ASN A 544 17.39 14.29 -19.39
CA ASN A 544 16.85 12.94 -19.47
C ASN A 544 17.88 11.87 -19.05
N THR A 545 19.01 12.29 -18.46
CA THR A 545 20.16 11.47 -18.10
C THR A 545 20.40 11.55 -16.58
N MET A 546 20.42 10.39 -15.92
CA MET A 546 20.58 10.24 -14.49
C MET A 546 21.77 9.33 -14.22
N ARG A 547 22.66 9.80 -13.37
CA ARG A 547 23.83 9.09 -12.97
C ARG A 547 23.89 9.04 -11.45
N VAL A 548 24.29 7.88 -10.93
CA VAL A 548 24.61 7.73 -9.51
C VAL A 548 26.13 7.73 -9.38
N VAL A 549 26.66 8.69 -8.61
CA VAL A 549 28.06 9.07 -8.68
C VAL A 549 28.61 9.16 -7.26
N PRO A 550 29.71 8.45 -6.96
CA PRO A 550 30.38 8.60 -5.65
C PRO A 550 31.02 10.00 -5.59
N VAL A 551 31.07 10.58 -4.39
CA VAL A 551 31.78 11.83 -4.17
C VAL A 551 33.26 11.49 -3.98
N PRO A 552 34.17 12.11 -4.77
CA PRO A 552 35.60 11.87 -4.64
C PRO A 552 36.31 12.77 -3.62
N SER B 27 -34.41 17.93 22.86
CA SER B 27 -34.53 19.23 22.15
C SER B 27 -33.39 20.18 22.56
N GLU B 28 -32.44 20.40 21.64
CA GLU B 28 -31.27 21.33 21.75
C GLU B 28 -31.25 22.11 23.07
N ALA B 29 -30.40 21.65 24.00
CA ALA B 29 -29.91 22.45 25.16
C ALA B 29 -28.55 23.08 24.79
N GLY B 30 -28.63 24.16 24.00
CA GLY B 30 -27.53 25.11 23.75
C GLY B 30 -26.78 24.80 22.48
N THR B 31 -25.79 25.66 22.20
CA THR B 31 -25.21 25.84 20.87
C THR B 31 -24.45 24.57 20.45
N ALA B 32 -23.86 23.83 21.39
CA ALA B 32 -22.96 22.72 21.08
C ALA B 32 -23.66 21.36 21.11
N PHE B 33 -24.95 21.32 21.46
CA PHE B 33 -25.65 20.06 21.53
C PHE B 33 -25.80 19.41 20.14
N ILE B 34 -26.37 20.15 19.19
CA ILE B 34 -26.63 19.59 17.90
C ILE B 34 -25.34 19.75 17.08
N GLN B 35 -24.78 18.62 16.63
CA GLN B 35 -23.60 18.63 15.79
C GLN B 35 -23.86 17.63 14.66
N THR B 36 -24.54 18.15 13.63
CA THR B 36 -25.09 17.38 12.55
C THR B 36 -23.91 16.87 11.71
N GLN B 37 -23.84 15.55 11.53
CA GLN B 37 -22.81 14.93 10.73
C GLN B 37 -23.33 14.60 9.33
N GLN B 38 -22.43 14.62 8.34
CA GLN B 38 -22.67 14.01 7.01
C GLN B 38 -21.69 12.85 6.79
N LEU B 39 -22.23 11.67 6.51
CA LEU B 39 -21.52 10.39 6.73
C LEU B 39 -20.99 9.82 5.42
N HIS B 40 -21.58 10.19 4.29
CA HIS B 40 -21.39 9.46 3.03
C HIS B 40 -20.52 10.30 2.08
N ALA B 41 -19.27 10.52 2.49
CA ALA B 41 -18.29 11.35 1.75
C ALA B 41 -17.11 10.49 1.27
N ALA B 42 -16.61 9.61 2.15
CA ALA B 42 -15.51 8.63 1.86
C ALA B 42 -14.14 9.35 1.83
N MET B 43 -13.28 8.99 2.79
CA MET B 43 -11.98 9.64 2.99
C MET B 43 -11.13 9.43 1.74
N ALA B 44 -10.33 10.46 1.42
CA ALA B 44 -9.46 10.47 0.27
C ALA B 44 -8.37 9.44 0.47
N ASP B 45 -7.74 9.07 -0.65
CA ASP B 45 -6.77 8.00 -0.71
C ASP B 45 -5.42 8.46 -0.16
N THR B 46 -5.19 9.78 -0.11
CA THR B 46 -3.88 10.30 0.35
C THR B 46 -4.10 11.51 1.24
N PHE B 47 -3.14 11.76 2.12
CA PHE B 47 -3.16 12.93 3.01
C PHE B 47 -3.22 14.22 2.15
N LEU B 48 -2.40 14.30 1.12
CA LEU B 48 -2.34 15.52 0.25
C LEU B 48 -3.70 15.79 -0.40
N GLU B 49 -4.35 14.73 -0.91
CA GLU B 49 -5.67 14.94 -1.50
C GLU B 49 -6.66 15.38 -0.42
N HIS B 50 -6.49 14.85 0.79
CA HIS B 50 -7.35 15.31 1.92
C HIS B 50 -7.16 16.83 2.12
N MET B 51 -5.91 17.28 2.12
CA MET B 51 -5.67 18.75 2.27
C MET B 51 -6.25 19.53 1.08
N CYS B 52 -6.04 18.99 -0.13
CA CYS B 52 -6.51 19.59 -1.38
C CYS B 52 -8.03 19.78 -1.42
N ARG B 53 -8.78 18.88 -0.78
CA ARG B 53 -10.25 18.91 -0.80
C ARG B 53 -10.82 19.77 0.34
N LEU B 54 -9.97 20.29 1.23
CA LEU B 54 -10.49 21.15 2.30
C LEU B 54 -11.22 22.34 1.65
N ASP B 55 -12.41 22.65 2.18
CA ASP B 55 -13.32 23.64 1.62
C ASP B 55 -13.90 24.52 2.75
N ILE B 56 -13.57 25.81 2.71
CA ILE B 56 -13.99 26.75 3.76
C ILE B 56 -15.50 27.04 3.68
N ASP B 57 -16.15 26.75 2.54
CA ASP B 57 -17.54 27.16 2.31
C ASP B 57 -18.52 26.02 2.68
N SER B 58 -18.02 24.86 3.09
CA SER B 58 -18.91 23.80 3.58
C SER B 58 -18.91 23.76 5.11
N PRO B 59 -20.06 23.64 5.81
CA PRO B 59 -20.01 23.44 7.25
C PRO B 59 -19.33 22.12 7.62
N PRO B 60 -18.73 22.01 8.82
CA PRO B 60 -18.13 20.75 9.27
C PRO B 60 -19.12 19.58 9.18
N ILE B 61 -18.60 18.43 8.77
CA ILE B 61 -19.38 17.22 8.56
C ILE B 61 -19.23 16.29 9.78
N THR B 62 -18.28 16.62 10.66
CA THR B 62 -17.97 15.76 11.80
C THR B 62 -18.36 16.50 13.08
N ALA B 63 -18.55 15.73 14.15
CA ALA B 63 -18.70 16.28 15.48
C ALA B 63 -17.36 16.85 15.96
N ARG B 64 -17.42 17.64 17.02
CA ARG B 64 -16.23 18.16 17.65
C ARG B 64 -15.76 17.12 18.66
N ASN B 65 -14.69 16.41 18.33
CA ASN B 65 -14.24 15.25 19.06
C ASN B 65 -13.24 15.61 20.17
N THR B 66 -12.62 16.78 20.12
CA THR B 66 -11.65 17.09 21.20
C THR B 66 -12.41 17.68 22.40
N GLY B 67 -11.96 17.32 23.61
CA GLY B 67 -12.49 17.88 24.85
C GLY B 67 -12.11 19.33 25.05
N ILE B 68 -13.00 20.04 25.73
CA ILE B 68 -12.77 21.42 26.14
C ILE B 68 -12.73 21.45 27.67
N ILE B 69 -11.61 21.94 28.18
CA ILE B 69 -11.38 22.17 29.58
C ILE B 69 -11.39 23.70 29.79
N CYS B 70 -12.20 24.18 30.73
CA CYS B 70 -12.33 25.62 31.02
C CYS B 70 -11.92 25.87 32.47
N THR B 71 -11.04 26.83 32.66
CA THR B 71 -10.74 27.30 33.98
C THR B 71 -11.92 28.15 34.49
N ILE B 72 -12.40 27.79 35.68
CA ILE B 72 -13.47 28.43 36.38
C ILE B 72 -12.85 29.35 37.46
N GLY B 73 -13.20 30.64 37.40
CA GLY B 73 -12.82 31.62 38.40
C GLY B 73 -13.90 32.70 38.53
N PRO B 74 -13.55 33.92 39.02
CA PRO B 74 -14.53 35.00 39.17
C PRO B 74 -15.48 35.25 38.00
N ALA B 75 -15.04 35.23 36.74
CA ALA B 75 -15.94 35.55 35.61
C ALA B 75 -16.97 34.43 35.35
N SER B 76 -16.72 33.22 35.86
CA SER B 76 -17.38 32.04 35.28
C SER B 76 -18.02 31.14 36.35
N ARG B 77 -17.95 31.51 37.63
CA ARG B 77 -18.25 30.54 38.67
C ARG B 77 -19.72 30.63 39.12
N SER B 78 -20.48 31.59 38.63
CA SER B 78 -21.95 31.61 38.92
C SER B 78 -22.61 30.39 38.27
N VAL B 79 -23.57 29.77 38.98
CA VAL B 79 -24.37 28.67 38.46
C VAL B 79 -24.88 29.02 37.07
N GLU B 80 -25.43 30.22 36.90
CA GLU B 80 -26.09 30.53 35.65
C GLU B 80 -25.06 30.68 34.51
N THR B 81 -23.85 31.17 34.78
CA THR B 81 -22.81 31.21 33.74
C THR B 81 -22.38 29.79 33.36
N LEU B 82 -22.20 28.94 34.36
CA LEU B 82 -21.77 27.55 34.20
C LEU B 82 -22.75 26.75 33.33
N LYS B 83 -24.06 26.92 33.55
CA LYS B 83 -25.08 26.29 32.69
C LYS B 83 -24.84 26.63 31.22
N GLU B 84 -24.57 27.90 30.90
CA GLU B 84 -24.39 28.37 29.51
C GLU B 84 -23.09 27.79 28.93
N MET B 85 -22.04 27.73 29.74
CA MET B 85 -20.75 27.17 29.32
C MET B 85 -20.90 25.67 29.02
N ILE B 86 -21.65 24.96 29.85
CA ILE B 86 -21.94 23.56 29.57
C ILE B 86 -22.68 23.41 28.22
N LYS B 87 -23.68 24.26 27.99
CA LYS B 87 -24.45 24.19 26.80
C LYS B 87 -23.58 24.53 25.59
N SER B 88 -22.56 25.37 25.80
CA SER B 88 -21.72 25.81 24.72
C SER B 88 -20.53 24.89 24.51
N GLY B 89 -20.35 23.84 25.34
CA GLY B 89 -19.42 22.78 25.01
C GLY B 89 -18.36 22.44 26.05
N MET B 90 -18.38 23.07 27.23
CA MET B 90 -17.40 22.75 28.29
C MET B 90 -17.62 21.31 28.78
N ASN B 91 -16.54 20.54 28.87
CA ASN B 91 -16.59 19.15 29.26
C ASN B 91 -15.99 18.95 30.65
N VAL B 92 -15.00 19.78 31.00
CA VAL B 92 -14.27 19.66 32.24
C VAL B 92 -14.13 21.08 32.82
N ALA B 93 -14.41 21.21 34.10
CA ALA B 93 -14.11 22.42 34.88
C ALA B 93 -12.79 22.23 35.63
N ARG B 94 -11.82 23.09 35.34
CA ARG B 94 -10.56 23.19 35.98
C ARG B 94 -10.60 24.26 37.09
N LEU B 95 -10.16 23.89 38.28
CA LEU B 95 -9.90 24.80 39.41
C LEU B 95 -8.38 24.99 39.56
N ASN B 96 -7.96 26.25 39.46
CA ASN B 96 -6.57 26.63 39.61
C ASN B 96 -6.28 26.86 41.10
N PHE B 97 -5.59 25.93 41.76
CA PHE B 97 -5.31 26.10 43.19
C PHE B 97 -4.08 26.99 43.45
N SER B 98 -3.67 27.79 42.48
CA SER B 98 -2.58 28.75 42.66
C SER B 98 -3.05 29.87 43.59
N HIS B 99 -4.35 30.16 43.54
CA HIS B 99 -4.99 31.08 44.44
C HIS B 99 -6.28 30.44 44.94
N GLY B 100 -6.82 31.03 46.01
CA GLY B 100 -8.10 30.74 46.54
C GLY B 100 -7.99 29.79 47.71
N THR B 101 -8.94 29.86 48.63
CA THR B 101 -8.99 28.96 49.75
C THR B 101 -9.79 27.73 49.34
N HIS B 102 -9.69 26.67 50.15
CA HIS B 102 -10.48 25.49 50.05
C HIS B 102 -11.98 25.84 50.07
N GLU B 103 -12.39 26.74 50.99
CA GLU B 103 -13.78 27.24 51.09
C GLU B 103 -14.28 27.74 49.73
N TYR B 104 -13.47 28.58 49.10
CA TYR B 104 -13.80 29.21 47.85
C TYR B 104 -13.95 28.13 46.76
N HIS B 105 -12.98 27.21 46.68
CA HIS B 105 -12.99 26.16 45.64
C HIS B 105 -14.13 25.16 45.85
N ALA B 106 -14.44 24.83 47.12
CA ALA B 106 -15.54 23.95 47.43
C ALA B 106 -16.86 24.55 46.90
N GLU B 107 -17.01 25.86 47.05
CA GLU B 107 -18.15 26.61 46.53
C GLU B 107 -18.18 26.57 45.00
N THR B 108 -17.03 26.77 44.35
CA THR B 108 -16.95 26.66 42.90
C THR B 108 -17.40 25.25 42.48
N ILE B 109 -16.88 24.21 43.14
CA ILE B 109 -17.23 22.84 42.75
C ILE B 109 -18.75 22.60 42.92
N LYS B 110 -19.31 23.18 44.00
CA LYS B 110 -20.69 23.05 44.31
C LYS B 110 -21.55 23.65 43.19
N ASN B 111 -21.17 24.83 42.68
CA ASN B 111 -21.86 25.49 41.58
C ASN B 111 -21.72 24.69 40.27
N VAL B 112 -20.57 24.07 40.02
CA VAL B 112 -20.38 23.30 38.80
C VAL B 112 -21.39 22.15 38.82
N ARG B 113 -21.51 21.45 39.95
CA ARG B 113 -22.33 20.29 40.09
C ARG B 113 -23.82 20.71 40.03
N THR B 114 -24.15 21.88 40.58
CA THR B 114 -25.52 22.42 40.49
C THR B 114 -25.89 22.66 39.02
N ALA B 115 -25.01 23.37 38.30
CA ALA B 115 -25.21 23.65 36.87
C ALA B 115 -25.32 22.34 36.06
N THR B 116 -24.45 21.37 36.36
CA THR B 116 -24.40 20.09 35.64
C THR B 116 -25.70 19.30 35.87
N GLU B 117 -26.12 19.21 37.14
CA GLU B 117 -27.29 18.40 37.50
C GLU B 117 -28.59 19.12 37.16
N SER B 118 -28.56 20.43 36.84
CA SER B 118 -29.75 21.12 36.31
C SER B 118 -30.25 20.48 35.01
N PHE B 119 -29.39 19.72 34.31
CA PHE B 119 -29.75 19.13 33.02
C PHE B 119 -30.19 17.67 33.20
N ALA B 120 -30.11 17.14 34.43
CA ALA B 120 -30.24 15.68 34.69
C ALA B 120 -31.66 15.16 34.42
N SER B 121 -32.67 16.02 34.48
CA SER B 121 -34.07 15.59 34.41
C SER B 121 -34.46 15.11 32.99
N ASP B 122 -33.72 15.53 31.95
CA ASP B 122 -33.82 14.90 30.63
C ASP B 122 -32.53 14.18 30.30
N PRO B 123 -32.47 12.85 30.55
CA PRO B 123 -31.25 12.07 30.41
C PRO B 123 -30.63 12.16 29.01
N ILE B 124 -31.45 12.45 28.01
CA ILE B 124 -30.99 12.57 26.65
C ILE B 124 -30.12 13.85 26.50
N LEU B 125 -30.47 14.91 27.22
CA LEU B 125 -29.76 16.21 27.14
C LEU B 125 -28.63 16.32 28.18
N TYR B 126 -28.57 15.38 29.14
CA TYR B 126 -27.60 15.43 30.20
C TYR B 126 -26.19 15.24 29.66
N ARG B 127 -25.32 16.19 29.92
CA ARG B 127 -23.94 16.06 29.50
C ARG B 127 -23.09 15.97 30.75
N PRO B 128 -22.42 14.84 30.99
CA PRO B 128 -21.47 14.72 32.11
C PRO B 128 -20.43 15.83 32.03
N VAL B 129 -20.01 16.35 33.21
CA VAL B 129 -19.02 17.43 33.33
C VAL B 129 -18.00 17.02 34.40
N ALA B 130 -16.72 16.95 34.05
CA ALA B 130 -15.65 16.55 34.99
C ALA B 130 -15.12 17.74 35.80
N VAL B 131 -14.54 17.44 36.96
CA VAL B 131 -13.89 18.43 37.78
C VAL B 131 -12.39 18.07 37.90
N ALA B 132 -11.52 18.99 37.45
CA ALA B 132 -10.05 18.83 37.54
C ALA B 132 -9.49 19.83 38.56
N LEU B 133 -8.61 19.34 39.45
CA LEU B 133 -7.88 20.15 40.44
C LEU B 133 -6.46 20.36 39.92
N ASP B 134 -6.10 21.60 39.65
CA ASP B 134 -4.76 21.91 39.17
C ASP B 134 -3.93 22.47 40.34
N THR B 135 -2.85 21.80 40.67
CA THR B 135 -2.01 22.15 41.76
C THR B 135 -1.19 23.43 41.45
N LYS B 136 -0.68 24.05 42.52
CA LYS B 136 0.13 25.27 42.42
C LYS B 136 1.57 24.88 42.06
N GLY B 137 2.08 23.83 42.72
CA GLY B 137 3.48 23.50 42.61
C GLY B 137 4.36 24.53 43.32
N PRO B 138 5.70 24.34 43.33
CA PRO B 138 6.61 25.26 44.03
C PRO B 138 6.70 26.61 43.32
N GLU B 139 7.06 27.65 44.10
CA GLU B 139 7.27 28.99 43.60
C GLU B 139 8.55 29.55 44.23
N ILE B 140 9.31 30.29 43.43
CA ILE B 140 10.44 31.10 43.83
C ILE B 140 10.07 32.53 43.45
N ARG B 141 10.06 33.44 44.43
CA ARG B 141 9.67 34.83 44.16
C ARG B 141 10.81 35.77 44.58
N THR B 142 10.91 36.90 43.88
CA THR B 142 11.85 37.95 44.21
C THR B 142 11.26 38.82 45.32
N GLY B 143 12.05 39.80 45.79
CA GLY B 143 11.61 40.79 46.75
C GLY B 143 11.08 42.05 46.07
N LEU B 144 11.09 43.15 46.82
CA LEU B 144 10.44 44.42 46.44
C LEU B 144 11.46 45.33 45.76
N ILE B 145 11.00 46.10 44.76
CA ILE B 145 11.77 47.22 44.23
C ILE B 145 11.97 48.21 45.39
N LYS B 146 10.89 48.52 46.11
CA LYS B 146 10.95 48.95 47.53
C LYS B 146 9.57 48.73 48.18
N GLU B 152 9.10 49.70 38.81
CA GLU B 152 10.05 48.69 38.31
C GLU B 152 11.40 49.35 37.96
N VAL B 153 12.41 48.51 37.77
CA VAL B 153 13.76 48.91 37.41
C VAL B 153 14.09 48.24 36.07
N GLU B 154 14.88 48.92 35.23
CA GLU B 154 15.10 48.50 33.84
C GLU B 154 16.45 47.77 33.74
N LEU B 155 16.42 46.45 33.45
CA LEU B 155 17.63 45.65 33.32
C LEU B 155 18.04 45.63 31.85
N LYS B 156 19.31 45.94 31.56
CA LYS B 156 19.78 46.09 30.19
C LYS B 156 20.71 44.92 29.84
N LYS B 157 20.54 44.38 28.62
CA LYS B 157 21.33 43.24 28.12
C LYS B 157 22.83 43.53 28.28
N GLY B 158 23.61 42.51 28.69
CA GLY B 158 25.06 42.66 28.89
C GLY B 158 25.47 43.19 30.26
N ALA B 159 24.58 43.94 30.95
CA ALA B 159 24.85 44.52 32.29
C ALA B 159 25.09 43.43 33.34
N THR B 160 25.73 43.80 34.45
CA THR B 160 25.94 42.87 35.55
C THR B 160 24.78 43.01 36.54
N LEU B 161 24.48 41.91 37.23
CA LEU B 161 23.47 41.89 38.29
C LEU B 161 23.89 40.84 39.31
N LYS B 162 23.85 41.23 40.59
CA LYS B 162 24.19 40.35 41.70
C LYS B 162 22.88 39.87 42.33
N ILE B 163 22.80 38.55 42.55
CA ILE B 163 21.73 37.93 43.30
C ILE B 163 22.22 37.67 44.72
N THR B 164 21.43 38.12 45.68
CA THR B 164 21.68 37.87 47.09
C THR B 164 20.47 37.18 47.71
N LEU B 165 20.69 36.53 48.86
CA LEU B 165 19.62 36.01 49.72
C LEU B 165 19.84 36.47 51.18
N ASP B 166 20.46 37.65 51.36
CA ASP B 166 20.84 38.18 52.70
C ASP B 166 19.59 38.40 53.56
N ASN B 167 18.67 39.24 53.08
CA ASN B 167 17.38 39.65 53.71
C ASN B 167 17.38 41.16 53.92
N ALA B 168 18.54 41.70 54.31
CA ALA B 168 18.81 43.14 54.29
C ALA B 168 18.24 43.77 53.01
N TYR B 169 18.35 43.05 51.89
CA TYR B 169 18.00 43.60 50.57
C TYR B 169 16.61 43.14 50.09
N MET B 170 15.84 42.46 50.97
CA MET B 170 14.44 42.04 50.69
C MET B 170 13.69 43.15 49.96
N GLU B 171 13.82 44.39 50.48
CA GLU B 171 13.04 45.55 50.07
C GLU B 171 13.78 46.35 48.98
N LYS B 172 15.11 46.23 48.88
CA LYS B 172 15.92 47.07 47.98
C LYS B 172 16.55 46.23 46.85
N CYS B 173 15.71 45.84 45.88
CA CYS B 173 16.16 45.22 44.62
C CYS B 173 16.36 46.33 43.57
N ASP B 174 17.49 46.30 42.85
CA ASP B 174 17.91 47.34 41.87
C ASP B 174 18.42 46.69 40.57
N GLU B 175 18.82 47.53 39.61
CA GLU B 175 19.58 47.04 38.41
C GLU B 175 20.91 46.44 38.90
N ASN B 176 21.31 46.74 40.15
CA ASN B 176 22.56 46.29 40.77
C ASN B 176 22.35 45.06 41.66
N ILE B 177 21.19 44.88 42.30
CA ILE B 177 21.00 43.73 43.23
C ILE B 177 19.56 43.24 43.21
N LEU B 178 19.39 41.92 43.39
CA LEU B 178 18.06 41.27 43.47
C LEU B 178 18.09 40.16 44.52
N TRP B 179 17.07 40.16 45.36
CA TRP B 179 16.89 39.17 46.40
C TRP B 179 15.77 38.23 45.96
N LEU B 180 15.88 36.95 46.37
CA LEU B 180 14.84 35.95 46.13
C LEU B 180 14.85 34.94 47.28
N ASP B 181 13.72 34.24 47.47
CA ASP B 181 13.37 33.60 48.77
C ASP B 181 13.61 32.08 48.75
N TYR B 182 14.66 31.63 48.06
CA TYR B 182 15.00 30.21 48.02
C TYR B 182 16.47 30.09 48.43
N LYS B 183 16.70 29.78 49.71
CA LYS B 183 17.99 30.09 50.33
C LYS B 183 19.11 29.19 49.79
N ASN B 184 18.78 28.24 48.90
CA ASN B 184 19.71 27.19 48.47
C ASN B 184 20.17 27.37 47.01
N ILE B 185 19.89 28.51 46.36
CA ILE B 185 20.19 28.62 44.88
C ILE B 185 21.68 28.33 44.63
N CYS B 186 22.54 28.82 45.53
CA CYS B 186 24.03 28.79 45.40
C CYS B 186 24.60 27.37 45.33
N LYS B 187 23.81 26.37 45.74
CA LYS B 187 24.19 24.96 45.82
C LYS B 187 23.65 24.16 44.62
N VAL B 188 22.66 24.72 43.90
CA VAL B 188 21.95 24.04 42.80
C VAL B 188 22.41 24.61 41.46
N VAL B 189 22.93 25.84 41.48
CA VAL B 189 23.19 26.62 40.30
C VAL B 189 24.71 26.58 40.04
N GLU B 190 25.09 26.52 38.76
CA GLU B 190 26.50 26.51 38.37
C GLU B 190 26.77 27.73 37.47
N VAL B 191 28.02 28.21 37.51
CA VAL B 191 28.62 29.09 36.49
C VAL B 191 28.19 28.56 35.11
N GLY B 192 27.46 29.37 34.35
CA GLY B 192 26.96 28.97 33.03
C GLY B 192 25.47 28.65 33.04
N SER B 193 24.87 28.48 34.23
CA SER B 193 23.43 28.37 34.43
C SER B 193 22.73 29.66 34.00
N LYS B 194 21.53 29.49 33.47
CA LYS B 194 20.67 30.58 33.22
C LYS B 194 19.65 30.65 34.36
N ILE B 195 19.27 31.87 34.73
CA ILE B 195 18.23 32.12 35.71
C ILE B 195 17.14 32.95 35.02
N TYR B 196 15.88 32.56 35.20
CA TYR B 196 14.76 33.20 34.52
C TYR B 196 13.90 33.94 35.54
N VAL B 197 13.33 35.08 35.15
CA VAL B 197 12.61 35.95 36.08
C VAL B 197 11.34 36.49 35.41
N ASP B 198 10.26 36.55 36.19
CA ASP B 198 8.90 36.87 35.72
C ASP B 198 8.63 36.13 34.40
N ASP B 199 8.33 34.84 34.51
CA ASP B 199 7.90 33.96 33.42
C ASP B 199 8.71 34.26 32.16
N GLY B 200 10.04 34.22 32.30
CA GLY B 200 11.01 34.23 31.20
C GLY B 200 11.16 35.57 30.49
N LEU B 201 10.61 36.65 31.07
CA LEU B 201 10.74 38.01 30.55
C LEU B 201 12.23 38.43 30.57
N ILE B 202 12.91 38.12 31.69
CA ILE B 202 14.32 38.44 31.91
C ILE B 202 15.10 37.13 32.07
N SER B 203 16.31 37.09 31.52
CA SER B 203 17.17 35.94 31.65
C SER B 203 18.59 36.40 32.04
N LEU B 204 19.10 35.77 33.11
CA LEU B 204 20.42 36.00 33.70
C LEU B 204 21.28 34.75 33.49
N GLN B 205 22.58 35.00 33.34
CA GLN B 205 23.58 34.01 33.12
C GLN B 205 24.61 34.16 34.24
N VAL B 206 24.68 33.18 35.15
CA VAL B 206 25.55 33.31 36.32
C VAL B 206 27.01 33.07 35.87
N LYS B 207 27.87 34.01 36.23
CA LYS B 207 29.29 34.01 35.85
C LYS B 207 30.16 33.66 37.08
N GLN B 208 29.59 33.79 38.29
CA GLN B 208 30.38 33.83 39.51
C GLN B 208 29.50 33.47 40.71
N LYS B 209 29.88 32.40 41.44
CA LYS B 209 29.24 32.01 42.73
C LYS B 209 29.92 32.73 43.89
N GLY B 210 29.27 32.73 45.06
CA GLY B 210 29.88 33.33 46.26
C GLY B 210 29.14 33.02 47.56
N ALA B 211 28.74 31.75 47.76
CA ALA B 211 28.32 31.20 49.08
C ALA B 211 26.97 31.74 49.56
N ASP B 212 26.80 33.08 49.57
CA ASP B 212 25.53 33.75 49.91
C ASP B 212 25.04 34.62 48.74
N PHE B 213 25.73 34.52 47.57
CA PHE B 213 25.43 35.39 46.42
C PHE B 213 25.87 34.75 45.09
N LEU B 214 25.34 35.32 44.00
CA LEU B 214 25.80 35.07 42.64
C LEU B 214 25.90 36.42 41.93
N VAL B 215 26.84 36.53 40.99
CA VAL B 215 26.88 37.68 40.10
C VAL B 215 26.59 37.15 38.70
N THR B 216 25.70 37.88 38.03
CA THR B 216 25.07 37.44 36.79
C THR B 216 25.16 38.57 35.76
N GLU B 217 25.15 38.17 34.50
CA GLU B 217 25.07 39.07 33.40
C GLU B 217 23.68 38.90 32.76
N VAL B 218 22.99 40.02 32.53
CA VAL B 218 21.70 40.02 31.89
C VAL B 218 21.88 39.52 30.45
N GLU B 219 21.29 38.36 30.14
CA GLU B 219 21.25 37.84 28.76
C GLU B 219 20.09 38.52 28.02
N ASN B 220 18.93 38.55 28.70
CA ASN B 220 17.71 39.10 28.14
C ASN B 220 17.18 40.19 29.09
N GLY B 221 17.17 41.44 28.59
CA GLY B 221 16.75 42.57 29.38
C GLY B 221 15.25 42.71 29.38
N GLY B 222 14.76 43.50 30.35
CA GLY B 222 13.36 43.94 30.46
C GLY B 222 13.14 44.73 31.75
N SER B 223 11.87 45.09 31.99
CA SER B 223 11.40 45.77 33.21
C SER B 223 11.14 44.75 34.32
N LEU B 224 12.00 44.80 35.37
CA LEU B 224 11.91 43.92 36.55
C LEU B 224 11.02 44.59 37.61
N GLY B 225 9.91 43.94 37.95
CA GLY B 225 8.96 44.42 38.97
C GLY B 225 9.17 43.73 40.31
N SER B 226 8.15 43.86 41.19
CA SER B 226 8.22 43.40 42.59
C SER B 226 7.64 41.98 42.70
N LYS B 227 8.24 41.17 43.58
CA LYS B 227 7.94 39.74 43.81
C LYS B 227 7.41 39.08 42.52
N LYS B 228 8.34 38.64 41.66
CA LYS B 228 8.02 37.90 40.43
C LYS B 228 8.57 36.48 40.53
N GLY B 229 8.11 35.60 39.64
CA GLY B 229 8.48 34.19 39.63
C GLY B 229 9.87 33.99 39.06
N VAL B 230 10.63 33.09 39.68
CA VAL B 230 11.96 32.73 39.21
C VAL B 230 11.93 31.26 38.78
N ASN B 231 12.60 30.93 37.67
CA ASN B 231 12.79 29.54 37.23
C ASN B 231 14.28 29.26 37.08
N LEU B 232 14.68 28.13 37.66
CA LEU B 232 16.01 27.54 37.59
C LEU B 232 15.88 26.26 36.77
N PRO B 233 16.56 26.17 35.60
CA PRO B 233 16.44 24.98 34.76
C PRO B 233 17.06 23.74 35.42
N GLY B 234 16.91 22.61 34.72
CA GLY B 234 17.65 21.38 34.97
C GLY B 234 17.09 20.58 36.13
N ALA B 235 17.84 19.53 36.49
CA ALA B 235 17.73 18.93 37.79
C ALA B 235 18.54 19.81 38.75
N ALA B 236 18.98 19.24 39.87
CA ALA B 236 19.75 19.94 40.91
C ALA B 236 18.82 20.83 41.75
N VAL B 237 17.79 21.45 41.15
CA VAL B 237 16.79 22.21 41.91
C VAL B 237 16.15 21.27 42.94
N ASP B 238 16.05 21.76 44.18
CA ASP B 238 16.07 20.99 45.42
C ASP B 238 14.67 20.81 46.01
N LEU B 239 13.69 21.61 45.59
CA LEU B 239 12.40 21.69 46.27
C LEU B 239 11.70 20.34 46.23
N PRO B 240 10.95 19.94 47.28
CA PRO B 240 10.47 18.56 47.43
C PRO B 240 9.52 18.14 46.30
N ALA B 241 9.39 16.83 46.06
CA ALA B 241 8.59 16.33 44.91
C ALA B 241 7.17 16.92 44.97
N VAL B 242 6.53 16.83 46.14
CA VAL B 242 5.22 17.44 46.35
C VAL B 242 5.29 18.44 47.53
N SER B 243 4.99 19.72 47.30
CA SER B 243 4.97 20.74 48.38
C SER B 243 3.87 20.37 49.40
N GLU B 244 4.02 20.80 50.67
CA GLU B 244 2.97 20.57 51.70
C GLU B 244 1.62 21.19 51.27
N LYS B 245 1.65 22.36 50.62
CA LYS B 245 0.42 22.96 50.12
C LYS B 245 -0.26 22.02 49.10
N ASP B 246 0.53 21.46 48.19
CA ASP B 246 0.06 20.55 47.15
C ASP B 246 -0.46 19.27 47.79
N ILE B 247 0.21 18.78 48.84
CA ILE B 247 -0.27 17.62 49.59
C ILE B 247 -1.70 17.88 50.09
N GLN B 248 -1.94 19.05 50.69
CA GLN B 248 -3.25 19.26 51.33
C GLN B 248 -4.29 19.52 50.24
N ASP B 249 -3.88 20.16 49.13
CA ASP B 249 -4.76 20.40 48.02
C ASP B 249 -5.21 19.08 47.37
N LEU B 250 -4.26 18.15 47.16
CA LEU B 250 -4.51 16.82 46.63
C LEU B 250 -5.49 16.07 47.55
N LYS B 251 -5.28 16.12 48.88
CA LYS B 251 -6.21 15.47 49.87
C LYS B 251 -7.61 16.06 49.79
N PHE B 252 -7.70 17.38 49.68
CA PHE B 252 -8.97 18.04 49.50
C PHE B 252 -9.64 17.59 48.19
N GLY B 253 -8.85 17.38 47.12
CA GLY B 253 -9.39 16.86 45.85
C GLY B 253 -10.08 15.53 46.05
N VAL B 254 -9.43 14.67 46.83
CA VAL B 254 -9.96 13.36 47.19
C VAL B 254 -11.26 13.52 48.00
N GLU B 255 -11.27 14.39 49.01
CA GLU B 255 -12.50 14.60 49.81
C GLU B 255 -13.61 15.19 48.91
N GLN B 256 -13.27 16.04 47.93
CA GLN B 256 -14.28 16.63 47.06
C GLN B 256 -14.64 15.72 45.87
N ASP B 257 -14.08 14.51 45.77
CA ASP B 257 -14.45 13.58 44.71
C ASP B 257 -14.13 14.17 43.31
N VAL B 258 -12.94 14.79 43.13
CA VAL B 258 -12.56 15.29 41.82
C VAL B 258 -12.27 14.11 40.89
N ASP B 259 -12.31 14.35 39.60
CA ASP B 259 -12.13 13.27 38.62
C ASP B 259 -10.66 13.12 38.25
N MET B 260 -9.88 14.23 38.31
CA MET B 260 -8.51 14.24 37.84
C MET B 260 -7.71 15.35 38.56
N VAL B 261 -6.40 15.17 38.66
CA VAL B 261 -5.51 16.25 39.15
C VAL B 261 -4.46 16.55 38.09
N PHE B 262 -4.18 17.84 37.90
CA PHE B 262 -3.06 18.28 37.08
C PHE B 262 -1.90 18.57 38.03
N ALA B 263 -0.89 17.69 37.99
CA ALA B 263 0.28 17.69 38.88
C ALA B 263 1.36 18.62 38.35
N SER B 264 1.83 19.51 39.22
CA SER B 264 2.82 20.53 38.94
C SER B 264 4.25 20.01 39.08
N PHE B 265 5.15 20.69 38.36
CA PHE B 265 6.61 20.57 38.52
C PHE B 265 7.01 19.08 38.52
N ILE B 266 6.60 18.35 37.46
CA ILE B 266 6.94 16.95 37.31
C ILE B 266 8.17 16.86 36.39
N ARG B 267 9.25 16.27 36.92
CA ARG B 267 10.58 16.23 36.28
C ARG B 267 11.09 14.79 36.12
N LYS B 268 10.39 13.81 36.71
CA LYS B 268 10.79 12.39 36.66
C LYS B 268 9.70 11.51 37.24
N ALA B 269 9.82 10.20 36.96
CA ALA B 269 8.83 9.21 37.31
C ALA B 269 8.50 9.31 38.81
N SER B 270 9.54 9.42 39.66
CA SER B 270 9.32 9.30 41.09
C SER B 270 8.46 10.48 41.60
N ASP B 271 8.45 11.63 40.91
CA ASP B 271 7.54 12.74 41.29
C ASP B 271 6.06 12.33 41.09
N VAL B 272 5.77 11.61 40.00
CA VAL B 272 4.44 11.14 39.73
C VAL B 272 4.07 10.13 40.82
N HIS B 273 4.98 9.19 41.12
CA HIS B 273 4.67 8.17 42.11
C HIS B 273 4.36 8.82 43.48
N GLU B 274 5.04 9.93 43.81
CA GLU B 274 4.77 10.65 45.09
C GLU B 274 3.36 11.25 45.04
N VAL B 275 2.94 11.77 43.87
CA VAL B 275 1.55 12.24 43.79
C VAL B 275 0.60 11.06 43.99
N ARG B 276 0.85 9.96 43.28
CA ARG B 276 0.04 8.76 43.41
C ARG B 276 -0.11 8.33 44.88
N LYS B 277 0.98 8.42 45.65
CA LYS B 277 0.99 8.03 47.06
C LYS B 277 0.14 9.00 47.89
N VAL B 278 0.21 10.30 47.60
CA VAL B 278 -0.56 11.26 48.35
C VAL B 278 -2.06 10.99 48.11
N LEU B 279 -2.46 10.73 46.86
CA LEU B 279 -3.89 10.40 46.60
C LEU B 279 -4.29 9.09 47.30
N GLY B 280 -3.35 8.16 47.39
CA GLY B 280 -3.49 6.89 48.11
C GLY B 280 -4.57 5.97 47.53
N GLU B 281 -5.01 5.05 48.39
CA GLU B 281 -6.01 4.02 48.12
C GLU B 281 -7.35 4.70 47.82
N LYS B 282 -7.69 5.69 48.64
CA LYS B 282 -8.94 6.41 48.52
C LYS B 282 -9.00 7.22 47.22
N GLY B 283 -7.88 7.80 46.77
CA GLY B 283 -7.80 8.55 45.47
C GLY B 283 -7.39 7.70 44.27
N LYS B 284 -7.43 6.36 44.39
CA LYS B 284 -6.79 5.49 43.40
C LYS B 284 -7.44 5.60 42.01
N ASN B 285 -8.69 6.05 41.91
CA ASN B 285 -9.36 6.10 40.62
C ASN B 285 -9.29 7.50 40.00
N ILE B 286 -8.74 8.47 40.75
CA ILE B 286 -8.56 9.81 40.26
C ILE B 286 -7.37 9.79 39.28
N LYS B 287 -7.55 10.37 38.10
CA LYS B 287 -6.47 10.36 37.09
C LYS B 287 -5.40 11.42 37.38
N ILE B 288 -4.14 11.04 37.27
CA ILE B 288 -3.04 11.99 37.41
C ILE B 288 -2.59 12.45 36.03
N ILE B 289 -2.76 13.74 35.75
CA ILE B 289 -2.25 14.33 34.55
C ILE B 289 -0.97 15.06 34.94
N SER B 290 0.19 14.62 34.41
CA SER B 290 1.45 15.30 34.70
C SER B 290 1.64 16.47 33.75
N LYS B 291 1.82 17.66 34.33
CA LYS B 291 2.15 18.87 33.57
C LYS B 291 3.64 18.89 33.24
N ILE B 292 3.94 19.14 31.97
CA ILE B 292 5.32 19.24 31.48
C ILE B 292 5.55 20.72 31.17
N GLU B 293 6.41 21.31 32.00
CA GLU B 293 6.49 22.75 32.17
C GLU B 293 7.90 23.27 31.92
N ASN B 294 8.89 22.38 31.78
CA ASN B 294 10.31 22.78 31.73
C ASN B 294 11.11 21.73 30.92
N HIS B 295 12.37 22.04 30.66
CA HIS B 295 13.22 21.22 29.77
C HIS B 295 13.40 19.80 30.31
N GLU B 296 13.61 19.68 31.63
CA GLU B 296 13.88 18.40 32.27
C GLU B 296 12.70 17.43 32.07
N GLY B 297 11.48 17.95 32.17
CA GLY B 297 10.26 17.15 31.91
C GLY B 297 10.23 16.55 30.51
N VAL B 298 10.64 17.33 29.50
CA VAL B 298 10.73 16.84 28.14
C VAL B 298 11.78 15.74 28.03
N ARG B 299 12.96 16.02 28.61
CA ARG B 299 14.08 15.11 28.62
C ARG B 299 13.70 13.76 29.27
N ARG B 300 12.95 13.80 30.38
CA ARG B 300 12.53 12.55 31.07
C ARG B 300 11.08 12.18 30.74
N PHE B 301 10.63 12.57 29.54
CA PHE B 301 9.22 12.46 29.20
C PHE B 301 8.74 11.01 29.25
N ASP B 302 9.54 10.04 28.77
CA ASP B 302 9.06 8.65 28.60
C ASP B 302 8.71 8.02 29.95
N GLU B 303 9.54 8.25 30.97
CA GLU B 303 9.24 7.66 32.27
C GLU B 303 8.06 8.40 32.94
N ILE B 304 7.92 9.70 32.70
CA ILE B 304 6.81 10.47 33.24
C ILE B 304 5.51 9.94 32.62
N LEU B 305 5.48 9.83 31.29
CA LEU B 305 4.35 9.30 30.56
C LEU B 305 3.96 7.93 31.13
N GLU B 306 4.93 7.04 31.25
CA GLU B 306 4.69 5.67 31.69
C GLU B 306 3.99 5.67 33.07
N ALA B 307 4.46 6.53 33.98
CA ALA B 307 3.95 6.62 35.34
C ALA B 307 2.61 7.34 35.42
N SER B 308 2.32 8.26 34.49
CA SER B 308 1.13 9.12 34.55
C SER B 308 -0.10 8.46 33.90
N ASP B 309 -1.30 9.00 34.16
CA ASP B 309 -2.51 8.57 33.45
C ASP B 309 -2.64 9.41 32.17
N GLY B 310 -2.00 10.58 32.16
CA GLY B 310 -1.98 11.47 31.01
C GLY B 310 -1.00 12.61 31.20
N ILE B 311 -0.99 13.52 30.22
CA ILE B 311 0.04 14.58 30.10
C ILE B 311 -0.68 15.89 29.77
N MET B 312 -0.19 17.00 30.33
CA MET B 312 -0.60 18.31 29.89
C MET B 312 0.64 19.04 29.36
N VAL B 313 0.60 19.46 28.09
CA VAL B 313 1.65 20.26 27.48
C VAL B 313 1.39 21.76 27.74
N ALA B 314 2.23 22.35 28.59
CA ALA B 314 2.11 23.73 29.04
C ALA B 314 3.07 24.60 28.23
N ARG B 315 2.58 25.19 27.12
CA ARG B 315 3.41 25.74 26.09
C ARG B 315 4.17 26.97 26.61
N GLY B 316 3.42 27.91 27.20
CA GLY B 316 4.01 29.11 27.74
C GLY B 316 5.15 28.81 28.70
N ASP B 317 4.92 27.84 29.61
CA ASP B 317 5.93 27.43 30.61
C ASP B 317 7.15 26.84 29.90
N LEU B 318 6.91 25.96 28.94
CA LEU B 318 7.96 25.33 28.14
C LEU B 318 8.86 26.42 27.54
N GLY B 319 8.24 27.53 27.09
CA GLY B 319 8.89 28.57 26.35
C GLY B 319 9.74 29.49 27.20
N ILE B 320 9.76 29.28 28.53
CA ILE B 320 10.69 29.98 29.40
C ILE B 320 12.11 29.47 29.16
N GLU B 321 12.28 28.14 29.21
CA GLU B 321 13.59 27.56 29.05
C GLU B 321 13.92 27.20 27.58
N ILE B 322 12.88 26.93 26.77
CA ILE B 322 13.09 26.36 25.46
C ILE B 322 12.81 27.48 24.45
N PRO B 323 13.75 27.73 23.51
CA PRO B 323 13.55 28.80 22.52
C PRO B 323 12.44 28.50 21.48
N ALA B 324 12.07 29.55 20.75
CA ALA B 324 10.92 29.52 19.87
C ALA B 324 11.11 28.51 18.74
N GLU B 325 12.36 28.17 18.40
CA GLU B 325 12.62 27.29 17.31
C GLU B 325 12.56 25.82 17.76
N LYS B 326 12.23 25.54 19.03
CA LYS B 326 12.20 24.14 19.50
C LYS B 326 10.88 23.77 20.21
N VAL B 327 10.12 24.73 20.74
CA VAL B 327 8.97 24.35 21.59
C VAL B 327 7.96 23.54 20.77
N PHE B 328 7.78 23.91 19.50
CA PHE B 328 6.80 23.30 18.64
C PHE B 328 7.20 21.84 18.41
N LEU B 329 8.49 21.55 18.41
CA LEU B 329 9.00 20.21 18.27
C LEU B 329 8.66 19.41 19.52
N ALA B 330 8.87 19.98 20.71
CA ALA B 330 8.58 19.29 21.97
C ALA B 330 7.08 18.95 22.07
N GLN B 331 6.21 19.87 21.61
CA GLN B 331 4.74 19.68 21.60
C GLN B 331 4.39 18.52 20.67
N LYS B 332 4.96 18.52 19.47
CA LYS B 332 4.64 17.44 18.49
C LYS B 332 5.16 16.11 19.02
N MET B 333 6.38 16.09 19.58
CA MET B 333 6.94 14.86 20.09
C MET B 333 6.04 14.29 21.20
N MET B 334 5.62 15.14 22.13
CA MET B 334 4.90 14.68 23.33
C MET B 334 3.48 14.24 22.96
N ILE B 335 2.82 14.96 22.07
CA ILE B 335 1.52 14.53 21.62
C ILE B 335 1.63 13.19 20.88
N GLY B 336 2.59 13.07 19.98
CA GLY B 336 2.81 11.84 19.28
C GLY B 336 3.05 10.68 20.22
N ARG B 337 3.91 10.88 21.23
CA ARG B 337 4.22 9.76 22.12
C ARG B 337 2.99 9.40 22.95
N CYS B 338 2.18 10.38 23.36
CA CYS B 338 0.97 10.07 24.11
C CYS B 338 -0.01 9.29 23.22
N ASN B 339 -0.22 9.73 21.97
CA ASN B 339 -1.12 9.03 21.04
C ASN B 339 -0.64 7.58 20.88
N ARG B 340 0.67 7.36 20.73
CA ARG B 340 1.22 5.97 20.61
C ARG B 340 0.97 5.13 21.87
N ALA B 341 1.10 5.72 23.05
CA ALA B 341 0.91 4.95 24.26
C ALA B 341 -0.59 4.85 24.61
N GLY B 342 -1.47 5.57 23.91
CA GLY B 342 -2.89 5.55 24.20
C GLY B 342 -3.25 6.30 25.49
N LYS B 343 -2.50 7.34 25.85
CA LYS B 343 -2.79 8.12 27.05
C LYS B 343 -3.23 9.54 26.68
N PRO B 344 -4.24 10.11 27.37
CA PRO B 344 -4.67 11.50 27.15
C PRO B 344 -3.54 12.54 27.20
N VAL B 345 -3.57 13.50 26.28
CA VAL B 345 -2.69 14.66 26.29
C VAL B 345 -3.56 15.90 26.09
N ILE B 346 -3.37 16.86 26.99
CA ILE B 346 -4.07 18.13 26.98
C ILE B 346 -3.05 19.17 26.52
N CYS B 347 -3.45 20.05 25.62
CA CYS B 347 -2.69 21.28 25.33
C CYS B 347 -3.28 22.45 26.07
N ALA B 348 -2.40 23.32 26.58
CA ALA B 348 -2.75 24.35 27.52
C ALA B 348 -1.83 25.55 27.34
N THR B 349 -2.34 26.71 27.78
CA THR B 349 -1.74 28.05 27.77
C THR B 349 -1.74 28.61 26.35
N GLN B 350 -1.88 29.93 26.26
CA GLN B 350 -1.70 30.64 25.03
C GLN B 350 -2.66 30.06 23.98
N MET B 351 -3.93 29.87 24.38
CA MET B 351 -4.90 29.39 23.46
C MET B 351 -5.64 30.58 22.84
N LEU B 352 -6.61 31.13 23.57
CA LEU B 352 -7.41 32.23 23.04
C LEU B 352 -7.24 33.44 23.96
N GLU B 353 -5.98 33.81 24.26
CA GLU B 353 -5.71 34.73 25.38
C GLU B 353 -6.18 36.16 25.03
N SER B 354 -6.25 36.55 23.75
CA SER B 354 -6.82 37.87 23.39
C SER B 354 -8.29 38.01 23.85
N MET B 355 -9.02 36.92 24.10
CA MET B 355 -10.47 36.95 24.38
C MET B 355 -10.75 37.27 25.86
N ILE B 356 -9.70 37.45 26.65
CA ILE B 356 -9.83 38.04 27.94
C ILE B 356 -10.47 39.44 27.81
N LYS B 357 -10.28 40.11 26.68
CA LYS B 357 -10.73 41.52 26.48
C LYS B 357 -11.58 41.71 25.20
N LYS B 358 -11.52 40.78 24.23
CA LYS B 358 -12.24 40.93 22.97
C LYS B 358 -13.21 39.77 22.80
N PRO B 359 -14.35 39.99 22.12
CA PRO B 359 -15.34 38.93 21.90
C PRO B 359 -14.96 37.88 20.85
N ARG B 360 -13.93 38.17 20.02
CA ARG B 360 -13.43 37.28 18.98
C ARG B 360 -11.91 37.10 19.15
N PRO B 361 -11.32 35.96 18.73
CA PRO B 361 -9.88 35.77 18.84
C PRO B 361 -9.17 36.25 17.56
N THR B 362 -7.84 36.22 17.55
CA THR B 362 -7.11 36.52 16.31
C THR B 362 -7.06 35.27 15.39
N ARG B 363 -6.78 35.55 14.12
CA ARG B 363 -6.47 34.54 13.14
C ARG B 363 -5.35 33.62 13.67
N ALA B 364 -4.26 34.18 14.19
CA ALA B 364 -3.11 33.39 14.68
C ALA B 364 -3.55 32.45 15.81
N GLU B 365 -4.44 32.91 16.70
CA GLU B 365 -4.82 32.07 17.81
C GLU B 365 -5.63 30.88 17.32
N GLY B 366 -6.55 31.11 16.38
CA GLY B 366 -7.33 30.04 15.79
C GLY B 366 -6.44 28.99 15.15
N SER B 367 -5.44 29.47 14.42
CA SER B 367 -4.46 28.64 13.80
C SER B 367 -3.71 27.78 14.83
N ASP B 368 -3.26 28.39 15.91
CA ASP B 368 -2.47 27.69 16.94
C ASP B 368 -3.34 26.61 17.60
N VAL B 369 -4.60 26.95 17.91
CA VAL B 369 -5.56 25.97 18.48
C VAL B 369 -5.79 24.81 17.50
N ALA B 370 -6.10 25.16 16.25
CA ALA B 370 -6.31 24.16 15.21
C ALA B 370 -5.10 23.22 15.12
N ASN B 371 -3.87 23.75 15.11
CA ASN B 371 -2.71 22.87 14.85
C ASN B 371 -2.45 21.94 16.07
N ALA B 372 -2.78 22.39 17.28
CA ALA B 372 -2.72 21.51 18.43
C ALA B 372 -3.68 20.32 18.25
N VAL B 373 -4.88 20.58 17.74
CA VAL B 373 -5.88 19.53 17.49
C VAL B 373 -5.33 18.58 16.42
N LEU B 374 -4.82 19.16 15.32
CA LEU B 374 -4.27 18.34 14.21
C LEU B 374 -3.01 17.57 14.66
N ASP B 375 -2.25 18.10 15.62
CA ASP B 375 -1.05 17.39 16.12
C ASP B 375 -1.48 16.10 16.83
N GLY B 376 -2.75 16.08 17.31
CA GLY B 376 -3.34 14.92 18.00
C GLY B 376 -3.73 15.12 19.46
N ALA B 377 -3.91 16.36 19.92
CA ALA B 377 -4.33 16.61 21.30
C ALA B 377 -5.71 16.00 21.55
N ASP B 378 -5.89 15.47 22.76
CA ASP B 378 -7.17 14.91 23.17
C ASP B 378 -8.11 16.04 23.61
N CYS B 379 -7.55 17.00 24.33
CA CYS B 379 -8.29 18.14 24.90
C CYS B 379 -7.46 19.42 24.75
N ILE B 380 -8.18 20.54 24.68
CA ILE B 380 -7.65 21.85 24.72
C ILE B 380 -8.17 22.55 25.99
N MET B 381 -7.30 23.30 26.65
CA MET B 381 -7.67 23.95 27.91
C MET B 381 -7.62 25.47 27.74
N LEU B 382 -8.67 26.14 28.20
CA LEU B 382 -8.71 27.60 28.27
C LEU B 382 -8.36 28.03 29.71
N SER B 383 -7.71 29.17 29.83
CA SER B 383 -7.25 29.68 31.10
C SER B 383 -8.00 30.99 31.44
N GLY B 384 -7.33 32.15 31.30
CA GLY B 384 -7.88 33.41 31.72
C GLY B 384 -9.14 33.77 30.94
N GLU B 385 -9.21 33.29 29.71
CA GLU B 385 -10.29 33.59 28.82
C GLU B 385 -11.61 33.14 29.45
N THR B 386 -11.61 32.09 30.26
CA THR B 386 -12.84 31.68 30.92
C THR B 386 -12.79 31.96 32.45
N ALA B 387 -11.60 32.09 33.06
CA ALA B 387 -11.50 32.20 34.51
C ALA B 387 -11.87 33.64 34.95
N LYS B 388 -11.42 34.64 34.18
CA LYS B 388 -11.50 36.03 34.63
C LYS B 388 -11.86 36.99 33.49
N GLY B 389 -11.81 36.58 32.23
CA GLY B 389 -12.01 37.55 31.18
C GLY B 389 -13.43 38.09 31.14
N ASP B 390 -13.63 39.05 30.26
CA ASP B 390 -14.88 39.72 30.04
C ASP B 390 -15.82 38.91 29.16
N TYR B 391 -15.33 37.84 28.51
CA TYR B 391 -16.18 37.10 27.52
C TYR B 391 -16.05 35.59 27.70
N PRO B 392 -16.27 35.05 28.91
CA PRO B 392 -15.97 33.65 29.17
C PRO B 392 -16.82 32.74 28.26
N LEU B 393 -18.04 33.18 27.97
CA LEU B 393 -18.96 32.38 27.28
C LEU B 393 -18.59 32.35 25.78
N GLU B 394 -18.22 33.50 25.22
CA GLU B 394 -17.82 33.58 23.84
C GLU B 394 -16.53 32.77 23.63
N ALA B 395 -15.66 32.74 24.65
CA ALA B 395 -14.40 31.93 24.60
C ALA B 395 -14.70 30.42 24.45
N VAL B 396 -15.67 29.91 25.20
CA VAL B 396 -16.05 28.49 25.05
C VAL B 396 -16.59 28.25 23.63
N ARG B 397 -17.44 29.17 23.14
CA ARG B 397 -18.10 28.99 21.89
C ARG B 397 -17.07 29.06 20.76
N MET B 398 -16.08 29.94 20.89
CA MET B 398 -15.07 30.09 19.82
C MET B 398 -14.14 28.86 19.84
N GLN B 399 -13.86 28.34 21.02
CA GLN B 399 -13.08 27.11 21.14
C GLN B 399 -13.81 25.93 20.47
N HIS B 400 -15.10 25.75 20.77
CA HIS B 400 -15.93 24.73 20.12
C HIS B 400 -15.87 24.86 18.60
N LEU B 401 -16.03 26.10 18.09
CA LEU B 401 -16.09 26.38 16.64
C LEU B 401 -14.75 26.00 15.98
N ILE B 402 -13.67 26.52 16.54
CA ILE B 402 -12.34 26.21 16.02
C ILE B 402 -12.10 24.71 16.03
N ALA B 403 -12.36 24.07 17.16
CA ALA B 403 -12.03 22.69 17.30
C ALA B 403 -12.84 21.84 16.31
N ARG B 404 -14.09 22.22 16.04
CA ARG B 404 -14.93 21.43 15.13
C ARG B 404 -14.48 21.65 13.67
N GLU B 405 -14.16 22.88 13.29
CA GLU B 405 -13.54 23.17 11.96
C GLU B 405 -12.24 22.37 11.78
N ALA B 406 -11.39 22.34 12.80
CA ALA B 406 -10.11 21.62 12.74
C ALA B 406 -10.30 20.12 12.46
N GLU B 407 -11.38 19.53 12.96
CA GLU B 407 -11.69 18.10 12.77
C GLU B 407 -11.71 17.74 11.29
N ALA B 408 -12.20 18.65 10.45
CA ALA B 408 -12.30 18.44 9.01
C ALA B 408 -10.92 18.27 8.36
N ALA B 409 -9.85 18.77 9.00
CA ALA B 409 -8.54 18.63 8.42
C ALA B 409 -7.78 17.44 9.00
N ILE B 410 -8.36 16.69 9.94
CA ILE B 410 -7.70 15.48 10.45
C ILE B 410 -7.91 14.40 9.41
N TYR B 411 -6.85 13.68 9.07
CA TYR B 411 -6.93 12.59 8.12
C TYR B 411 -7.00 11.26 8.89
N HIS B 412 -8.22 10.87 9.30
CA HIS B 412 -8.41 9.82 10.35
C HIS B 412 -7.88 8.47 9.90
N LEU B 413 -7.99 8.18 8.60
CA LEU B 413 -7.62 6.90 8.05
C LEU B 413 -6.14 6.59 8.37
N GLN B 414 -5.24 7.57 8.16
CA GLN B 414 -3.80 7.34 8.36
C GLN B 414 -3.50 7.06 9.84
N LEU B 415 -4.11 7.79 10.79
CA LEU B 415 -3.81 7.62 12.20
C LEU B 415 -4.14 6.18 12.59
N PHE B 416 -5.34 5.74 12.18
CA PHE B 416 -5.84 4.38 12.47
C PHE B 416 -4.90 3.34 11.87
N GLU B 417 -4.58 3.50 10.58
CA GLU B 417 -3.68 2.56 9.88
C GLU B 417 -2.34 2.47 10.62
N GLU B 418 -1.74 3.60 10.99
CA GLU B 418 -0.45 3.53 11.66
C GLU B 418 -0.62 2.97 13.08
N LEU B 419 -1.68 3.35 13.80
CA LEU B 419 -1.80 2.82 15.20
C LEU B 419 -2.02 1.30 15.15
N ARG B 420 -2.77 0.83 14.13
CA ARG B 420 -2.98 -0.61 13.89
C ARG B 420 -1.65 -1.32 13.61
N ARG B 421 -0.83 -0.72 12.74
CA ARG B 421 0.44 -1.30 12.34
C ARG B 421 1.40 -1.35 13.54
N LEU B 422 1.34 -0.35 14.42
CA LEU B 422 2.28 -0.24 15.58
C LEU B 422 1.82 -1.08 16.79
N ALA B 423 0.65 -1.71 16.73
CA ALA B 423 0.10 -2.42 17.92
C ALA B 423 0.87 -3.72 18.15
N PRO B 424 1.07 -4.12 19.42
CA PRO B 424 1.62 -5.43 19.75
C PRO B 424 0.74 -6.53 19.12
N ILE B 425 1.32 -7.49 18.39
CA ILE B 425 0.51 -8.56 17.75
C ILE B 425 0.08 -9.57 18.81
N THR B 426 -1.15 -9.41 19.32
CA THR B 426 -1.79 -10.31 20.26
C THR B 426 -3.10 -10.82 19.63
N SER B 427 -3.57 -11.94 20.15
CA SER B 427 -4.87 -12.52 19.79
C SER B 427 -5.85 -12.35 20.96
N ASP B 428 -5.63 -11.31 21.79
CA ASP B 428 -6.50 -11.00 22.92
C ASP B 428 -7.84 -10.50 22.38
N PRO B 429 -8.99 -10.91 22.96
CA PRO B 429 -10.29 -10.70 22.31
C PRO B 429 -10.70 -9.23 22.28
N THR B 430 -10.44 -8.52 23.38
CA THR B 430 -10.87 -7.13 23.56
C THR B 430 -10.22 -6.22 22.52
N GLU B 431 -8.92 -6.46 22.25
CA GLU B 431 -8.16 -5.58 21.36
C GLU B 431 -8.62 -5.83 19.93
N ALA B 432 -8.83 -7.10 19.59
CA ALA B 432 -9.28 -7.52 18.26
C ALA B 432 -10.62 -6.84 17.95
N THR B 433 -11.49 -6.80 18.96
CA THR B 433 -12.84 -6.30 18.82
C THR B 433 -12.84 -4.78 18.67
N ALA B 434 -11.94 -4.12 19.40
CA ALA B 434 -11.84 -2.69 19.33
C ALA B 434 -11.31 -2.28 17.96
N VAL B 435 -10.23 -2.92 17.50
CA VAL B 435 -9.70 -2.64 16.17
C VAL B 435 -10.77 -2.91 15.11
N GLY B 436 -11.48 -4.04 15.21
CA GLY B 436 -12.53 -4.41 14.25
C GLY B 436 -13.70 -3.44 14.25
N ALA B 437 -14.03 -2.86 15.43
CA ALA B 437 -15.08 -1.86 15.50
C ALA B 437 -14.69 -0.60 14.71
N VAL B 438 -13.44 -0.19 14.86
CA VAL B 438 -12.95 1.01 14.21
C VAL B 438 -12.86 0.75 12.70
N GLU B 439 -12.33 -0.41 12.30
CA GLU B 439 -12.27 -0.83 10.86
C GLU B 439 -13.68 -0.71 10.26
N ALA B 440 -14.68 -1.28 10.95
CA ALA B 440 -16.04 -1.33 10.48
C ALA B 440 -16.66 0.07 10.45
N SER B 441 -16.24 0.96 11.36
CA SER B 441 -16.80 2.30 11.38
C SER B 441 -16.39 3.06 10.12
N PHE B 442 -15.18 2.78 9.59
CA PHE B 442 -14.72 3.39 8.36
C PHE B 442 -15.43 2.78 7.15
N LYS B 443 -15.48 1.46 7.05
CA LYS B 443 -16.09 0.72 5.92
C LYS B 443 -17.59 1.03 5.76
N CYS B 444 -18.33 1.12 6.87
CA CYS B 444 -19.78 1.36 6.87
C CYS B 444 -20.10 2.84 6.94
N CYS B 445 -19.08 3.70 6.92
CA CYS B 445 -19.35 5.15 7.12
C CYS B 445 -20.31 5.36 8.29
N SER B 446 -19.98 4.79 9.45
CA SER B 446 -20.91 4.78 10.55
C SER B 446 -21.00 6.16 11.22
N GLY B 447 -22.19 6.46 11.75
CA GLY B 447 -22.41 7.71 12.48
C GLY B 447 -21.82 7.69 13.89
N ALA B 448 -21.50 6.52 14.41
CA ALA B 448 -21.03 6.36 15.80
C ALA B 448 -20.62 4.92 16.06
N ILE B 449 -19.73 4.78 17.06
CA ILE B 449 -19.44 3.52 17.71
C ILE B 449 -20.02 3.64 19.14
N ILE B 450 -21.01 2.81 19.45
CA ILE B 450 -21.66 2.77 20.74
C ILE B 450 -20.95 1.71 21.56
N VAL B 451 -20.40 2.11 22.70
CA VAL B 451 -19.70 1.18 23.59
C VAL B 451 -20.38 1.13 24.97
N LEU B 452 -20.81 -0.06 25.40
CA LEU B 452 -21.34 -0.23 26.78
C LEU B 452 -20.15 -0.47 27.72
N THR B 453 -19.97 0.37 28.73
CA THR B 453 -18.73 0.21 29.52
C THR B 453 -19.04 0.58 30.97
N LYS B 454 -18.58 -0.25 31.90
CA LYS B 454 -18.68 0.06 33.30
C LYS B 454 -17.53 1.00 33.72
N SER B 455 -16.29 0.57 33.47
CA SER B 455 -15.07 1.29 33.97
C SER B 455 -14.65 2.38 32.99
N GLY B 456 -15.06 2.26 31.72
CA GLY B 456 -14.57 3.15 30.67
C GLY B 456 -13.54 2.49 29.78
N ARG B 457 -12.96 1.39 30.23
CA ARG B 457 -11.75 0.86 29.60
C ARG B 457 -12.02 0.49 28.13
N SER B 458 -13.11 -0.22 27.86
CA SER B 458 -13.50 -0.59 26.50
C SER B 458 -13.59 0.65 25.60
N ALA B 459 -14.27 1.71 26.06
CA ALA B 459 -14.40 2.94 25.31
C ALA B 459 -13.00 3.52 25.04
N HIS B 460 -12.13 3.52 26.06
CA HIS B 460 -10.76 4.06 25.95
C HIS B 460 -9.96 3.30 24.86
N GLN B 461 -10.14 1.99 24.78
CA GLN B 461 -9.40 1.13 23.84
C GLN B 461 -9.79 1.47 22.41
N VAL B 462 -11.06 1.85 22.19
CA VAL B 462 -11.56 2.22 20.88
C VAL B 462 -10.98 3.59 20.49
N ALA B 463 -10.98 4.51 21.44
CA ALA B 463 -10.59 5.91 21.18
C ALA B 463 -9.11 5.97 20.80
N ARG B 464 -8.31 5.03 21.34
CA ARG B 464 -6.83 4.93 21.11
C ARG B 464 -6.51 4.63 19.64
N TYR B 465 -7.49 4.10 18.88
CA TYR B 465 -7.32 3.84 17.43
C TYR B 465 -7.88 4.96 16.57
N ARG B 466 -8.44 5.98 17.20
CA ARG B 466 -8.77 7.23 16.54
C ARG B 466 -9.74 7.04 15.38
N PRO B 467 -10.99 6.57 15.63
CA PRO B 467 -11.99 6.52 14.56
C PRO B 467 -12.39 7.96 14.17
N ARG B 468 -12.95 8.13 12.98
CA ARG B 468 -13.60 9.36 12.69
C ARG B 468 -14.92 9.49 13.48
N ALA B 469 -15.72 8.42 13.53
CA ALA B 469 -17.03 8.49 14.13
C ALA B 469 -16.93 8.69 15.66
N PRO B 470 -17.81 9.50 16.27
CA PRO B 470 -17.86 9.66 17.71
C PRO B 470 -18.11 8.31 18.40
N ILE B 471 -17.52 8.16 19.58
CA ILE B 471 -17.74 7.05 20.42
C ILE B 471 -18.77 7.46 21.45
N ILE B 472 -19.97 6.84 21.43
CA ILE B 472 -20.96 7.06 22.47
C ILE B 472 -20.74 6.00 23.54
N ALA B 473 -20.19 6.44 24.68
CA ALA B 473 -19.87 5.56 25.75
C ALA B 473 -21.05 5.55 26.71
N VAL B 474 -21.78 4.42 26.78
CA VAL B 474 -22.93 4.28 27.69
C VAL B 474 -22.45 3.62 28.97
N THR B 475 -22.67 4.29 30.08
CA THR B 475 -22.28 3.77 31.40
C THR B 475 -23.38 4.11 32.39
N ARG B 476 -23.44 3.34 33.46
CA ARG B 476 -24.20 3.71 34.67
C ARG B 476 -23.27 4.23 35.77
N ASN B 477 -21.98 4.34 35.49
CA ASN B 477 -21.02 4.77 36.51
C ASN B 477 -20.73 6.25 36.30
N PRO B 478 -21.13 7.16 37.23
CA PRO B 478 -21.01 8.59 36.96
C PRO B 478 -19.56 9.08 36.78
N GLN B 479 -18.62 8.48 37.53
CA GLN B 479 -17.21 8.83 37.44
C GLN B 479 -16.64 8.35 36.09
N THR B 480 -17.00 7.13 35.66
CA THR B 480 -16.67 6.71 34.29
C THR B 480 -17.08 7.78 33.27
N ALA B 481 -18.31 8.27 33.41
CA ALA B 481 -18.87 9.25 32.49
C ALA B 481 -18.02 10.52 32.48
N ARG B 482 -17.64 11.02 33.65
CA ARG B 482 -16.89 12.27 33.75
C ARG B 482 -15.46 12.11 33.20
N GLN B 483 -14.76 11.03 33.54
CA GLN B 483 -13.37 10.85 33.19
C GLN B 483 -13.20 10.52 31.69
N ALA B 484 -14.27 10.09 30.98
CA ALA B 484 -14.23 9.78 29.52
C ALA B 484 -13.80 11.00 28.72
N HIS B 485 -14.04 12.19 29.27
CA HIS B 485 -13.78 13.39 28.54
C HIS B 485 -12.29 13.61 28.23
N LEU B 486 -11.39 12.95 28.95
CA LEU B 486 -9.95 13.08 28.69
C LEU B 486 -9.59 12.50 27.30
N TYR B 487 -10.43 11.62 26.74
CA TYR B 487 -10.10 10.96 25.48
C TYR B 487 -10.84 11.56 24.30
N ARG B 488 -10.06 11.89 23.27
CA ARG B 488 -10.60 12.46 22.07
C ARG B 488 -11.71 11.53 21.54
N GLY B 489 -12.89 12.07 21.27
CA GLY B 489 -13.90 11.33 20.51
C GLY B 489 -14.93 10.58 21.37
N ILE B 490 -14.77 10.56 22.71
CA ILE B 490 -15.73 9.88 23.56
C ILE B 490 -16.77 10.91 24.04
N PHE B 491 -18.01 10.67 23.63
CA PHE B 491 -19.16 11.35 24.10
C PHE B 491 -19.81 10.48 25.16
N PRO B 492 -19.59 10.71 26.47
CA PRO B 492 -20.17 9.84 27.49
C PRO B 492 -21.64 10.15 27.80
N VAL B 493 -22.45 9.11 28.01
CA VAL B 493 -23.81 9.28 28.37
C VAL B 493 -24.06 8.38 29.58
N LEU B 494 -24.80 8.94 30.57
CA LEU B 494 -25.06 8.33 31.86
C LEU B 494 -26.48 7.76 31.85
N CYS B 495 -26.56 6.43 31.76
CA CYS B 495 -27.81 5.74 31.74
C CYS B 495 -28.35 5.72 33.18
N LYS B 496 -29.59 6.15 33.36
CA LYS B 496 -30.23 6.35 34.68
C LYS B 496 -31.34 5.30 34.90
N ASP B 497 -31.58 4.44 33.92
CA ASP B 497 -32.57 3.39 34.06
C ASP B 497 -32.01 2.26 34.91
N PRO B 498 -32.85 1.57 35.70
CA PRO B 498 -32.39 0.42 36.48
C PRO B 498 -31.99 -0.75 35.59
N VAL B 499 -31.03 -1.55 36.05
CA VAL B 499 -30.64 -2.79 35.40
C VAL B 499 -31.90 -3.64 35.19
N GLN B 500 -32.14 -4.10 33.96
CA GLN B 500 -33.30 -4.96 33.68
C GLN B 500 -32.91 -6.38 34.04
N GLU B 501 -33.91 -7.23 34.37
CA GLU B 501 -33.64 -8.66 34.76
C GLU B 501 -32.95 -9.40 33.62
N ALA B 502 -33.51 -9.35 32.42
CA ALA B 502 -32.92 -10.07 31.25
C ALA B 502 -31.74 -9.28 30.66
N TRP B 503 -30.56 -9.89 30.59
CA TRP B 503 -29.35 -9.21 30.17
C TRP B 503 -29.46 -8.65 28.75
N ALA B 504 -29.97 -9.46 27.80
CA ALA B 504 -30.07 -8.96 26.43
C ALA B 504 -30.99 -7.75 26.40
N GLU B 505 -32.03 -7.73 27.24
CA GLU B 505 -32.94 -6.61 27.34
C GLU B 505 -32.24 -5.39 27.94
N ASP B 506 -31.29 -5.60 28.87
CA ASP B 506 -30.65 -4.50 29.50
C ASP B 506 -29.64 -3.89 28.50
N VAL B 507 -29.02 -4.75 27.70
CA VAL B 507 -28.17 -4.28 26.57
C VAL B 507 -29.01 -3.44 25.60
N ASP B 508 -30.18 -3.98 25.21
CA ASP B 508 -31.08 -3.30 24.26
C ASP B 508 -31.47 -1.92 24.81
N LEU B 509 -31.81 -1.87 26.09
CA LEU B 509 -32.13 -0.64 26.75
C LEU B 509 -30.99 0.37 26.58
N ARG B 510 -29.77 -0.02 26.90
CA ARG B 510 -28.63 0.92 26.88
C ARG B 510 -28.31 1.35 25.44
N VAL B 511 -28.36 0.40 24.50
CA VAL B 511 -28.08 0.74 23.09
C VAL B 511 -29.16 1.69 22.55
N ASN B 512 -30.42 1.49 22.95
CA ASN B 512 -31.48 2.36 22.49
C ASN B 512 -31.34 3.76 23.08
N PHE B 513 -30.85 3.86 24.33
CA PHE B 513 -30.58 5.16 24.91
C PHE B 513 -29.52 5.90 24.07
N ALA B 514 -28.47 5.20 23.69
CA ALA B 514 -27.42 5.81 22.84
C ALA B 514 -27.97 6.26 21.49
N MET B 515 -28.81 5.43 20.86
CA MET B 515 -29.41 5.78 19.56
C MET B 515 -30.20 7.08 19.68
N ASN B 516 -30.94 7.24 20.79
CA ASN B 516 -31.75 8.43 21.04
C ASN B 516 -30.87 9.68 21.24
N VAL B 517 -29.76 9.55 21.97
CA VAL B 517 -28.85 10.66 22.16
C VAL B 517 -28.24 11.06 20.79
N GLY B 518 -27.74 10.06 20.06
CA GLY B 518 -27.07 10.29 18.80
C GLY B 518 -28.00 10.96 17.79
N LYS B 519 -29.28 10.57 17.81
CA LYS B 519 -30.28 11.16 16.95
C LYS B 519 -30.55 12.59 17.38
N ALA B 520 -30.77 12.81 18.67
CA ALA B 520 -31.02 14.16 19.19
C ALA B 520 -29.85 15.10 18.87
N ARG B 521 -28.61 14.60 18.89
CA ARG B 521 -27.46 15.48 18.67
C ARG B 521 -27.13 15.57 17.18
N GLY B 522 -27.88 14.86 16.32
CA GLY B 522 -27.65 14.91 14.90
C GLY B 522 -26.44 14.09 14.44
N PHE B 523 -25.91 13.19 15.26
CA PHE B 523 -24.79 12.36 14.85
C PHE B 523 -25.19 11.41 13.70
N PHE B 524 -26.46 10.99 13.69
CA PHE B 524 -26.93 10.02 12.72
C PHE B 524 -28.45 10.07 12.74
N LYS B 525 -29.07 9.34 11.82
CA LYS B 525 -30.49 9.30 11.77
C LYS B 525 -30.92 7.91 11.32
N LYS B 526 -32.23 7.67 11.34
CA LYS B 526 -32.85 6.44 10.92
C LYS B 526 -32.21 5.94 9.62
N GLY B 527 -31.78 4.68 9.62
CA GLY B 527 -31.30 4.08 8.38
C GLY B 527 -29.79 4.15 8.22
N ASP B 528 -29.12 4.97 9.05
CA ASP B 528 -27.65 4.96 9.12
C ASP B 528 -27.26 3.67 9.83
N VAL B 529 -25.97 3.34 9.76
CA VAL B 529 -25.41 2.19 10.41
C VAL B 529 -24.55 2.70 11.57
N VAL B 530 -24.68 2.11 12.76
CA VAL B 530 -23.71 2.37 13.90
C VAL B 530 -23.07 1.04 14.25
N ILE B 531 -21.90 1.09 14.92
CA ILE B 531 -21.20 -0.06 15.43
C ILE B 531 -21.51 -0.14 16.93
N VAL B 532 -21.77 -1.34 17.46
CA VAL B 532 -22.06 -1.49 18.88
C VAL B 532 -21.13 -2.53 19.50
N LEU B 533 -20.44 -2.13 20.58
CA LEU B 533 -19.59 -3.01 21.39
C LEU B 533 -20.20 -3.28 22.77
N THR B 534 -20.32 -4.57 23.08
CA THR B 534 -20.91 -5.09 24.33
C THR B 534 -20.12 -6.30 24.79
N GLY B 535 -20.43 -6.77 25.99
CA GLY B 535 -20.06 -8.09 26.43
C GLY B 535 -21.10 -9.06 25.95
N TRP B 536 -20.94 -10.34 26.29
CA TRP B 536 -21.79 -11.37 25.77
C TRP B 536 -22.77 -11.88 26.83
N ARG B 537 -22.39 -11.83 28.10
CA ARG B 537 -23.29 -12.29 29.15
C ARG B 537 -23.06 -11.41 30.37
N PRO B 538 -23.94 -11.45 31.40
CA PRO B 538 -23.71 -10.66 32.61
C PRO B 538 -22.43 -11.16 33.29
N GLY B 539 -21.59 -10.22 33.73
CA GLY B 539 -20.43 -10.57 34.53
C GLY B 539 -19.25 -9.65 34.29
N SER B 540 -18.20 -9.87 35.11
CA SER B 540 -16.88 -9.24 34.99
C SER B 540 -16.26 -9.64 33.64
N GLY B 541 -16.80 -9.05 32.56
CA GLY B 541 -16.56 -9.50 31.20
C GLY B 541 -16.15 -8.37 30.28
N PHE B 542 -14.96 -8.50 29.70
CA PHE B 542 -14.50 -7.87 28.45
C PHE B 542 -15.65 -7.50 27.50
N THR B 543 -15.61 -6.33 26.84
CA THR B 543 -16.45 -6.16 25.64
C THR B 543 -15.79 -6.95 24.52
N ASN B 544 -16.41 -8.09 24.22
CA ASN B 544 -15.91 -9.09 23.29
C ASN B 544 -16.86 -9.22 22.09
N THR B 545 -17.95 -8.45 22.07
CA THR B 545 -19.04 -8.59 21.09
C THR B 545 -19.19 -7.31 20.26
N MET B 546 -19.08 -7.44 18.94
CA MET B 546 -19.27 -6.34 18.01
C MET B 546 -20.47 -6.64 17.12
N ARG B 547 -21.38 -5.69 17.07
CA ARG B 547 -22.54 -5.70 16.19
C ARG B 547 -22.51 -4.50 15.25
N VAL B 548 -22.93 -4.70 14.00
CA VAL B 548 -23.20 -3.62 13.07
C VAL B 548 -24.72 -3.49 12.92
N VAL B 549 -25.25 -2.32 13.28
CA VAL B 549 -26.65 -2.14 13.64
C VAL B 549 -27.23 -1.03 12.79
N PRO B 550 -28.29 -1.32 12.01
CA PRO B 550 -29.10 -0.28 11.37
C PRO B 550 -29.75 0.63 12.41
N VAL B 551 -29.59 1.94 12.34
CA VAL B 551 -30.22 2.79 13.32
C VAL B 551 -31.73 2.76 13.09
N PRO B 552 -32.58 2.51 14.12
CA PRO B 552 -34.02 2.43 13.90
C PRO B 552 -34.68 3.81 13.98
N SER C 27 13.52 -6.92 -41.54
CA SER C 27 12.19 -7.38 -42.07
C SER C 27 12.03 -8.90 -41.85
N GLU C 28 10.92 -9.30 -41.19
CA GLU C 28 10.60 -10.72 -40.81
C GLU C 28 11.42 -11.70 -41.66
N ALA C 29 12.45 -12.28 -41.04
CA ALA C 29 12.99 -13.59 -41.40
C ALA C 29 12.88 -14.47 -40.14
N GLY C 30 11.64 -14.74 -39.75
CA GLY C 30 11.33 -15.51 -38.56
C GLY C 30 9.89 -16.00 -38.56
N THR C 31 9.02 -15.16 -38.02
CA THR C 31 7.63 -15.44 -37.55
C THR C 31 7.61 -15.56 -36.02
N ALA C 32 8.75 -15.88 -35.38
CA ALA C 32 8.95 -15.49 -33.97
C ALA C 32 9.69 -14.16 -33.92
N PHE C 33 10.18 -13.71 -35.09
CA PHE C 33 10.93 -12.51 -35.16
C PHE C 33 10.07 -11.27 -34.85
N ILE C 34 8.90 -11.14 -35.49
CA ILE C 34 8.02 -9.99 -35.24
C ILE C 34 7.13 -10.33 -34.06
N GLN C 35 7.28 -9.55 -32.98
CA GLN C 35 6.49 -9.71 -31.77
C GLN C 35 5.95 -8.31 -31.42
N THR C 36 4.89 -7.93 -32.14
CA THR C 36 4.26 -6.61 -31.99
C THR C 36 3.76 -6.40 -30.57
N GLN C 37 4.29 -5.37 -29.90
CA GLN C 37 3.81 -5.02 -28.56
C GLN C 37 2.86 -3.81 -28.64
N GLN C 38 1.89 -3.78 -27.72
CA GLN C 38 1.06 -2.61 -27.44
C GLN C 38 1.41 -2.10 -26.05
N LEU C 39 1.94 -0.88 -25.97
CA LEU C 39 2.61 -0.42 -24.76
C LEU C 39 1.68 0.39 -23.84
N HIS C 40 0.51 0.81 -24.35
CA HIS C 40 -0.26 1.85 -23.66
C HIS C 40 -1.63 1.31 -23.22
N ALA C 41 -1.60 0.42 -22.22
CA ALA C 41 -2.74 0.05 -21.39
C ALA C 41 -2.27 0.11 -19.93
N ALA C 42 -3.19 0.39 -19.01
CA ALA C 42 -2.90 0.44 -17.56
C ALA C 42 -2.68 -0.99 -17.06
N MET C 43 -1.61 -1.21 -16.28
CA MET C 43 -1.47 -2.47 -15.53
C MET C 43 -2.44 -2.40 -14.35
N ALA C 44 -3.25 -3.45 -14.16
CA ALA C 44 -4.28 -3.53 -13.10
C ALA C 44 -3.66 -3.31 -11.72
N ASP C 45 -4.50 -2.89 -10.78
CA ASP C 45 -4.05 -2.55 -9.42
C ASP C 45 -4.01 -3.81 -8.54
N THR C 46 -4.67 -4.89 -8.94
CA THR C 46 -4.64 -6.15 -8.20
C THR C 46 -4.31 -7.31 -9.15
N PHE C 47 -3.79 -8.39 -8.58
CA PHE C 47 -3.58 -9.64 -9.29
C PHE C 47 -4.91 -10.21 -9.75
N LEU C 48 -5.91 -10.15 -8.86
CA LEU C 48 -7.24 -10.64 -9.17
C LEU C 48 -7.81 -9.93 -10.41
N GLU C 49 -7.77 -8.59 -10.45
CA GLU C 49 -8.28 -7.84 -11.60
C GLU C 49 -7.50 -8.23 -12.88
N HIS C 50 -6.19 -8.45 -12.75
CA HIS C 50 -5.36 -8.82 -13.90
C HIS C 50 -5.89 -10.12 -14.48
N MET C 51 -6.28 -11.08 -13.63
CA MET C 51 -6.80 -12.38 -14.08
C MET C 51 -8.18 -12.21 -14.71
N CYS C 52 -9.01 -11.35 -14.10
CA CYS C 52 -10.36 -11.12 -14.54
C CYS C 52 -10.38 -10.48 -15.94
N ARG C 53 -9.34 -9.71 -16.30
CA ARG C 53 -9.23 -8.97 -17.58
C ARG C 53 -8.59 -9.83 -18.68
N LEU C 54 -8.14 -11.06 -18.38
CA LEU C 54 -7.56 -11.94 -19.42
C LEU C 54 -8.58 -12.12 -20.55
N ASP C 55 -8.11 -12.07 -21.81
CA ASP C 55 -9.00 -12.11 -22.98
C ASP C 55 -8.41 -13.03 -24.05
N ILE C 56 -9.07 -14.17 -24.26
CA ILE C 56 -8.57 -15.15 -25.16
C ILE C 56 -8.72 -14.71 -26.62
N ASP C 57 -9.48 -13.65 -26.86
CA ASP C 57 -9.88 -13.26 -28.19
C ASP C 57 -8.92 -12.19 -28.74
N SER C 58 -8.04 -11.65 -27.89
CA SER C 58 -7.15 -10.60 -28.35
C SER C 58 -5.74 -11.15 -28.50
N PRO C 59 -4.92 -10.62 -29.43
CA PRO C 59 -3.54 -11.09 -29.58
C PRO C 59 -2.67 -10.70 -28.38
N PRO C 60 -1.60 -11.45 -28.04
CA PRO C 60 -0.73 -11.00 -26.94
C PRO C 60 -0.16 -9.62 -27.28
N ILE C 61 -0.01 -8.79 -26.25
CA ILE C 61 0.46 -7.40 -26.40
C ILE C 61 1.91 -7.27 -25.92
N THR C 62 2.46 -8.39 -25.41
CA THR C 62 3.80 -8.50 -24.84
C THR C 62 4.67 -9.31 -25.82
N ALA C 63 5.99 -9.18 -25.75
CA ALA C 63 6.87 -10.09 -26.46
C ALA C 63 6.96 -11.41 -25.67
N ARG C 64 7.51 -12.46 -26.32
CA ARG C 64 7.83 -13.73 -25.61
C ARG C 64 9.18 -13.59 -24.90
N ASN C 65 9.13 -13.50 -23.58
CA ASN C 65 10.30 -13.22 -22.75
C ASN C 65 11.00 -14.49 -22.19
N THR C 66 10.33 -15.62 -22.07
CA THR C 66 11.03 -16.81 -21.58
C THR C 66 11.84 -17.41 -22.76
N GLY C 67 13.05 -17.89 -22.47
CA GLY C 67 13.89 -18.56 -23.43
C GLY C 67 13.36 -19.94 -23.81
N ILE C 68 13.63 -20.36 -25.04
CA ILE C 68 13.28 -21.66 -25.46
C ILE C 68 14.57 -22.46 -25.69
N ILE C 69 14.68 -23.59 -24.99
CA ILE C 69 15.82 -24.48 -25.16
C ILE C 69 15.29 -25.74 -25.89
N CYS C 70 15.84 -26.07 -27.07
CA CYS C 70 15.49 -27.30 -27.83
C CYS C 70 16.66 -28.29 -27.87
N THR C 71 16.38 -29.55 -27.49
CA THR C 71 17.28 -30.68 -27.61
C THR C 71 17.36 -31.04 -29.10
N ILE C 72 18.60 -31.02 -29.61
CA ILE C 72 18.92 -31.37 -30.96
C ILE C 72 19.35 -32.84 -31.05
N GLY C 73 18.71 -33.56 -31.95
CA GLY C 73 19.00 -34.98 -32.21
C GLY C 73 18.66 -35.33 -33.65
N PRO C 74 18.50 -36.62 -33.98
CA PRO C 74 18.24 -37.06 -35.37
C PRO C 74 17.15 -36.26 -36.10
N ALA C 75 16.04 -35.93 -35.43
CA ALA C 75 14.95 -35.20 -36.11
C ALA C 75 15.33 -33.73 -36.37
N SER C 76 16.33 -33.18 -35.66
CA SER C 76 16.53 -31.72 -35.73
C SER C 76 17.91 -31.27 -36.19
N ARG C 77 18.87 -32.19 -36.40
CA ARG C 77 20.30 -31.79 -36.46
C ARG C 77 20.73 -31.27 -37.83
N SER C 78 19.87 -31.39 -38.84
CA SER C 78 20.25 -30.86 -40.17
C SER C 78 20.25 -29.33 -40.12
N VAL C 79 21.14 -28.73 -40.91
CA VAL C 79 21.30 -27.31 -40.99
C VAL C 79 19.96 -26.63 -41.36
N GLU C 80 19.20 -27.29 -42.25
CA GLU C 80 17.95 -26.76 -42.80
C GLU C 80 16.86 -26.65 -41.72
N THR C 81 16.66 -27.71 -40.93
CA THR C 81 15.67 -27.70 -39.86
C THR C 81 16.08 -26.71 -38.76
N LEU C 82 17.38 -26.64 -38.47
CA LEU C 82 17.91 -25.76 -37.47
C LEU C 82 17.63 -24.31 -37.84
N LYS C 83 17.83 -23.92 -39.11
CA LYS C 83 17.51 -22.60 -39.56
C LYS C 83 16.06 -22.21 -39.24
N GLU C 84 15.11 -23.12 -39.51
CA GLU C 84 13.70 -22.87 -39.28
C GLU C 84 13.39 -22.90 -37.77
N MET C 85 14.16 -23.69 -37.01
CA MET C 85 13.98 -23.71 -35.59
C MET C 85 14.43 -22.37 -34.98
N ILE C 86 15.55 -21.80 -35.43
CA ILE C 86 15.96 -20.46 -35.01
C ILE C 86 14.86 -19.43 -35.34
N LYS C 87 14.30 -19.49 -36.56
CA LYS C 87 13.28 -18.53 -37.02
C LYS C 87 12.02 -18.64 -36.18
N SER C 88 11.72 -19.84 -35.68
CA SER C 88 10.52 -20.09 -34.88
C SER C 88 10.70 -19.81 -33.38
N GLY C 89 11.91 -19.52 -32.91
CA GLY C 89 12.06 -19.08 -31.53
C GLY C 89 13.15 -19.77 -30.70
N MET C 90 13.87 -20.75 -31.25
CA MET C 90 14.89 -21.49 -30.52
C MET C 90 16.02 -20.54 -30.15
N ASN C 91 16.36 -20.50 -28.87
CA ASN C 91 17.41 -19.64 -28.33
C ASN C 91 18.65 -20.44 -27.94
N VAL C 92 18.47 -21.70 -27.52
CA VAL C 92 19.50 -22.58 -26.98
C VAL C 92 19.31 -23.98 -27.58
N ALA C 93 20.40 -24.54 -28.13
CA ALA C 93 20.54 -25.94 -28.54
C ALA C 93 21.16 -26.81 -27.42
N ARG C 94 20.39 -27.74 -26.87
CA ARG C 94 20.80 -28.68 -25.90
C ARG C 94 21.25 -29.99 -26.59
N LEU C 95 22.44 -30.45 -26.17
CA LEU C 95 22.98 -31.77 -26.54
C LEU C 95 22.95 -32.71 -25.33
N ASN C 96 22.24 -33.84 -25.50
CA ASN C 96 22.02 -34.84 -24.47
C ASN C 96 23.08 -35.94 -24.62
N PHE C 97 24.13 -35.89 -23.77
CA PHE C 97 25.24 -36.79 -23.89
C PHE C 97 24.89 -38.17 -23.31
N SER C 98 23.62 -38.40 -22.97
CA SER C 98 23.17 -39.70 -22.46
C SER C 98 23.42 -40.79 -23.52
N HIS C 99 23.38 -40.41 -24.79
CA HIS C 99 23.69 -41.28 -25.90
C HIS C 99 24.53 -40.47 -26.89
N GLY C 100 25.01 -41.14 -27.95
CA GLY C 100 25.79 -40.51 -29.03
C GLY C 100 27.25 -40.43 -28.67
N THR C 101 28.09 -40.36 -29.70
CA THR C 101 29.53 -40.28 -29.53
C THR C 101 29.93 -38.80 -29.50
N HIS C 102 31.20 -38.51 -29.11
CA HIS C 102 31.76 -37.16 -29.25
C HIS C 102 31.67 -36.68 -30.70
N GLU C 103 31.95 -37.56 -31.66
CA GLU C 103 31.94 -37.18 -33.11
C GLU C 103 30.52 -36.82 -33.61
N TYR C 104 29.50 -37.61 -33.27
CA TYR C 104 28.07 -37.33 -33.54
C TYR C 104 27.69 -35.96 -32.94
N HIS C 105 27.99 -35.75 -31.65
CA HIS C 105 27.66 -34.44 -30.98
C HIS C 105 28.44 -33.26 -31.60
N ALA C 106 29.71 -33.47 -31.99
CA ALA C 106 30.53 -32.39 -32.65
C ALA C 106 29.94 -31.97 -34.01
N GLU C 107 29.37 -32.90 -34.76
CA GLU C 107 28.76 -32.47 -35.99
C GLU C 107 27.41 -31.76 -35.71
N THR C 108 26.61 -32.20 -34.75
CA THR C 108 25.42 -31.47 -34.37
C THR C 108 25.81 -30.00 -34.10
N ILE C 109 26.80 -29.81 -33.25
CA ILE C 109 27.24 -28.47 -32.82
C ILE C 109 27.65 -27.65 -34.04
N LYS C 110 28.42 -28.28 -34.94
CA LYS C 110 28.81 -27.62 -36.20
C LYS C 110 27.57 -27.20 -37.03
N ASN C 111 26.53 -28.03 -37.09
CA ASN C 111 25.35 -27.66 -37.90
C ASN C 111 24.58 -26.48 -37.24
N VAL C 112 24.55 -26.47 -35.90
CA VAL C 112 23.89 -25.40 -35.14
C VAL C 112 24.53 -24.06 -35.48
N ARG C 113 25.87 -24.04 -35.49
CA ARG C 113 26.62 -22.83 -35.79
C ARG C 113 26.48 -22.41 -37.26
N THR C 114 26.54 -23.37 -38.20
CA THR C 114 26.25 -23.04 -39.61
C THR C 114 24.86 -22.41 -39.74
N ALA C 115 23.84 -22.99 -39.13
CA ALA C 115 22.48 -22.40 -39.20
C ALA C 115 22.46 -20.99 -38.59
N THR C 116 23.15 -20.85 -37.44
CA THR C 116 23.11 -19.60 -36.69
C THR C 116 23.79 -18.54 -37.51
N GLU C 117 24.94 -18.88 -38.11
CA GLU C 117 25.73 -17.86 -38.81
C GLU C 117 25.12 -17.52 -40.19
N SER C 118 24.21 -18.33 -40.72
CA SER C 118 23.51 -18.00 -41.99
C SER C 118 22.74 -16.67 -41.86
N PHE C 119 22.47 -16.20 -40.63
CA PHE C 119 21.71 -14.94 -40.43
C PHE C 119 22.60 -13.72 -40.15
N ALA C 120 23.93 -13.93 -40.02
CA ALA C 120 24.88 -12.90 -39.63
C ALA C 120 25.00 -11.79 -40.70
N SER C 121 24.77 -12.14 -41.96
CA SER C 121 24.88 -11.17 -43.05
C SER C 121 24.04 -9.91 -42.78
N ASP C 122 22.93 -10.03 -42.02
CA ASP C 122 22.10 -8.86 -41.60
C ASP C 122 22.01 -8.76 -40.08
N PRO C 123 22.79 -7.87 -39.45
CA PRO C 123 22.94 -7.89 -37.99
C PRO C 123 21.62 -7.63 -37.25
N ILE C 124 20.69 -6.94 -37.93
CA ILE C 124 19.38 -6.70 -37.41
C ILE C 124 18.58 -8.01 -37.35
N LEU C 125 18.76 -8.95 -38.28
CA LEU C 125 18.03 -10.22 -38.24
C LEU C 125 18.78 -11.30 -37.43
N TYR C 126 20.05 -11.06 -37.07
CA TYR C 126 20.88 -12.06 -36.40
C TYR C 126 20.38 -12.28 -34.98
N ARG C 127 20.13 -13.55 -34.66
CA ARG C 127 19.73 -13.99 -33.35
C ARG C 127 20.80 -14.90 -32.78
N PRO C 128 21.52 -14.50 -31.70
CA PRO C 128 22.50 -15.39 -31.10
C PRO C 128 21.83 -16.69 -30.65
N VAL C 129 22.54 -17.80 -30.77
CA VAL C 129 22.06 -19.10 -30.31
C VAL C 129 23.15 -19.76 -29.45
N ALA C 130 22.80 -20.17 -28.23
CA ALA C 130 23.70 -20.78 -27.33
C ALA C 130 23.72 -22.30 -27.57
N VAL C 131 24.85 -22.90 -27.17
CA VAL C 131 25.08 -24.36 -27.15
C VAL C 131 25.24 -24.83 -25.70
N ALA C 132 24.38 -25.77 -25.28
CA ALA C 132 24.38 -26.36 -23.98
C ALA C 132 24.68 -27.86 -24.08
N LEU C 133 25.56 -28.31 -23.17
CA LEU C 133 25.96 -29.69 -23.07
C LEU C 133 25.34 -30.31 -21.81
N ASP C 134 24.48 -31.33 -22.00
CA ASP C 134 23.76 -31.97 -20.92
C ASP C 134 24.45 -33.32 -20.66
N THR C 135 25.19 -33.42 -19.54
CA THR C 135 25.94 -34.67 -19.21
C THR C 135 24.97 -35.84 -18.92
N LYS C 136 25.47 -37.05 -19.15
CA LYS C 136 24.76 -38.28 -18.78
C LYS C 136 24.62 -38.34 -17.27
N GLY C 137 25.74 -38.10 -16.56
CA GLY C 137 25.71 -38.02 -15.12
C GLY C 137 25.83 -39.39 -14.44
N PRO C 138 25.83 -39.45 -13.10
CA PRO C 138 25.96 -40.71 -12.39
C PRO C 138 24.62 -41.47 -12.47
N GLU C 139 24.72 -42.79 -12.63
CA GLU C 139 23.62 -43.72 -12.89
C GLU C 139 23.86 -44.99 -12.07
N ILE C 140 22.75 -45.62 -11.66
CA ILE C 140 22.70 -46.99 -11.19
C ILE C 140 22.00 -47.81 -12.29
N ARG C 141 22.68 -48.83 -12.79
CA ARG C 141 22.21 -49.69 -13.88
C ARG C 141 22.19 -51.17 -13.40
N THR C 142 21.24 -51.92 -13.94
CA THR C 142 21.12 -53.36 -13.72
C THR C 142 22.03 -54.09 -14.71
N GLY C 143 22.20 -55.40 -14.50
CA GLY C 143 22.98 -56.27 -15.42
C GLY C 143 22.13 -56.80 -16.56
N LEU C 144 22.66 -57.84 -17.24
CA LEU C 144 22.04 -58.45 -18.45
C LEU C 144 21.13 -59.62 -18.05
N ILE C 145 20.11 -59.88 -18.90
CA ILE C 145 19.16 -61.02 -18.79
C ILE C 145 19.69 -62.17 -19.69
N LYS C 146 20.86 -62.72 -19.31
CA LYS C 146 21.78 -63.38 -20.27
C LYS C 146 22.01 -62.47 -21.47
N THR C 150 17.90 -58.28 -27.20
CA THR C 150 18.17 -58.65 -25.83
C THR C 150 16.87 -59.23 -25.24
N ALA C 151 17.02 -59.90 -24.08
CA ALA C 151 15.96 -60.68 -23.47
C ALA C 151 15.29 -59.88 -22.38
N GLU C 152 14.03 -60.23 -22.07
CA GLU C 152 13.24 -59.65 -20.97
C GLU C 152 12.69 -60.80 -20.11
N VAL C 153 12.39 -60.52 -18.84
CA VAL C 153 11.68 -61.45 -17.95
C VAL C 153 10.57 -60.66 -17.26
N GLU C 154 9.46 -61.35 -16.99
CA GLU C 154 8.29 -60.73 -16.46
C GLU C 154 8.32 -60.88 -14.95
N LEU C 155 8.44 -59.75 -14.24
CA LEU C 155 8.34 -59.68 -12.80
C LEU C 155 6.87 -59.52 -12.40
N LYS C 156 6.47 -60.26 -11.38
CA LYS C 156 5.09 -60.33 -11.01
C LYS C 156 4.96 -59.79 -9.57
N LYS C 157 3.90 -59.00 -9.34
CA LYS C 157 3.65 -58.38 -8.04
C LYS C 157 3.62 -59.45 -6.96
N GLY C 158 4.13 -59.12 -5.77
CA GLY C 158 4.08 -60.01 -4.61
C GLY C 158 5.29 -60.94 -4.54
N ALA C 159 5.77 -61.38 -5.72
CA ALA C 159 6.96 -62.23 -5.85
C ALA C 159 8.16 -61.58 -5.18
N THR C 160 9.15 -62.41 -4.82
CA THR C 160 10.40 -61.92 -4.22
C THR C 160 11.46 -61.82 -5.32
N LEU C 161 12.22 -60.71 -5.26
CA LEU C 161 13.38 -60.47 -6.10
C LEU C 161 14.56 -60.23 -5.15
N LYS C 162 15.66 -60.93 -5.42
CA LYS C 162 16.89 -60.76 -4.68
C LYS C 162 17.81 -59.89 -5.53
N ILE C 163 18.26 -58.77 -4.94
CA ILE C 163 19.27 -57.90 -5.50
C ILE C 163 20.63 -58.27 -4.88
N THR C 164 21.59 -58.58 -5.76
CA THR C 164 22.92 -58.98 -5.37
C THR C 164 23.94 -58.05 -6.02
N LEU C 165 25.00 -57.74 -5.25
CA LEU C 165 26.16 -57.01 -5.75
C LEU C 165 27.18 -57.98 -6.34
N ASP C 166 27.25 -59.22 -5.80
CA ASP C 166 28.06 -60.35 -6.32
C ASP C 166 28.08 -60.32 -7.87
N ASN C 167 29.26 -60.08 -8.43
CA ASN C 167 29.49 -59.91 -9.86
C ASN C 167 29.39 -61.26 -10.58
N ALA C 168 29.47 -62.36 -9.82
CA ALA C 168 29.25 -63.72 -10.34
C ALA C 168 27.75 -63.96 -10.55
N TYR C 169 27.18 -63.19 -11.48
CA TYR C 169 25.73 -62.93 -11.59
C TYR C 169 25.48 -61.65 -12.41
N MET C 170 26.55 -60.92 -12.72
CA MET C 170 26.48 -59.71 -13.51
C MET C 170 25.68 -59.96 -14.79
N GLU C 171 25.95 -61.09 -15.45
CA GLU C 171 25.41 -61.37 -16.81
C GLU C 171 24.20 -62.31 -16.76
N LYS C 172 23.75 -62.69 -15.55
CA LYS C 172 22.71 -63.70 -15.38
C LYS C 172 21.62 -63.17 -14.44
N CYS C 173 21.10 -61.96 -14.75
CA CYS C 173 19.89 -61.45 -14.12
C CYS C 173 18.69 -62.22 -14.70
N ASP C 174 17.68 -62.46 -13.85
CA ASP C 174 16.41 -63.05 -14.26
C ASP C 174 15.36 -62.72 -13.20
N GLU C 175 14.30 -63.53 -13.12
CA GLU C 175 13.11 -63.15 -12.38
C GLU C 175 13.31 -63.41 -10.89
N ASN C 176 14.41 -64.10 -10.52
CA ASN C 176 14.77 -64.38 -9.11
C ASN C 176 15.92 -63.49 -8.60
N ILE C 177 16.93 -63.21 -9.43
CA ILE C 177 18.04 -62.36 -8.97
C ILE C 177 18.35 -61.25 -9.99
N LEU C 178 18.72 -60.10 -9.41
CA LEU C 178 19.07 -58.87 -10.13
C LEU C 178 20.35 -58.28 -9.55
N TRP C 179 21.34 -58.11 -10.43
CA TRP C 179 22.59 -57.41 -10.18
C TRP C 179 22.48 -55.95 -10.67
N LEU C 180 22.85 -55.00 -9.78
CA LEU C 180 23.04 -53.53 -10.03
C LEU C 180 24.54 -53.21 -9.86
N ASP C 181 25.01 -52.10 -10.46
CA ASP C 181 26.45 -51.68 -10.40
C ASP C 181 26.71 -50.67 -9.27
N TYR C 182 25.77 -50.49 -8.33
CA TYR C 182 25.98 -49.52 -7.23
C TYR C 182 26.34 -50.31 -5.95
N LYS C 183 27.65 -50.36 -5.68
CA LYS C 183 28.25 -51.27 -4.74
C LYS C 183 27.86 -50.88 -3.30
N ASN C 184 27.35 -49.66 -3.11
CA ASN C 184 26.99 -49.18 -1.80
C ASN C 184 25.47 -49.22 -1.55
N ILE C 185 24.65 -49.79 -2.46
CA ILE C 185 23.16 -49.73 -2.26
C ILE C 185 22.82 -49.98 -0.79
N CYS C 186 23.44 -51.04 -0.22
CA CYS C 186 23.07 -51.58 1.10
C CYS C 186 23.31 -50.56 2.21
N LYS C 187 24.46 -49.89 2.22
CA LYS C 187 24.74 -48.78 3.15
C LYS C 187 23.55 -47.79 3.21
N VAL C 188 22.89 -47.59 2.06
CA VAL C 188 22.14 -46.39 1.83
C VAL C 188 20.63 -46.65 1.90
N VAL C 189 20.24 -47.93 1.99
CA VAL C 189 18.83 -48.31 1.96
C VAL C 189 18.47 -49.01 3.28
N GLU C 190 17.17 -49.11 3.58
CA GLU C 190 16.67 -49.82 4.76
C GLU C 190 15.50 -50.71 4.39
N VAL C 191 15.05 -51.51 5.36
CA VAL C 191 13.79 -52.26 5.26
C VAL C 191 12.64 -51.24 5.22
N GLY C 192 11.75 -51.42 4.24
CA GLY C 192 10.71 -50.42 3.91
C GLY C 192 11.02 -49.65 2.64
N SER C 193 12.32 -49.42 2.36
CA SER C 193 12.82 -48.56 1.25
C SER C 193 12.33 -49.05 -0.11
N LYS C 194 11.98 -48.10 -0.99
CA LYS C 194 11.60 -48.40 -2.34
C LYS C 194 12.84 -48.38 -3.25
N ILE C 195 12.77 -49.18 -4.31
CA ILE C 195 13.73 -49.23 -5.38
C ILE C 195 12.94 -49.29 -6.69
N TYR C 196 13.16 -48.29 -7.56
CA TYR C 196 12.53 -48.20 -8.87
C TYR C 196 13.57 -48.61 -9.92
N VAL C 197 13.10 -49.31 -10.96
CA VAL C 197 13.92 -49.81 -12.06
C VAL C 197 13.27 -49.40 -13.39
N ASP C 198 14.09 -49.22 -14.43
CA ASP C 198 13.62 -48.76 -15.79
C ASP C 198 12.65 -47.57 -15.66
N ASP C 199 13.16 -46.44 -15.17
CA ASP C 199 12.45 -45.13 -15.19
C ASP C 199 11.12 -45.25 -14.45
N GLY C 200 11.11 -45.92 -13.29
CA GLY C 200 9.91 -45.99 -12.44
C GLY C 200 8.87 -47.05 -12.85
N LEU C 201 9.11 -47.81 -13.93
CA LEU C 201 8.10 -48.83 -14.38
C LEU C 201 7.92 -49.90 -13.28
N ILE C 202 9.03 -50.44 -12.77
CA ILE C 202 9.04 -51.53 -11.78
C ILE C 202 9.43 -50.98 -10.41
N SER C 203 8.63 -51.32 -9.40
CA SER C 203 8.81 -50.89 -8.04
C SER C 203 9.08 -52.12 -7.18
N LEU C 204 10.08 -52.01 -6.31
CA LEU C 204 10.42 -52.99 -5.31
C LEU C 204 10.43 -52.30 -3.94
N GLN C 205 9.90 -52.99 -2.91
CA GLN C 205 10.11 -52.58 -1.52
C GLN C 205 11.04 -53.61 -0.88
N VAL C 206 12.02 -53.15 -0.09
CA VAL C 206 13.00 -54.08 0.49
C VAL C 206 12.41 -54.64 1.80
N LYS C 207 12.48 -55.97 1.93
CA LYS C 207 11.84 -56.73 3.00
C LYS C 207 12.90 -57.30 3.96
N GLN C 208 14.07 -57.71 3.45
CA GLN C 208 15.23 -58.08 4.31
C GLN C 208 16.51 -57.46 3.76
N LYS C 209 17.32 -56.94 4.67
CA LYS C 209 18.53 -56.17 4.37
C LYS C 209 19.76 -57.02 4.72
N GLY C 210 20.39 -57.59 3.69
CA GLY C 210 21.63 -58.32 3.85
C GLY C 210 22.82 -57.38 3.85
N ALA C 211 24.01 -57.97 3.82
CA ALA C 211 25.24 -57.20 3.73
C ALA C 211 25.57 -56.89 2.25
N ASP C 212 25.51 -57.93 1.41
CA ASP C 212 25.93 -57.90 0.00
C ASP C 212 24.69 -57.99 -0.92
N PHE C 213 23.50 -57.96 -0.32
CA PHE C 213 22.28 -58.37 -1.00
C PHE C 213 21.06 -57.75 -0.31
N LEU C 214 19.97 -57.63 -1.09
CA LEU C 214 18.64 -57.27 -0.58
C LEU C 214 17.66 -58.31 -1.11
N VAL C 215 16.60 -58.58 -0.35
CA VAL C 215 15.44 -59.31 -0.89
C VAL C 215 14.21 -58.41 -0.73
N THR C 216 13.42 -58.33 -1.82
CA THR C 216 12.41 -57.32 -1.99
C THR C 216 11.13 -57.96 -2.56
N GLU C 217 9.97 -57.42 -2.18
CA GLU C 217 8.70 -57.73 -2.84
C GLU C 217 8.50 -56.83 -4.08
N VAL C 218 8.32 -57.44 -5.25
CA VAL C 218 7.84 -56.73 -6.41
C VAL C 218 6.49 -56.11 -6.06
N GLU C 219 6.44 -54.78 -5.98
CA GLU C 219 5.20 -54.07 -5.65
C GLU C 219 4.38 -53.83 -6.92
N ASN C 220 5.06 -53.60 -8.06
CA ASN C 220 4.41 -53.09 -9.26
C ASN C 220 4.33 -54.19 -10.33
N GLY C 221 5.48 -54.57 -10.88
CA GLY C 221 5.54 -55.64 -11.86
C GLY C 221 5.59 -55.11 -13.28
N GLY C 222 6.12 -55.92 -14.18
CA GLY C 222 6.25 -55.58 -15.59
C GLY C 222 7.42 -56.31 -16.20
N SER C 223 7.72 -55.97 -17.45
CA SER C 223 8.80 -56.61 -18.16
C SER C 223 10.10 -55.83 -17.91
N LEU C 224 11.10 -56.53 -17.37
CA LEU C 224 12.42 -56.03 -16.99
C LEU C 224 13.40 -56.44 -18.09
N GLY C 225 14.08 -55.44 -18.67
CA GLY C 225 15.06 -55.65 -19.72
C GLY C 225 16.48 -55.68 -19.18
N SER C 226 17.43 -55.60 -20.12
CA SER C 226 18.89 -55.55 -19.85
C SER C 226 19.32 -54.09 -19.60
N LYS C 227 20.15 -53.89 -18.57
CA LYS C 227 20.94 -52.65 -18.34
C LYS C 227 20.00 -51.42 -18.32
N LYS C 228 19.11 -51.40 -17.33
CA LYS C 228 18.10 -50.37 -17.19
C LYS C 228 18.43 -49.52 -15.97
N GLY C 229 17.91 -48.28 -15.93
CA GLY C 229 18.23 -47.30 -14.86
C GLY C 229 17.49 -47.60 -13.56
N VAL C 230 18.13 -47.31 -12.42
CA VAL C 230 17.55 -47.54 -11.09
C VAL C 230 17.52 -46.23 -10.29
N ASN C 231 16.41 -46.02 -9.58
CA ASN C 231 16.26 -44.86 -8.69
C ASN C 231 15.98 -45.35 -7.27
N LEU C 232 16.58 -44.68 -6.29
CA LEU C 232 16.42 -44.92 -4.86
C LEU C 232 15.76 -43.72 -4.17
N PRO C 233 14.42 -43.63 -4.14
CA PRO C 233 13.74 -42.50 -3.52
C PRO C 233 14.11 -42.32 -2.06
N GLY C 234 14.44 -41.08 -1.67
CA GLY C 234 14.72 -40.77 -0.30
C GLY C 234 16.11 -41.21 0.16
N ALA C 235 16.83 -42.02 -0.63
CA ALA C 235 18.18 -42.49 -0.26
C ALA C 235 19.26 -41.48 -0.66
N ALA C 236 20.16 -41.19 0.28
CA ALA C 236 21.28 -40.27 0.03
C ALA C 236 22.34 -41.02 -0.78
N VAL C 237 22.10 -41.09 -2.10
CA VAL C 237 22.96 -41.79 -3.06
C VAL C 237 24.33 -41.13 -3.05
N ASP C 238 25.40 -41.96 -3.03
CA ASP C 238 26.80 -41.57 -2.71
C ASP C 238 27.70 -41.63 -3.96
N LEU C 239 27.15 -41.94 -5.13
CA LEU C 239 27.93 -41.99 -6.36
C LEU C 239 28.69 -40.68 -6.54
N PRO C 240 29.77 -40.66 -7.37
CA PRO C 240 30.53 -39.46 -7.63
C PRO C 240 29.71 -38.41 -8.40
N ALA C 241 29.92 -37.14 -8.05
CA ALA C 241 29.33 -35.97 -8.68
C ALA C 241 29.46 -36.06 -10.21
N VAL C 242 30.64 -36.48 -10.65
CA VAL C 242 31.03 -36.50 -12.03
C VAL C 242 31.55 -37.91 -12.36
N SER C 243 30.86 -38.68 -13.21
CA SER C 243 31.38 -40.02 -13.69
C SER C 243 32.58 -39.81 -14.62
N GLU C 244 33.27 -40.92 -14.87
CA GLU C 244 34.38 -41.04 -15.86
C GLU C 244 33.91 -40.48 -17.21
N LYS C 245 32.70 -40.87 -17.63
CA LYS C 245 32.17 -40.44 -18.91
C LYS C 245 31.97 -38.91 -18.94
N ASP C 246 31.46 -38.34 -17.84
CA ASP C 246 31.25 -36.90 -17.66
C ASP C 246 32.57 -36.11 -17.74
N ILE C 247 33.66 -36.62 -17.17
CA ILE C 247 34.98 -35.89 -17.27
C ILE C 247 35.38 -35.71 -18.74
N GLN C 248 35.27 -36.78 -19.52
CA GLN C 248 35.51 -36.78 -20.97
C GLN C 248 34.56 -35.77 -21.66
N ASP C 249 33.27 -35.82 -21.28
CA ASP C 249 32.23 -34.99 -21.93
C ASP C 249 32.49 -33.51 -21.60
N LEU C 250 32.89 -33.20 -20.35
CA LEU C 250 33.15 -31.82 -19.94
C LEU C 250 34.37 -31.23 -20.66
N LYS C 251 35.45 -32.02 -20.79
CA LYS C 251 36.63 -31.57 -21.53
C LYS C 251 36.25 -31.30 -22.99
N PHE C 252 35.49 -32.19 -23.60
CA PHE C 252 34.95 -31.95 -24.96
C PHE C 252 34.14 -30.64 -24.99
N GLY C 253 33.33 -30.41 -23.97
CA GLY C 253 32.59 -29.18 -23.87
C GLY C 253 33.49 -27.97 -24.00
N VAL C 254 34.58 -27.95 -23.20
CA VAL C 254 35.56 -26.86 -23.24
C VAL C 254 36.16 -26.71 -24.64
N GLU C 255 36.59 -27.82 -25.24
CA GLU C 255 37.22 -27.80 -26.58
C GLU C 255 36.21 -27.28 -27.60
N GLN C 256 34.93 -27.61 -27.42
CA GLN C 256 33.91 -27.24 -28.42
C GLN C 256 33.36 -25.84 -28.10
N ASP C 257 33.79 -25.22 -26.99
CA ASP C 257 33.40 -23.81 -26.66
C ASP C 257 31.88 -23.74 -26.45
N VAL C 258 31.31 -24.67 -25.71
CA VAL C 258 29.95 -24.60 -25.26
C VAL C 258 29.74 -23.39 -24.33
N ASP C 259 28.48 -22.96 -24.23
CA ASP C 259 28.09 -21.76 -23.48
C ASP C 259 27.73 -22.14 -22.05
N MET C 260 27.24 -23.36 -21.87
CA MET C 260 26.73 -23.81 -20.61
C MET C 260 26.77 -25.33 -20.55
N VAL C 261 26.76 -25.82 -19.32
CA VAL C 261 26.67 -27.24 -19.05
C VAL C 261 25.47 -27.43 -18.14
N PHE C 262 24.68 -28.46 -18.42
CA PHE C 262 23.65 -28.87 -17.53
C PHE C 262 24.16 -30.14 -16.83
N ALA C 263 24.42 -30.03 -15.53
CA ALA C 263 25.09 -31.06 -14.79
C ALA C 263 24.04 -31.94 -14.08
N SER C 264 24.12 -33.25 -14.28
CA SER C 264 23.04 -34.16 -13.82
C SER C 264 23.20 -34.54 -12.35
N PHE C 265 22.05 -34.77 -11.74
CA PHE C 265 21.94 -35.49 -10.51
C PHE C 265 22.77 -34.81 -9.42
N ILE C 266 22.65 -33.47 -9.35
CA ILE C 266 23.31 -32.68 -8.36
C ILE C 266 22.57 -32.81 -7.02
N ARG C 267 23.31 -33.18 -5.96
CA ARG C 267 22.73 -33.53 -4.69
C ARG C 267 23.25 -32.58 -3.62
N LYS C 268 24.33 -31.86 -3.90
CA LYS C 268 24.95 -31.05 -2.84
C LYS C 268 26.03 -30.15 -3.43
N ALA C 269 26.45 -29.17 -2.62
CA ALA C 269 27.32 -28.08 -3.13
C ALA C 269 28.60 -28.66 -3.73
N SER C 270 29.14 -29.71 -3.09
CA SER C 270 30.44 -30.30 -3.51
C SER C 270 30.32 -30.93 -4.90
N ASP C 271 29.11 -31.39 -5.25
CA ASP C 271 28.86 -31.87 -6.59
C ASP C 271 29.14 -30.76 -7.60
N VAL C 272 28.64 -29.55 -7.32
CA VAL C 272 28.79 -28.42 -8.27
C VAL C 272 30.28 -28.00 -8.36
N HIS C 273 30.96 -27.88 -7.21
CA HIS C 273 32.41 -27.59 -7.15
C HIS C 273 33.20 -28.59 -7.97
N GLU C 274 32.87 -29.88 -7.88
CA GLU C 274 33.57 -30.84 -8.68
C GLU C 274 33.45 -30.47 -10.15
N VAL C 275 32.22 -30.17 -10.63
CA VAL C 275 32.02 -29.82 -12.08
C VAL C 275 32.86 -28.59 -12.43
N ARG C 276 32.82 -27.58 -11.56
CA ARG C 276 33.53 -26.33 -11.78
C ARG C 276 35.05 -26.59 -11.88
N LYS C 277 35.57 -27.45 -10.99
CA LYS C 277 37.03 -27.79 -11.00
C LYS C 277 37.43 -28.45 -12.33
N VAL C 278 36.55 -29.31 -12.85
CA VAL C 278 36.89 -30.05 -14.05
C VAL C 278 36.88 -29.12 -15.27
N LEU C 279 35.91 -28.19 -15.31
CA LEU C 279 35.87 -27.17 -16.36
C LEU C 279 37.10 -26.25 -16.23
N GLY C 280 37.53 -26.02 -14.99
CA GLY C 280 38.80 -25.35 -14.78
C GLY C 280 38.82 -23.94 -15.35
N GLU C 281 40.03 -23.44 -15.56
CA GLU C 281 40.28 -22.08 -15.92
C GLU C 281 39.85 -21.83 -17.37
N LYS C 282 40.14 -22.77 -18.25
CA LYS C 282 39.76 -22.68 -19.64
C LYS C 282 38.23 -22.64 -19.75
N GLY C 283 37.54 -23.39 -18.88
CA GLY C 283 36.09 -23.45 -18.83
C GLY C 283 35.40 -22.48 -17.86
N LYS C 284 36.11 -21.44 -17.37
CA LYS C 284 35.63 -20.62 -16.21
C LYS C 284 34.38 -19.76 -16.53
N ASN C 285 34.22 -19.39 -17.80
CA ASN C 285 33.13 -18.56 -18.29
C ASN C 285 31.95 -19.40 -18.75
N ILE C 286 32.07 -20.73 -18.68
CA ILE C 286 30.97 -21.65 -19.05
C ILE C 286 30.04 -21.69 -17.85
N LYS C 287 28.74 -21.47 -18.07
CA LYS C 287 27.77 -21.45 -16.98
C LYS C 287 27.40 -22.87 -16.59
N ILE C 288 27.34 -23.13 -15.28
CA ILE C 288 26.94 -24.45 -14.73
C ILE C 288 25.51 -24.38 -14.20
N ILE C 289 24.61 -25.11 -14.88
CA ILE C 289 23.25 -25.24 -14.46
C ILE C 289 23.10 -26.59 -13.74
N SER C 290 22.73 -26.59 -12.47
CA SER C 290 22.56 -27.80 -11.70
C SER C 290 21.16 -28.42 -11.94
N LYS C 291 21.12 -29.67 -12.42
CA LYS C 291 19.85 -30.43 -12.55
C LYS C 291 19.48 -31.04 -11.19
N ILE C 292 18.33 -30.59 -10.67
CA ILE C 292 17.75 -31.15 -9.43
C ILE C 292 16.84 -32.31 -9.84
N GLU C 293 17.22 -33.53 -9.44
CA GLU C 293 16.64 -34.76 -9.97
C GLU C 293 16.24 -35.71 -8.83
N ASN C 294 16.42 -35.33 -7.58
CA ASN C 294 16.07 -36.25 -6.52
C ASN C 294 15.86 -35.48 -5.24
N HIS C 295 15.41 -36.23 -4.23
CA HIS C 295 15.00 -35.72 -2.96
C HIS C 295 16.15 -34.94 -2.30
N GLU C 296 17.37 -35.49 -2.30
CA GLU C 296 18.46 -34.85 -1.55
C GLU C 296 18.76 -33.45 -2.12
N GLY C 297 18.69 -33.32 -3.46
CA GLY C 297 18.88 -32.05 -4.15
C GLY C 297 17.88 -31.00 -3.70
N VAL C 298 16.59 -31.41 -3.58
CA VAL C 298 15.54 -30.51 -3.14
C VAL C 298 15.85 -30.08 -1.71
N ARG C 299 16.22 -31.05 -0.86
CA ARG C 299 16.49 -30.79 0.55
C ARG C 299 17.71 -29.87 0.70
N ARG C 300 18.75 -30.11 -0.08
CA ARG C 300 19.98 -29.28 0.05
C ARG C 300 20.00 -28.18 -1.04
N PHE C 301 18.83 -27.76 -1.50
CA PHE C 301 18.70 -26.81 -2.59
C PHE C 301 19.48 -25.51 -2.33
N ASP C 302 19.45 -24.96 -1.11
CA ASP C 302 20.00 -23.65 -0.90
C ASP C 302 21.49 -23.64 -1.19
N GLU C 303 22.22 -24.71 -0.80
CA GLU C 303 23.68 -24.73 -0.92
C GLU C 303 24.02 -25.01 -2.38
N ILE C 304 23.17 -25.78 -3.06
CA ILE C 304 23.35 -26.05 -4.48
C ILE C 304 23.16 -24.75 -5.28
N LEU C 305 22.07 -24.02 -4.99
CA LEU C 305 21.78 -22.76 -5.67
C LEU C 305 22.94 -21.78 -5.43
N GLU C 306 23.43 -21.64 -4.20
CA GLU C 306 24.54 -20.69 -3.93
C GLU C 306 25.76 -21.02 -4.81
N ALA C 307 26.07 -22.28 -5.02
CA ALA C 307 27.25 -22.68 -5.74
C ALA C 307 27.04 -22.68 -7.27
N SER C 308 25.79 -22.79 -7.73
CA SER C 308 25.52 -22.92 -9.16
C SER C 308 25.44 -21.55 -9.82
N ASP C 309 25.55 -21.53 -11.14
CA ASP C 309 25.18 -20.36 -11.95
C ASP C 309 23.66 -20.32 -12.21
N GLY C 310 23.03 -21.50 -12.27
CA GLY C 310 21.58 -21.63 -12.44
C GLY C 310 21.10 -23.03 -12.13
N ILE C 311 19.79 -23.22 -12.30
CA ILE C 311 19.10 -24.43 -11.82
C ILE C 311 18.22 -24.95 -12.95
N MET C 312 18.15 -26.27 -13.06
CA MET C 312 17.17 -26.93 -13.92
C MET C 312 16.33 -27.87 -13.07
N VAL C 313 15.01 -27.67 -13.12
CA VAL C 313 14.05 -28.49 -12.43
C VAL C 313 13.62 -29.59 -13.38
N ALA C 314 14.03 -30.84 -13.11
CA ALA C 314 13.72 -32.02 -13.99
C ALA C 314 12.52 -32.77 -13.39
N ARG C 315 11.31 -32.33 -13.76
CA ARG C 315 10.08 -32.78 -13.11
C ARG C 315 9.88 -34.31 -13.21
N GLY C 316 10.23 -34.90 -14.36
CA GLY C 316 10.05 -36.36 -14.62
C GLY C 316 10.78 -37.21 -13.58
N ASP C 317 12.06 -36.91 -13.39
CA ASP C 317 12.96 -37.56 -12.42
C ASP C 317 12.47 -37.29 -11.00
N LEU C 318 12.16 -36.03 -10.69
CA LEU C 318 11.62 -35.73 -9.37
C LEU C 318 10.38 -36.59 -9.11
N GLY C 319 9.53 -36.79 -10.13
CA GLY C 319 8.28 -37.58 -10.00
C GLY C 319 8.49 -39.03 -9.52
N ILE C 320 9.64 -39.62 -9.84
CA ILE C 320 10.02 -40.95 -9.37
C ILE C 320 10.55 -40.87 -7.94
N GLU C 321 11.41 -39.90 -7.68
CA GLU C 321 12.22 -39.83 -6.49
C GLU C 321 11.43 -39.35 -5.27
N ILE C 322 10.30 -38.67 -5.54
CA ILE C 322 9.52 -37.94 -4.55
C ILE C 322 8.04 -38.25 -4.82
N PRO C 323 7.16 -38.28 -3.78
CA PRO C 323 5.74 -38.55 -4.01
C PRO C 323 5.23 -37.60 -5.11
N ALA C 324 4.65 -38.15 -6.18
CA ALA C 324 4.25 -37.40 -7.39
C ALA C 324 3.56 -36.08 -7.05
N GLU C 325 2.67 -36.12 -6.08
CA GLU C 325 1.82 -34.99 -5.68
C GLU C 325 2.58 -33.92 -4.87
N LYS C 326 3.89 -34.10 -4.66
CA LYS C 326 4.68 -33.03 -4.01
C LYS C 326 5.51 -32.28 -5.05
N VAL C 327 5.62 -32.82 -6.27
CA VAL C 327 6.57 -32.28 -7.19
C VAL C 327 6.21 -30.82 -7.53
N PHE C 328 4.91 -30.50 -7.62
CA PHE C 328 4.49 -29.13 -7.96
C PHE C 328 4.95 -28.14 -6.88
N LEU C 329 4.98 -28.55 -5.61
CA LEU C 329 5.47 -27.72 -4.54
C LEU C 329 6.97 -27.50 -4.68
N ALA C 330 7.69 -28.57 -5.02
CA ALA C 330 9.14 -28.52 -5.17
C ALA C 330 9.49 -27.55 -6.31
N GLN C 331 8.74 -27.62 -7.42
CA GLN C 331 8.96 -26.78 -8.57
C GLN C 331 8.77 -25.30 -8.20
N LYS C 332 7.64 -24.97 -7.60
CA LYS C 332 7.28 -23.60 -7.23
C LYS C 332 8.30 -23.00 -6.24
N MET C 333 8.76 -23.86 -5.34
CA MET C 333 9.73 -23.52 -4.32
C MET C 333 11.08 -23.15 -4.97
N MET C 334 11.53 -24.01 -5.85
CA MET C 334 12.83 -23.87 -6.40
C MET C 334 12.86 -22.68 -7.38
N ILE C 335 11.80 -22.52 -8.15
CA ILE C 335 11.70 -21.39 -9.04
C ILE C 335 11.67 -20.10 -8.22
N GLY C 336 10.89 -20.07 -7.14
CA GLY C 336 10.87 -18.91 -6.25
C GLY C 336 12.25 -18.56 -5.72
N ARG C 337 12.98 -19.55 -5.18
CA ARG C 337 14.30 -19.27 -4.58
C ARG C 337 15.25 -18.79 -5.68
N CYS C 338 15.13 -19.30 -6.91
CA CYS C 338 15.97 -18.85 -7.97
C CYS C 338 15.68 -17.38 -8.32
N ASN C 339 14.41 -17.02 -8.45
CA ASN C 339 13.95 -15.65 -8.73
C ASN C 339 14.47 -14.73 -7.60
N ARG C 340 14.39 -15.19 -6.35
CA ARG C 340 14.87 -14.38 -5.21
C ARG C 340 16.37 -14.17 -5.32
N ALA C 341 17.12 -15.23 -5.69
CA ALA C 341 18.55 -15.11 -5.79
C ALA C 341 18.99 -14.43 -7.09
N GLY C 342 18.08 -14.12 -8.02
CA GLY C 342 18.48 -13.59 -9.35
C GLY C 342 19.28 -14.59 -10.19
N LYS C 343 18.99 -15.90 -10.06
CA LYS C 343 19.72 -16.92 -10.83
C LYS C 343 18.77 -17.62 -11.82
N PRO C 344 19.20 -17.88 -13.08
CA PRO C 344 18.34 -18.54 -14.06
C PRO C 344 17.80 -19.88 -13.52
N VAL C 345 16.52 -20.13 -13.78
CA VAL C 345 15.94 -21.41 -13.53
C VAL C 345 15.24 -21.88 -14.82
N ILE C 346 15.52 -23.12 -15.22
CA ILE C 346 14.95 -23.77 -16.39
C ILE C 346 13.99 -24.87 -15.92
N CYS C 347 12.79 -24.91 -16.50
CA CYS C 347 11.90 -26.05 -16.32
C CYS C 347 12.02 -26.99 -17.51
N ALA C 348 12.23 -28.26 -17.19
CA ALA C 348 12.50 -29.32 -18.18
C ALA C 348 11.68 -30.59 -17.89
N THR C 349 11.56 -31.41 -18.93
CA THR C 349 10.96 -32.77 -18.97
C THR C 349 9.43 -32.67 -18.93
N GLN C 350 8.76 -33.48 -19.77
CA GLN C 350 7.31 -33.67 -19.78
C GLN C 350 6.63 -32.32 -20.05
N MET C 351 7.07 -31.62 -21.10
CA MET C 351 6.57 -30.33 -21.51
C MET C 351 5.52 -30.57 -22.63
N LEU C 352 5.97 -30.81 -23.88
CA LEU C 352 5.09 -31.04 -25.02
C LEU C 352 5.34 -32.46 -25.58
N GLU C 353 5.38 -33.44 -24.69
CA GLU C 353 5.82 -34.79 -25.01
C GLU C 353 4.88 -35.43 -26.06
N SER C 354 3.57 -35.21 -25.93
CA SER C 354 2.59 -35.71 -26.90
C SER C 354 3.02 -35.32 -28.32
N MET C 355 3.79 -34.23 -28.49
CA MET C 355 4.13 -33.81 -29.87
C MET C 355 5.26 -34.66 -30.45
N ILE C 356 5.78 -35.62 -29.71
CA ILE C 356 6.67 -36.61 -30.35
C ILE C 356 5.92 -37.31 -31.50
N LYS C 357 4.63 -37.62 -31.30
CA LYS C 357 3.81 -38.42 -32.26
C LYS C 357 2.62 -37.63 -32.85
N LYS C 358 2.21 -36.50 -32.27
CA LYS C 358 1.05 -35.69 -32.79
C LYS C 358 1.49 -34.27 -33.15
N PRO C 359 0.82 -33.61 -34.12
CA PRO C 359 1.21 -32.25 -34.52
C PRO C 359 0.67 -31.10 -33.64
N ARG C 360 -0.09 -31.44 -32.59
CA ARG C 360 -0.63 -30.46 -31.63
C ARG C 360 -0.50 -31.05 -30.21
N PRO C 361 -0.32 -30.21 -29.18
CA PRO C 361 -0.24 -30.67 -27.80
C PRO C 361 -1.62 -30.84 -27.16
N THR C 362 -1.69 -31.54 -26.03
CA THR C 362 -2.91 -31.56 -25.26
C THR C 362 -3.12 -30.20 -24.59
N ARG C 363 -4.34 -30.04 -24.10
CA ARG C 363 -4.75 -28.92 -23.32
C ARG C 363 -3.94 -28.88 -22.01
N ALA C 364 -3.81 -30.04 -21.35
CA ALA C 364 -3.02 -30.24 -20.12
C ALA C 364 -1.56 -29.76 -20.28
N GLU C 365 -0.96 -30.03 -21.42
CA GLU C 365 0.43 -29.67 -21.67
C GLU C 365 0.56 -28.15 -21.89
N GLY C 366 -0.38 -27.57 -22.62
CA GLY C 366 -0.46 -26.11 -22.81
C GLY C 366 -0.45 -25.41 -21.46
N SER C 367 -1.23 -25.97 -20.56
CA SER C 367 -1.46 -25.49 -19.22
C SER C 367 -0.23 -25.67 -18.31
N ASP C 368 0.41 -26.84 -18.36
CA ASP C 368 1.62 -27.13 -17.54
C ASP C 368 2.78 -26.21 -17.98
N VAL C 369 2.97 -26.03 -19.28
CA VAL C 369 4.00 -25.12 -19.78
C VAL C 369 3.69 -23.71 -19.27
N ALA C 370 2.44 -23.30 -19.42
CA ALA C 370 2.04 -21.97 -19.10
C ALA C 370 2.29 -21.74 -17.63
N ASN C 371 2.04 -22.75 -16.79
CA ASN C 371 2.11 -22.57 -15.37
C ASN C 371 3.59 -22.52 -14.88
N ALA C 372 4.51 -23.14 -15.61
CA ALA C 372 5.92 -23.04 -15.34
C ALA C 372 6.42 -21.61 -15.64
N VAL C 373 5.95 -21.02 -16.75
CA VAL C 373 6.18 -19.60 -17.07
C VAL C 373 5.65 -18.71 -15.94
N LEU C 374 4.41 -18.95 -15.51
CA LEU C 374 3.80 -18.12 -14.50
C LEU C 374 4.46 -18.33 -13.14
N ASP C 375 5.00 -19.51 -12.88
CA ASP C 375 5.70 -19.78 -11.63
C ASP C 375 6.94 -18.87 -11.52
N GLY C 376 7.51 -18.44 -12.66
CA GLY C 376 8.70 -17.59 -12.71
C GLY C 376 9.87 -18.18 -13.48
N ALA C 377 9.67 -19.28 -14.24
CA ALA C 377 10.74 -19.90 -15.02
C ALA C 377 11.39 -18.89 -15.99
N ASP C 378 12.72 -18.89 -16.12
CA ASP C 378 13.45 -18.08 -17.13
C ASP C 378 13.38 -18.73 -18.53
N CYS C 379 13.48 -20.04 -18.58
CA CYS C 379 13.48 -20.82 -19.79
C CYS C 379 12.67 -22.09 -19.56
N ILE C 380 12.19 -22.59 -20.68
CA ILE C 380 11.58 -23.85 -20.89
C ILE C 380 12.39 -24.64 -21.92
N MET C 381 12.58 -25.92 -21.61
CA MET C 381 13.33 -26.89 -22.44
C MET C 381 12.39 -27.97 -23.00
N LEU C 382 12.50 -28.21 -24.31
CA LEU C 382 11.84 -29.34 -25.02
C LEU C 382 12.89 -30.45 -25.19
N SER C 383 12.43 -31.71 -25.18
CA SER C 383 13.32 -32.86 -25.20
C SER C 383 13.08 -33.69 -26.48
N GLY C 384 12.47 -34.88 -26.36
CA GLY C 384 12.23 -35.74 -27.49
C GLY C 384 11.40 -35.08 -28.57
N GLU C 385 10.52 -34.16 -28.13
CA GLU C 385 9.69 -33.40 -29.03
C GLU C 385 10.50 -32.76 -30.14
N THR C 386 11.72 -32.30 -29.82
CA THR C 386 12.59 -31.67 -30.83
C THR C 386 13.74 -32.60 -31.21
N ALA C 387 14.21 -33.44 -30.27
CA ALA C 387 15.36 -34.34 -30.55
C ALA C 387 14.99 -35.40 -31.63
N LYS C 388 13.89 -36.15 -31.44
CA LYS C 388 13.61 -37.36 -32.28
C LYS C 388 12.17 -37.46 -32.81
N GLY C 389 11.22 -36.63 -32.36
CA GLY C 389 9.82 -36.72 -32.77
C GLY C 389 9.58 -36.38 -34.22
N ASP C 390 8.31 -36.49 -34.65
CA ASP C 390 7.91 -36.27 -36.06
C ASP C 390 7.66 -34.79 -36.36
N TYR C 391 7.50 -33.94 -35.33
CA TYR C 391 7.10 -32.54 -35.59
C TYR C 391 8.00 -31.59 -34.80
N PRO C 392 9.34 -31.64 -34.99
CA PRO C 392 10.26 -30.84 -34.19
C PRO C 392 9.95 -29.34 -34.35
N LEU C 393 9.67 -28.93 -35.58
CA LEU C 393 9.45 -27.55 -35.92
C LEU C 393 8.15 -27.02 -35.28
N GLU C 394 7.09 -27.84 -35.33
CA GLU C 394 5.80 -27.47 -34.75
C GLU C 394 5.89 -27.45 -33.22
N ALA C 395 6.70 -28.31 -32.60
CA ALA C 395 6.90 -28.22 -31.15
C ALA C 395 7.51 -26.87 -30.75
N VAL C 396 8.42 -26.32 -31.56
CA VAL C 396 9.10 -25.04 -31.28
C VAL C 396 8.10 -23.89 -31.39
N ARG C 397 7.38 -23.89 -32.52
CA ARG C 397 6.31 -22.96 -32.82
C ARG C 397 5.25 -22.93 -31.72
N MET C 398 4.85 -24.09 -31.23
CA MET C 398 3.83 -24.24 -30.22
C MET C 398 4.38 -23.81 -28.86
N GLN C 399 5.65 -24.15 -28.57
CA GLN C 399 6.27 -23.66 -27.36
C GLN C 399 6.25 -22.13 -27.36
N HIS C 400 6.56 -21.51 -28.52
CA HIS C 400 6.60 -20.07 -28.60
C HIS C 400 5.19 -19.47 -28.39
N LEU C 401 4.16 -20.08 -29.02
CA LEU C 401 2.77 -19.62 -28.90
C LEU C 401 2.33 -19.63 -27.44
N ILE C 402 2.51 -20.77 -26.77
CA ILE C 402 2.08 -20.94 -25.36
C ILE C 402 2.84 -19.93 -24.48
N ALA C 403 4.14 -19.81 -24.69
CA ALA C 403 4.95 -18.96 -23.81
C ALA C 403 4.57 -17.49 -24.02
N ARG C 404 4.26 -17.09 -25.24
CA ARG C 404 3.89 -15.74 -25.49
C ARG C 404 2.51 -15.43 -24.88
N GLU C 405 1.58 -16.38 -24.91
CA GLU C 405 0.23 -16.18 -24.32
C GLU C 405 0.29 -16.18 -22.79
N ALA C 406 1.17 -17.02 -22.23
CA ALA C 406 1.40 -17.09 -20.78
C ALA C 406 1.89 -15.73 -20.25
N GLU C 407 2.60 -14.97 -21.08
CA GLU C 407 3.10 -13.62 -20.74
C GLU C 407 1.98 -12.67 -20.33
N ALA C 408 0.86 -12.68 -21.05
CA ALA C 408 -0.27 -11.83 -20.73
C ALA C 408 -0.73 -12.09 -19.29
N ALA C 409 -0.51 -13.30 -18.80
CA ALA C 409 -1.03 -13.67 -17.53
C ALA C 409 -0.07 -13.34 -16.39
N ILE C 410 1.17 -12.94 -16.69
CA ILE C 410 2.09 -12.56 -15.63
C ILE C 410 1.70 -11.16 -15.17
N TYR C 411 1.64 -11.00 -13.84
CA TYR C 411 1.38 -9.74 -13.16
C TYR C 411 2.74 -9.12 -12.81
N HIS C 412 3.33 -8.44 -13.80
CA HIS C 412 4.72 -7.94 -13.71
C HIS C 412 4.95 -7.05 -12.49
N LEU C 413 3.97 -6.18 -12.18
CA LEU C 413 4.11 -5.14 -11.18
C LEU C 413 4.46 -5.74 -9.82
N GLN C 414 3.78 -6.83 -9.44
CA GLN C 414 3.97 -7.43 -8.14
C GLN C 414 5.37 -8.04 -8.00
N LEU C 415 5.83 -8.76 -9.04
CA LEU C 415 7.16 -9.43 -9.00
C LEU C 415 8.22 -8.38 -8.67
N PHE C 416 8.17 -7.28 -9.42
CA PHE C 416 9.14 -6.19 -9.30
C PHE C 416 9.07 -5.58 -7.89
N GLU C 417 7.86 -5.23 -7.44
CA GLU C 417 7.65 -4.63 -6.12
C GLU C 417 8.13 -5.60 -5.03
N GLU C 418 7.90 -6.89 -5.18
CA GLU C 418 8.39 -7.79 -4.16
C GLU C 418 9.93 -7.89 -4.22
N LEU C 419 10.51 -8.03 -5.43
CA LEU C 419 11.98 -8.17 -5.53
C LEU C 419 12.66 -6.89 -5.05
N ARG C 420 12.03 -5.73 -5.27
CA ARG C 420 12.58 -4.44 -4.86
C ARG C 420 12.63 -4.39 -3.32
N ARG C 421 11.58 -4.90 -2.68
CA ARG C 421 11.40 -4.81 -1.24
C ARG C 421 12.20 -5.90 -0.50
N LEU C 422 12.65 -6.95 -1.19
CA LEU C 422 13.47 -7.98 -0.55
C LEU C 422 14.96 -7.63 -0.65
N ALA C 423 15.36 -6.94 -1.72
CA ALA C 423 16.78 -6.67 -2.05
C ALA C 423 17.50 -6.10 -0.83
N PRO C 424 18.74 -6.58 -0.52
CA PRO C 424 19.54 -5.99 0.55
C PRO C 424 19.79 -4.50 0.23
N ILE C 425 19.58 -3.62 1.22
CA ILE C 425 19.68 -2.17 0.97
C ILE C 425 21.17 -1.79 0.97
N THR C 426 21.62 -1.21 -0.16
CA THR C 426 22.98 -0.69 -0.37
C THR C 426 22.89 0.60 -1.19
N SER C 427 24.01 1.33 -1.26
CA SER C 427 24.13 2.54 -2.07
C SER C 427 24.94 2.25 -3.34
N ASP C 428 25.06 0.96 -3.70
CA ASP C 428 25.89 0.53 -4.83
C ASP C 428 25.30 1.06 -6.13
N PRO C 429 26.05 1.83 -6.94
CA PRO C 429 25.45 2.59 -8.05
C PRO C 429 24.79 1.77 -9.17
N THR C 430 25.38 0.62 -9.52
CA THR C 430 24.85 -0.21 -10.62
C THR C 430 23.43 -0.69 -10.26
N GLU C 431 23.28 -1.13 -9.01
CA GLU C 431 22.06 -1.75 -8.57
C GLU C 431 20.97 -0.69 -8.48
N ALA C 432 21.32 0.49 -7.95
CA ALA C 432 20.37 1.60 -7.87
C ALA C 432 19.88 1.95 -9.26
N THR C 433 20.81 1.89 -10.23
CA THR C 433 20.55 2.22 -11.60
C THR C 433 19.68 1.15 -12.25
N ALA C 434 19.99 -0.13 -12.00
CA ALA C 434 19.21 -1.22 -12.59
C ALA C 434 17.76 -1.15 -12.07
N VAL C 435 17.57 -0.98 -10.76
CA VAL C 435 16.22 -0.87 -10.18
C VAL C 435 15.48 0.35 -10.74
N GLY C 436 16.17 1.49 -10.80
CA GLY C 436 15.63 2.72 -11.37
C GLY C 436 15.17 2.53 -12.81
N ALA C 437 15.95 1.78 -13.58
CA ALA C 437 15.64 1.57 -14.95
C ALA C 437 14.35 0.74 -15.09
N VAL C 438 14.17 -0.26 -14.20
CA VAL C 438 12.98 -1.09 -14.27
C VAL C 438 11.75 -0.26 -13.86
N GLU C 439 11.93 0.58 -12.82
CA GLU C 439 10.87 1.46 -12.32
C GLU C 439 10.42 2.41 -13.42
N ALA C 440 11.38 3.04 -14.11
CA ALA C 440 11.06 3.96 -15.18
C ALA C 440 10.35 3.19 -16.30
N SER C 441 10.68 1.91 -16.49
CA SER C 441 10.11 1.20 -17.65
C SER C 441 8.61 0.99 -17.42
N PHE C 442 8.20 0.79 -16.17
CA PHE C 442 6.78 0.63 -15.81
C PHE C 442 6.06 1.99 -15.88
N LYS C 443 6.73 3.05 -15.43
CA LYS C 443 6.09 4.35 -15.26
C LYS C 443 5.98 5.08 -16.62
N CYS C 444 6.92 4.86 -17.55
CA CYS C 444 6.78 5.44 -18.91
C CYS C 444 6.18 4.46 -19.90
N CYS C 445 5.80 3.25 -19.45
CA CYS C 445 5.35 2.18 -20.33
C CYS C 445 6.34 2.05 -21.49
N SER C 446 7.63 1.91 -21.18
CA SER C 446 8.66 1.92 -22.21
C SER C 446 8.54 0.65 -23.07
N GLY C 447 9.02 0.75 -24.32
CA GLY C 447 8.98 -0.35 -25.27
C GLY C 447 10.11 -1.36 -25.07
N ALA C 448 11.18 -0.95 -24.38
CA ALA C 448 12.34 -1.78 -24.09
C ALA C 448 13.23 -1.07 -23.07
N ILE C 449 14.14 -1.83 -22.47
CA ILE C 449 15.28 -1.33 -21.78
C ILE C 449 16.51 -1.75 -22.59
N ILE C 450 17.23 -0.76 -23.14
CA ILE C 450 18.44 -1.02 -23.87
C ILE C 450 19.61 -0.97 -22.87
N VAL C 451 20.40 -2.04 -22.80
CA VAL C 451 21.54 -2.11 -21.91
C VAL C 451 22.79 -2.43 -22.73
N LEU C 452 23.80 -1.56 -22.68
CA LEU C 452 25.09 -1.83 -23.30
C LEU C 452 25.96 -2.56 -22.26
N THR C 453 26.40 -3.77 -22.56
CA THR C 453 27.04 -4.63 -21.58
C THR C 453 28.11 -5.43 -22.33
N LYS C 454 29.29 -5.52 -21.69
CA LYS C 454 30.42 -6.30 -22.16
C LYS C 454 30.28 -7.74 -21.68
N SER C 455 30.17 -7.93 -20.36
CA SER C 455 30.12 -9.28 -19.70
C SER C 455 28.69 -9.81 -19.59
N GLY C 456 27.70 -8.93 -19.73
CA GLY C 456 26.30 -9.30 -19.59
C GLY C 456 25.74 -8.92 -18.21
N ARG C 457 26.61 -8.64 -17.25
CA ARG C 457 26.22 -8.43 -15.83
C ARG C 457 25.15 -7.34 -15.70
N SER C 458 25.36 -6.19 -16.32
CA SER C 458 24.40 -5.09 -16.22
C SER C 458 23.05 -5.56 -16.71
N ALA C 459 23.01 -6.33 -17.80
CA ALA C 459 21.71 -6.77 -18.34
C ALA C 459 21.07 -7.77 -17.37
N HIS C 460 21.90 -8.65 -16.81
CA HIS C 460 21.39 -9.65 -15.84
C HIS C 460 20.80 -8.94 -14.61
N GLN C 461 21.43 -7.83 -14.19
CA GLN C 461 21.02 -7.09 -12.98
C GLN C 461 19.61 -6.54 -13.20
N VAL C 462 19.31 -6.09 -14.44
CA VAL C 462 18.00 -5.58 -14.81
C VAL C 462 16.98 -6.72 -14.84
N ALA C 463 17.32 -7.81 -15.55
CA ALA C 463 16.44 -8.96 -15.73
C ALA C 463 15.98 -9.51 -14.37
N ARG C 464 16.83 -9.47 -13.36
CA ARG C 464 16.52 -10.07 -12.02
C ARG C 464 15.40 -9.28 -11.31
N TYR C 465 15.11 -8.04 -11.75
CA TYR C 465 13.99 -7.24 -11.23
C TYR C 465 12.70 -7.45 -12.02
N ARG C 466 12.76 -8.21 -13.12
CA ARG C 466 11.62 -8.69 -13.86
C ARG C 466 10.79 -7.55 -14.46
N PRO C 467 11.33 -6.71 -15.35
CA PRO C 467 10.52 -5.70 -16.04
C PRO C 467 9.52 -6.38 -17.00
N ARG C 468 8.42 -5.70 -17.35
CA ARG C 468 7.54 -6.21 -18.37
C ARG C 468 8.18 -6.00 -19.75
N ALA C 469 8.74 -4.80 -19.94
CA ALA C 469 9.42 -4.44 -21.15
C ALA C 469 10.60 -5.39 -21.42
N PRO C 470 10.84 -5.78 -22.68
CA PRO C 470 12.02 -6.53 -23.06
C PRO C 470 13.34 -5.77 -22.91
N ILE C 471 14.37 -6.48 -22.50
CA ILE C 471 15.71 -5.92 -22.35
C ILE C 471 16.48 -6.27 -23.62
N ILE C 472 16.89 -5.25 -24.39
CA ILE C 472 17.76 -5.44 -25.53
C ILE C 472 19.20 -5.19 -25.02
N ALA C 473 19.96 -6.28 -24.90
CA ALA C 473 21.31 -6.26 -24.40
C ALA C 473 22.27 -6.19 -25.58
N VAL C 474 22.91 -5.04 -25.74
CA VAL C 474 23.86 -4.81 -26.88
C VAL C 474 25.27 -5.12 -26.39
N THR C 475 25.94 -6.06 -27.09
CA THR C 475 27.26 -6.50 -26.68
C THR C 475 28.13 -6.74 -27.92
N ARG C 476 29.43 -6.60 -27.74
CA ARG C 476 30.33 -7.01 -28.80
C ARG C 476 30.90 -8.40 -28.48
N ASN C 477 30.60 -8.93 -27.29
CA ASN C 477 31.16 -10.20 -26.86
C ASN C 477 30.22 -11.33 -27.31
N PRO C 478 30.63 -12.22 -28.25
CA PRO C 478 29.71 -13.22 -28.78
C PRO C 478 29.18 -14.17 -27.70
N GLN C 479 30.03 -14.46 -26.72
CA GLN C 479 29.68 -15.39 -25.71
C GLN C 479 28.64 -14.78 -24.78
N THR C 480 28.79 -13.48 -24.48
CA THR C 480 27.84 -12.76 -23.67
C THR C 480 26.44 -12.82 -24.31
N ALA C 481 26.40 -12.62 -25.63
CA ALA C 481 25.19 -12.62 -26.41
C ALA C 481 24.45 -13.96 -26.28
N ARG C 482 25.21 -15.07 -26.32
CA ARG C 482 24.65 -16.43 -26.26
C ARG C 482 24.15 -16.75 -24.86
N GLN C 483 24.95 -16.44 -23.84
CA GLN C 483 24.62 -16.82 -22.48
C GLN C 483 23.45 -16.01 -21.92
N ALA C 484 23.14 -14.86 -22.53
CA ALA C 484 22.08 -13.97 -22.04
C ALA C 484 20.70 -14.64 -22.08
N HIS C 485 20.54 -15.67 -22.93
CA HIS C 485 19.27 -16.33 -23.09
C HIS C 485 18.84 -17.06 -21.83
N LEU C 486 19.78 -17.35 -20.92
CA LEU C 486 19.44 -17.96 -19.64
C LEU C 486 18.47 -17.09 -18.82
N TYR C 487 18.42 -15.76 -19.08
CA TYR C 487 17.61 -14.84 -18.27
C TYR C 487 16.33 -14.45 -19.01
N ARG C 488 15.22 -14.54 -18.29
CA ARG C 488 13.94 -14.15 -18.83
C ARG C 488 14.06 -12.69 -19.29
N GLY C 489 13.62 -12.42 -20.51
CA GLY C 489 13.37 -11.04 -20.97
C GLY C 489 14.57 -10.38 -21.64
N ILE C 490 15.73 -11.05 -21.73
CA ILE C 490 16.86 -10.47 -22.39
C ILE C 490 16.89 -10.96 -23.85
N PHE C 491 16.84 -9.99 -24.76
CA PHE C 491 16.98 -10.18 -26.19
C PHE C 491 18.37 -9.69 -26.56
N PRO C 492 19.38 -10.59 -26.67
CA PRO C 492 20.74 -10.14 -26.92
C PRO C 492 20.92 -9.84 -28.40
N VAL C 493 21.67 -8.79 -28.69
CA VAL C 493 22.06 -8.49 -30.03
C VAL C 493 23.55 -8.24 -30.02
N LEU C 494 24.21 -8.72 -31.09
CA LEU C 494 25.63 -8.72 -31.20
C LEU C 494 26.04 -7.60 -32.14
N CYS C 495 26.67 -6.57 -31.57
CA CYS C 495 27.18 -5.49 -32.35
C CYS C 495 28.56 -5.88 -32.93
N LYS C 496 28.68 -5.72 -34.26
CA LYS C 496 29.84 -6.15 -35.04
C LYS C 496 30.76 -4.96 -35.38
N ASP C 497 30.19 -3.75 -35.34
CA ASP C 497 30.93 -2.54 -35.73
C ASP C 497 32.16 -2.40 -34.85
N PRO C 498 33.27 -1.82 -35.36
CA PRO C 498 34.43 -1.52 -34.51
C PRO C 498 34.13 -0.44 -33.45
N VAL C 499 34.95 -0.38 -32.43
CA VAL C 499 34.85 0.65 -31.40
C VAL C 499 35.14 2.03 -32.02
N GLN C 500 34.19 2.99 -31.91
CA GLN C 500 34.34 4.34 -32.42
C GLN C 500 35.29 5.11 -31.50
N GLU C 501 35.91 6.17 -32.00
CA GLU C 501 36.97 6.89 -31.23
C GLU C 501 36.35 7.74 -30.11
N ALA C 502 35.21 8.41 -30.39
CA ALA C 502 34.48 9.18 -29.35
C ALA C 502 33.48 8.24 -28.65
N TRP C 503 33.66 8.07 -27.34
CA TRP C 503 32.84 7.20 -26.52
C TRP C 503 31.36 7.54 -26.74
N ALA C 504 31.00 8.83 -26.77
CA ALA C 504 29.64 9.24 -26.96
C ALA C 504 29.10 8.76 -28.31
N GLU C 505 29.95 8.80 -29.35
CA GLU C 505 29.57 8.24 -30.65
C GLU C 505 29.52 6.70 -30.57
N ASP C 506 30.36 6.08 -29.75
CA ASP C 506 30.33 4.61 -29.68
C ASP C 506 29.03 4.14 -29.01
N VAL C 507 28.54 4.93 -28.05
CA VAL C 507 27.31 4.65 -27.39
C VAL C 507 26.16 4.81 -28.39
N ASP C 508 26.08 5.96 -29.10
CA ASP C 508 24.90 6.23 -29.94
C ASP C 508 24.82 5.18 -31.06
N LEU C 509 25.99 4.72 -31.53
CA LEU C 509 26.05 3.66 -32.55
C LEU C 509 25.38 2.37 -32.02
N ARG C 510 25.73 1.98 -30.81
CA ARG C 510 25.16 0.78 -30.17
C ARG C 510 23.68 0.95 -29.89
N VAL C 511 23.30 2.13 -29.37
CA VAL C 511 21.92 2.46 -29.03
C VAL C 511 21.06 2.44 -30.29
N ASN C 512 21.52 3.09 -31.37
CA ASN C 512 20.85 3.11 -32.67
C ASN C 512 20.62 1.70 -33.22
N PHE C 513 21.67 0.88 -33.17
CA PHE C 513 21.54 -0.49 -33.52
C PHE C 513 20.38 -1.14 -32.74
N ALA C 514 20.34 -0.99 -31.42
CA ALA C 514 19.27 -1.61 -30.65
C ALA C 514 17.89 -1.04 -31.04
N MET C 515 17.83 0.27 -31.37
CA MET C 515 16.58 0.91 -31.85
C MET C 515 16.10 0.24 -33.14
N ASN C 516 17.04 0.00 -34.06
CA ASN C 516 16.69 -0.58 -35.36
C ASN C 516 16.12 -1.98 -35.13
N VAL C 517 16.71 -2.71 -34.16
CA VAL C 517 16.29 -4.06 -33.91
C VAL C 517 14.89 -4.04 -33.31
N GLY C 518 14.68 -3.16 -32.34
CA GLY C 518 13.39 -3.12 -31.66
C GLY C 518 12.26 -2.73 -32.61
N LYS C 519 12.53 -1.74 -33.47
CA LYS C 519 11.57 -1.32 -34.54
C LYS C 519 11.25 -2.50 -35.47
N ALA C 520 12.28 -3.19 -35.95
CA ALA C 520 12.11 -4.35 -36.86
C ALA C 520 11.30 -5.48 -36.21
N ARG C 521 11.51 -5.73 -34.91
CA ARG C 521 10.81 -6.82 -34.24
C ARG C 521 9.41 -6.41 -33.78
N GLY C 522 9.08 -5.12 -33.91
CA GLY C 522 7.78 -4.61 -33.53
C GLY C 522 7.68 -4.33 -32.04
N PHE C 523 8.81 -4.21 -31.33
CA PHE C 523 8.79 -3.97 -29.91
C PHE C 523 8.24 -2.58 -29.59
N PHE C 524 8.56 -1.63 -30.46
CA PHE C 524 8.24 -0.25 -30.31
C PHE C 524 8.37 0.46 -31.68
N LYS C 525 8.06 1.76 -31.73
CA LYS C 525 8.10 2.52 -32.97
C LYS C 525 8.35 4.00 -32.67
N LYS C 526 8.44 4.82 -33.73
CA LYS C 526 8.65 6.26 -33.59
C LYS C 526 7.63 6.82 -32.59
N GLY C 527 8.10 7.62 -31.63
CA GLY C 527 7.20 8.24 -30.64
C GLY C 527 7.24 7.58 -29.28
N ASP C 528 7.27 6.23 -29.23
CA ASP C 528 7.42 5.46 -27.99
C ASP C 528 8.69 5.93 -27.26
N VAL C 529 8.86 5.47 -26.02
CA VAL C 529 10.04 5.78 -25.21
C VAL C 529 10.69 4.45 -24.79
N VAL C 530 12.03 4.48 -24.68
CA VAL C 530 12.83 3.39 -24.21
C VAL C 530 13.81 3.95 -23.16
N ILE C 531 14.19 3.06 -22.25
CA ILE C 531 15.15 3.31 -21.24
C ILE C 531 16.49 2.79 -21.75
N VAL C 532 17.56 3.58 -21.57
CA VAL C 532 18.89 3.21 -22.02
C VAL C 532 19.86 3.24 -20.83
N LEU C 533 20.62 2.15 -20.62
CA LEU C 533 21.68 2.06 -19.57
C LEU C 533 23.04 1.88 -20.25
N THR C 534 24.01 2.65 -19.80
CA THR C 534 25.33 2.69 -20.35
C THR C 534 26.25 3.02 -19.19
N GLY C 535 27.56 3.04 -19.44
CA GLY C 535 28.48 3.66 -18.51
C GLY C 535 28.47 5.16 -18.73
N TRP C 536 29.42 5.88 -18.14
CA TRP C 536 29.48 7.32 -18.33
C TRP C 536 30.66 7.74 -19.24
N ARG C 537 31.83 7.12 -19.10
CA ARG C 537 32.96 7.43 -20.00
C ARG C 537 33.73 6.13 -20.20
N PRO C 538 34.67 6.03 -21.17
CA PRO C 538 35.23 4.72 -21.52
C PRO C 538 35.76 3.99 -20.27
N GLY C 539 35.42 2.70 -20.16
CA GLY C 539 35.92 1.80 -19.10
C GLY C 539 35.29 2.10 -17.75
N SER C 540 35.71 3.23 -17.15
CA SER C 540 35.21 3.79 -15.89
C SER C 540 35.07 2.70 -14.81
N GLY C 541 33.98 1.93 -14.87
CA GLY C 541 33.69 0.89 -13.88
C GLY C 541 32.29 0.35 -13.98
N PHE C 542 31.29 1.23 -13.80
CA PHE C 542 29.90 0.84 -13.50
C PHE C 542 28.98 1.21 -14.67
N THR C 543 27.89 0.47 -14.86
CA THR C 543 26.84 0.97 -15.75
C THR C 543 25.85 1.76 -14.88
N ASN C 544 26.20 3.03 -14.68
CA ASN C 544 25.61 3.88 -13.67
C ASN C 544 24.81 5.01 -14.31
N THR C 545 24.62 4.97 -15.64
CA THR C 545 23.87 5.99 -16.35
C THR C 545 22.56 5.45 -16.93
N MET C 546 21.47 6.14 -16.64
CA MET C 546 20.19 5.81 -17.18
C MET C 546 19.63 7.02 -17.92
N ARG C 547 19.15 6.75 -19.13
CA ARG C 547 18.51 7.76 -19.95
C ARG C 547 17.11 7.30 -20.33
N VAL C 548 16.17 8.26 -20.38
CA VAL C 548 14.84 8.03 -20.92
C VAL C 548 14.81 8.65 -22.32
N VAL C 549 14.76 7.81 -23.35
CA VAL C 549 15.02 8.20 -24.72
C VAL C 549 13.76 8.00 -25.57
N PRO C 550 13.26 9.06 -26.23
CA PRO C 550 12.18 8.89 -27.19
C PRO C 550 12.74 8.10 -28.38
N VAL C 551 11.90 7.23 -28.95
CA VAL C 551 12.27 6.42 -30.11
C VAL C 551 12.21 7.30 -31.37
N PRO C 552 13.36 7.50 -32.07
CA PRO C 552 13.39 8.35 -33.25
C PRO C 552 12.65 7.76 -34.46
N GLU D 28 -12.39 -40.77 14.90
CA GLU D 28 -12.02 -40.83 13.45
C GLU D 28 -12.79 -41.98 12.78
N ALA D 29 -13.68 -41.63 11.86
CA ALA D 29 -14.19 -42.53 10.84
C ALA D 29 -13.77 -41.99 9.47
N GLY D 30 -12.61 -42.45 8.99
CA GLY D 30 -12.19 -42.24 7.61
C GLY D 30 -10.98 -41.33 7.50
N THR D 31 -10.27 -41.50 6.37
CA THR D 31 -8.90 -41.00 6.13
C THR D 31 -8.88 -39.47 6.02
N ALA D 32 -10.03 -38.85 5.69
CA ALA D 32 -10.13 -37.40 5.51
C ALA D 32 -10.72 -36.71 6.75
N PHE D 33 -10.94 -37.41 7.88
CA PHE D 33 -11.69 -36.77 8.99
C PHE D 33 -10.78 -35.82 9.77
N ILE D 34 -9.67 -36.35 10.33
CA ILE D 34 -8.73 -35.51 11.10
C ILE D 34 -7.80 -34.78 10.12
N GLN D 35 -7.94 -33.44 10.10
CA GLN D 35 -7.08 -32.53 9.33
C GLN D 35 -6.46 -31.55 10.35
N THR D 36 -5.42 -32.03 11.05
CA THR D 36 -4.77 -31.30 12.14
C THR D 36 -4.11 -30.03 11.57
N GLN D 37 -4.25 -28.92 12.30
CA GLN D 37 -3.72 -27.59 11.97
C GLN D 37 -2.73 -27.13 13.05
N GLN D 38 -1.77 -26.29 12.63
CA GLN D 38 -0.95 -25.43 13.52
C GLN D 38 -1.14 -23.98 13.06
N LEU D 39 -1.32 -23.05 14.02
CA LEU D 39 -2.06 -21.80 13.79
C LEU D 39 -1.16 -20.56 13.78
N HIS D 40 -0.12 -20.54 14.61
CA HIS D 40 0.65 -19.30 14.89
C HIS D 40 1.88 -19.22 13.97
N ALA D 41 1.62 -19.25 12.66
CA ALA D 41 2.66 -19.40 11.64
C ALA D 41 3.55 -18.15 11.56
N ALA D 42 2.90 -16.99 11.39
CA ALA D 42 3.46 -15.81 10.71
C ALA D 42 3.41 -16.05 9.19
N MET D 43 2.43 -15.44 8.52
CA MET D 43 2.33 -15.48 7.08
C MET D 43 3.45 -14.60 6.53
N ALA D 44 4.00 -14.98 5.37
CA ALA D 44 5.13 -14.31 4.75
C ALA D 44 4.69 -12.92 4.28
N ASP D 45 5.65 -12.00 4.19
CA ASP D 45 5.39 -10.64 3.79
C ASP D 45 5.12 -10.52 2.28
N THR D 46 5.65 -11.43 1.48
CA THR D 46 5.47 -11.35 0.01
C THR D 46 5.03 -12.73 -0.50
N PHE D 47 4.33 -12.75 -1.67
CA PHE D 47 4.07 -13.97 -2.41
C PHE D 47 5.40 -14.71 -2.64
N LEU D 48 6.44 -13.97 -2.99
CA LEU D 48 7.71 -14.64 -3.37
C LEU D 48 8.28 -15.43 -2.18
N GLU D 49 8.28 -14.82 -0.98
CA GLU D 49 8.73 -15.47 0.26
C GLU D 49 7.87 -16.68 0.58
N HIS D 50 6.55 -16.52 0.37
CA HIS D 50 5.63 -17.65 0.56
C HIS D 50 6.06 -18.84 -0.31
N MET D 51 6.39 -18.62 -1.57
CA MET D 51 6.83 -19.69 -2.45
C MET D 51 8.18 -20.24 -1.97
N CYS D 52 9.09 -19.34 -1.59
CA CYS D 52 10.45 -19.71 -1.18
C CYS D 52 10.44 -20.61 0.06
N ARG D 53 9.41 -20.47 0.91
CA ARG D 53 9.39 -21.19 2.18
C ARG D 53 8.64 -22.51 2.03
N LEU D 54 8.19 -22.86 0.82
CA LEU D 54 7.48 -24.15 0.69
C LEU D 54 8.45 -25.28 1.03
N ASP D 55 7.93 -26.37 1.61
CA ASP D 55 8.81 -27.42 2.13
C ASP D 55 8.09 -28.76 2.03
N ILE D 56 8.60 -29.59 1.11
CA ILE D 56 7.96 -30.83 0.69
C ILE D 56 7.96 -31.86 1.83
N ASP D 57 8.82 -31.70 2.84
CA ASP D 57 9.02 -32.70 3.90
C ASP D 57 8.14 -32.39 5.10
N SER D 58 7.60 -31.18 5.19
CA SER D 58 6.74 -30.84 6.28
C SER D 58 5.33 -31.32 5.92
N PRO D 59 4.62 -31.98 6.86
CA PRO D 59 3.22 -32.35 6.65
C PRO D 59 2.36 -31.09 6.60
N PRO D 60 1.25 -31.12 5.82
CA PRO D 60 0.36 -29.96 5.72
C PRO D 60 -0.14 -29.55 7.11
N ILE D 61 -0.30 -28.23 7.31
CA ILE D 61 -0.69 -27.61 8.61
C ILE D 61 -2.02 -26.83 8.45
N THR D 62 -2.76 -27.18 7.40
CA THR D 62 -4.06 -26.58 7.04
C THR D 62 -5.01 -27.73 6.65
N ALA D 63 -6.30 -27.49 6.83
CA ALA D 63 -7.35 -28.40 6.39
C ALA D 63 -7.34 -28.42 4.86
N ARG D 64 -7.95 -29.45 4.27
CA ARG D 64 -8.29 -29.48 2.86
C ARG D 64 -9.56 -28.63 2.61
N ASN D 65 -9.44 -27.54 1.85
CA ASN D 65 -10.48 -26.51 1.86
C ASN D 65 -11.34 -26.58 0.60
N THR D 66 -10.77 -27.15 -0.46
CA THR D 66 -11.39 -27.39 -1.72
C THR D 66 -12.40 -28.56 -1.63
N GLY D 67 -13.61 -28.34 -2.14
CA GLY D 67 -14.64 -29.38 -2.17
C GLY D 67 -14.29 -30.49 -3.17
N ILE D 68 -14.69 -31.72 -2.87
CA ILE D 68 -14.51 -32.80 -3.83
C ILE D 68 -15.88 -33.25 -4.33
N ILE D 69 -16.08 -33.17 -5.65
CA ILE D 69 -17.24 -33.69 -6.32
C ILE D 69 -16.86 -34.99 -7.06
N CYS D 70 -17.56 -36.09 -6.79
CA CYS D 70 -17.33 -37.37 -7.54
C CYS D 70 -18.53 -37.74 -8.40
N THR D 71 -18.24 -38.14 -9.65
CA THR D 71 -19.26 -38.69 -10.48
C THR D 71 -19.51 -40.13 -10.06
N ILE D 72 -20.80 -40.44 -9.83
CA ILE D 72 -21.22 -41.75 -9.37
C ILE D 72 -21.72 -42.54 -10.61
N GLY D 73 -21.28 -43.78 -10.68
CA GLY D 73 -21.58 -44.63 -11.82
C GLY D 73 -21.46 -46.08 -11.40
N PRO D 74 -21.35 -47.02 -12.37
CA PRO D 74 -21.22 -48.45 -12.09
C PRO D 74 -20.14 -48.80 -11.03
N ALA D 75 -19.00 -48.13 -11.08
CA ALA D 75 -17.93 -48.54 -10.19
C ALA D 75 -18.17 -48.01 -8.78
N SER D 76 -19.08 -47.03 -8.61
CA SER D 76 -19.11 -46.30 -7.37
C SER D 76 -20.50 -46.23 -6.72
N ARG D 77 -21.54 -46.82 -7.32
CA ARG D 77 -22.92 -46.53 -6.87
C ARG D 77 -23.39 -47.47 -5.73
N SER D 78 -22.61 -48.51 -5.39
CA SER D 78 -22.91 -49.39 -4.26
C SER D 78 -22.76 -48.66 -2.91
N VAL D 79 -23.62 -49.04 -1.95
CA VAL D 79 -23.66 -48.41 -0.66
C VAL D 79 -22.27 -48.47 -0.04
N GLU D 80 -21.62 -49.64 -0.13
CA GLU D 80 -20.33 -49.92 0.51
C GLU D 80 -19.29 -48.95 -0.02
N THR D 81 -19.17 -48.83 -1.36
CA THR D 81 -18.20 -47.93 -2.00
C THR D 81 -18.46 -46.48 -1.59
N LEU D 82 -19.74 -46.05 -1.64
CA LEU D 82 -20.14 -44.70 -1.31
C LEU D 82 -19.70 -44.38 0.12
N LYS D 83 -19.87 -45.31 1.07
CA LYS D 83 -19.43 -45.08 2.44
C LYS D 83 -17.94 -44.78 2.48
N GLU D 84 -17.15 -45.55 1.73
CA GLU D 84 -15.70 -45.39 1.83
C GLU D 84 -15.29 -44.05 1.17
N MET D 85 -16.00 -43.67 0.11
CA MET D 85 -15.76 -42.46 -0.59
C MET D 85 -16.03 -41.26 0.31
N ILE D 86 -17.11 -41.30 1.10
CA ILE D 86 -17.44 -40.27 2.08
C ILE D 86 -16.31 -40.13 3.09
N LYS D 87 -15.88 -41.25 3.67
CA LYS D 87 -14.80 -41.26 4.66
C LYS D 87 -13.48 -40.68 4.08
N SER D 88 -13.29 -40.84 2.78
CA SER D 88 -12.05 -40.44 2.10
C SER D 88 -12.12 -39.00 1.50
N GLY D 89 -13.29 -38.35 1.58
CA GLY D 89 -13.44 -36.86 1.43
C GLY D 89 -14.48 -36.41 0.40
N MET D 90 -15.25 -37.35 -0.18
CA MET D 90 -16.28 -36.97 -1.16
C MET D 90 -17.27 -36.05 -0.46
N ASN D 91 -17.53 -34.88 -1.07
CA ASN D 91 -18.47 -33.94 -0.47
C ASN D 91 -19.78 -33.86 -1.27
N VAL D 92 -19.69 -34.06 -2.58
CA VAL D 92 -20.83 -33.96 -3.45
C VAL D 92 -20.83 -35.16 -4.41
N ALA D 93 -22.01 -35.76 -4.61
CA ALA D 93 -22.19 -36.85 -5.59
C ALA D 93 -22.89 -36.35 -6.84
N ARG D 94 -22.20 -36.41 -7.97
CA ARG D 94 -22.70 -35.97 -9.26
C ARG D 94 -23.30 -37.15 -10.03
N LEU D 95 -24.56 -36.96 -10.46
CA LEU D 95 -25.31 -37.84 -11.33
C LEU D 95 -25.28 -37.29 -12.77
N ASN D 96 -24.71 -38.06 -13.70
CA ASN D 96 -24.61 -37.64 -15.09
C ASN D 96 -25.84 -38.17 -15.84
N PHE D 97 -26.78 -37.29 -16.23
CA PHE D 97 -28.04 -37.73 -16.87
C PHE D 97 -27.82 -37.84 -18.40
N SER D 98 -26.57 -37.82 -18.87
CA SER D 98 -26.25 -38.11 -20.27
C SER D 98 -26.72 -39.54 -20.62
N HIS D 99 -26.76 -40.39 -19.59
CA HIS D 99 -27.16 -41.77 -19.70
C HIS D 99 -27.93 -42.15 -18.43
N GLY D 100 -28.71 -43.23 -18.55
CA GLY D 100 -29.45 -43.81 -17.46
C GLY D 100 -30.86 -43.24 -17.37
N THR D 101 -31.77 -44.07 -16.85
CA THR D 101 -33.17 -43.72 -16.66
C THR D 101 -33.38 -43.01 -15.32
N HIS D 102 -34.56 -42.44 -15.14
CA HIS D 102 -34.96 -41.84 -13.87
C HIS D 102 -34.91 -42.89 -12.76
N GLU D 103 -35.39 -44.10 -13.07
CA GLU D 103 -35.38 -45.23 -12.10
C GLU D 103 -33.95 -45.51 -11.59
N TYR D 104 -32.99 -45.58 -12.51
CA TYR D 104 -31.58 -45.90 -12.21
C TYR D 104 -31.01 -44.79 -11.30
N HIS D 105 -31.17 -43.52 -11.71
CA HIS D 105 -30.69 -42.35 -10.92
C HIS D 105 -31.37 -42.28 -9.54
N ALA D 106 -32.68 -42.53 -9.48
CA ALA D 106 -33.37 -42.53 -8.17
C ALA D 106 -32.68 -43.53 -7.22
N GLU D 107 -32.25 -44.66 -7.76
CA GLU D 107 -31.63 -45.67 -6.91
C GLU D 107 -30.22 -45.23 -6.51
N THR D 108 -29.49 -44.57 -7.42
CA THR D 108 -28.18 -44.01 -7.04
C THR D 108 -28.36 -43.06 -5.85
N ILE D 109 -29.26 -42.09 -6.02
CA ILE D 109 -29.52 -41.08 -4.99
C ILE D 109 -29.88 -41.78 -3.67
N LYS D 110 -30.76 -42.77 -3.76
CA LYS D 110 -31.13 -43.54 -2.53
C LYS D 110 -29.87 -44.18 -1.90
N ASN D 111 -28.98 -44.75 -2.71
CA ASN D 111 -27.73 -45.33 -2.15
C ASN D 111 -26.84 -44.22 -1.53
N VAL D 112 -26.76 -43.09 -2.23
CA VAL D 112 -25.94 -41.99 -1.71
C VAL D 112 -26.44 -41.61 -0.31
N ARG D 113 -27.76 -41.54 -0.12
CA ARG D 113 -28.40 -41.07 1.09
C ARG D 113 -28.29 -42.15 2.18
N THR D 114 -28.46 -43.42 1.80
CA THR D 114 -28.20 -44.53 2.74
C THR D 114 -26.78 -44.45 3.33
N ALA D 115 -25.77 -44.34 2.44
CA ALA D 115 -24.38 -44.24 2.84
C ALA D 115 -24.14 -43.02 3.74
N THR D 116 -24.67 -41.85 3.33
CA THR D 116 -24.48 -40.58 4.06
C THR D 116 -25.05 -40.71 5.47
N GLU D 117 -26.25 -41.30 5.56
CA GLU D 117 -27.02 -41.34 6.80
C GLU D 117 -26.53 -42.44 7.73
N SER D 118 -25.69 -43.35 7.22
CA SER D 118 -25.03 -44.35 8.05
C SER D 118 -24.15 -43.68 9.11
N PHE D 119 -23.76 -42.40 8.92
CA PHE D 119 -22.82 -41.73 9.82
C PHE D 119 -23.58 -40.82 10.79
N ALA D 120 -24.91 -40.75 10.64
CA ALA D 120 -25.74 -39.78 11.36
C ALA D 120 -25.68 -39.99 12.88
N SER D 121 -25.37 -41.21 13.32
CA SER D 121 -25.59 -41.64 14.70
C SER D 121 -24.57 -41.01 15.65
N ASP D 122 -23.41 -40.57 15.16
CA ASP D 122 -22.56 -39.64 15.94
C ASP D 122 -22.51 -38.29 15.21
N PRO D 123 -23.18 -37.22 15.70
CA PRO D 123 -23.29 -35.95 14.97
C PRO D 123 -21.95 -35.20 14.82
N ILE D 124 -20.99 -35.48 15.70
CA ILE D 124 -19.63 -34.95 15.56
C ILE D 124 -18.97 -35.50 14.28
N LEU D 125 -19.30 -36.74 13.92
CA LEU D 125 -18.66 -37.49 12.82
C LEU D 125 -19.47 -37.39 11.52
N TYR D 126 -20.61 -36.72 11.58
CA TYR D 126 -21.52 -36.72 10.45
C TYR D 126 -21.01 -35.69 9.44
N ARG D 127 -20.83 -36.11 8.19
CA ARG D 127 -20.46 -35.25 7.11
C ARG D 127 -21.61 -35.18 6.12
N PRO D 128 -22.23 -34.00 5.94
CA PRO D 128 -23.23 -33.82 4.89
C PRO D 128 -22.63 -34.11 3.50
N VAL D 129 -23.45 -34.69 2.62
CA VAL D 129 -23.11 -34.97 1.25
C VAL D 129 -24.23 -34.46 0.34
N ALA D 130 -23.89 -33.60 -0.62
CA ALA D 130 -24.84 -33.03 -1.57
C ALA D 130 -25.02 -33.97 -2.77
N VAL D 131 -26.15 -33.83 -3.45
CA VAL D 131 -26.43 -34.52 -4.68
C VAL D 131 -26.51 -33.50 -5.82
N ALA D 132 -25.79 -33.76 -6.90
CA ALA D 132 -25.80 -32.89 -8.05
C ALA D 132 -26.38 -33.62 -9.26
N LEU D 133 -27.26 -32.93 -9.98
CA LEU D 133 -27.82 -33.43 -11.23
C LEU D 133 -27.16 -32.70 -12.39
N ASP D 134 -26.53 -33.47 -13.26
CA ASP D 134 -25.87 -32.89 -14.42
C ASP D 134 -26.69 -33.25 -15.68
N THR D 135 -27.20 -32.22 -16.35
CA THR D 135 -28.10 -32.41 -17.48
C THR D 135 -27.29 -32.92 -18.68
N LYS D 136 -27.97 -33.68 -19.55
CA LYS D 136 -27.40 -34.16 -20.81
C LYS D 136 -27.10 -32.96 -21.72
N GLY D 137 -28.09 -32.09 -21.89
CA GLY D 137 -27.97 -30.93 -22.80
C GLY D 137 -28.10 -31.39 -24.25
N PRO D 138 -27.98 -30.49 -25.26
CA PRO D 138 -28.04 -30.87 -26.68
C PRO D 138 -26.73 -31.54 -27.11
N GLU D 139 -26.85 -32.57 -27.96
CA GLU D 139 -25.78 -33.47 -28.35
C GLU D 139 -25.99 -33.89 -29.82
N ILE D 140 -25.01 -33.57 -30.66
CA ILE D 140 -24.94 -34.02 -32.03
C ILE D 140 -24.09 -35.30 -32.02
N ARG D 141 -24.63 -36.41 -32.55
CA ARG D 141 -23.97 -37.71 -32.41
C ARG D 141 -24.05 -38.47 -33.75
N THR D 142 -22.94 -39.14 -34.09
CA THR D 142 -22.76 -39.83 -35.36
C THR D 142 -23.56 -41.14 -35.34
N GLY D 143 -23.56 -41.85 -36.48
CA GLY D 143 -24.20 -43.17 -36.61
C GLY D 143 -23.23 -44.30 -36.31
N LEU D 144 -23.43 -45.43 -37.00
CA LEU D 144 -22.71 -46.68 -36.78
C LEU D 144 -22.41 -47.32 -38.14
N ILE D 145 -21.39 -48.18 -38.19
CA ILE D 145 -20.99 -48.88 -39.44
C ILE D 145 -22.01 -50.02 -39.68
N ALA D 151 -16.11 -51.08 -36.34
CA ALA D 151 -14.65 -50.95 -36.44
C ALA D 151 -14.26 -49.46 -36.59
N GLU D 152 -12.98 -49.18 -36.32
CA GLU D 152 -12.38 -47.86 -36.53
C GLU D 152 -11.93 -47.74 -37.99
N VAL D 153 -12.43 -46.69 -38.66
CA VAL D 153 -11.86 -46.25 -39.94
C VAL D 153 -10.89 -45.10 -39.64
N GLU D 154 -9.68 -45.18 -40.21
CA GLU D 154 -8.74 -44.08 -40.14
C GLU D 154 -9.12 -43.06 -41.21
N LEU D 155 -9.62 -41.92 -40.78
CA LEU D 155 -9.75 -40.75 -41.63
C LEU D 155 -8.34 -40.16 -41.83
N LYS D 156 -7.67 -40.62 -42.89
CA LYS D 156 -6.36 -40.08 -43.28
C LYS D 156 -6.57 -38.66 -43.82
N LYS D 157 -5.66 -37.77 -43.42
CA LYS D 157 -5.78 -36.30 -43.47
C LYS D 157 -5.78 -35.79 -44.93
N GLY D 158 -6.77 -34.94 -45.26
CA GLY D 158 -6.94 -34.34 -46.59
C GLY D 158 -8.04 -35.00 -47.40
N ALA D 159 -8.46 -36.21 -46.99
CA ALA D 159 -9.23 -37.15 -47.83
C ALA D 159 -10.74 -37.02 -47.61
N THR D 160 -11.39 -36.20 -48.44
CA THR D 160 -12.88 -36.06 -48.62
C THR D 160 -13.62 -36.23 -47.29
N LEU D 161 -14.85 -36.79 -47.38
CA LEU D 161 -15.82 -37.08 -46.30
C LEU D 161 -16.99 -36.09 -46.42
N LYS D 162 -18.12 -36.62 -46.92
CA LYS D 162 -19.39 -35.94 -47.06
C LYS D 162 -20.30 -36.43 -45.92
N ILE D 163 -21.06 -35.49 -45.36
CA ILE D 163 -21.97 -35.77 -44.26
C ILE D 163 -23.40 -35.80 -44.83
N THR D 164 -24.21 -36.74 -44.33
CA THR D 164 -25.56 -37.00 -44.83
C THR D 164 -26.58 -37.05 -43.67
N LEU D 165 -27.80 -36.60 -43.98
CA LEU D 165 -28.94 -36.62 -43.06
C LEU D 165 -29.88 -37.78 -43.42
N ASP D 166 -29.56 -38.51 -44.50
CA ASP D 166 -30.42 -39.55 -45.05
C ASP D 166 -30.34 -40.78 -44.15
N ASN D 167 -31.21 -40.80 -43.13
CA ASN D 167 -31.37 -41.93 -42.20
C ASN D 167 -31.55 -43.23 -42.99
N LYS D 172 -22.65 -46.80 -43.23
CA LYS D 172 -21.76 -46.19 -44.23
C LYS D 172 -20.76 -45.25 -43.52
N CYS D 173 -19.46 -45.55 -43.63
CA CYS D 173 -18.46 -44.91 -42.78
C CYS D 173 -17.05 -45.07 -43.35
N ASP D 174 -16.68 -44.21 -44.30
CA ASP D 174 -15.30 -44.16 -44.79
C ASP D 174 -14.99 -42.70 -45.15
N GLU D 175 -13.89 -42.50 -45.89
CA GLU D 175 -13.36 -41.17 -46.22
C GLU D 175 -14.38 -40.33 -47.00
N ASN D 176 -15.50 -40.93 -47.42
CA ASN D 176 -16.53 -40.22 -48.19
C ASN D 176 -17.78 -39.97 -47.34
N ILE D 177 -18.25 -40.97 -46.59
CA ILE D 177 -19.64 -40.96 -46.10
C ILE D 177 -19.66 -41.06 -44.56
N LEU D 178 -20.35 -40.10 -43.94
CA LEU D 178 -20.64 -40.08 -42.48
C LEU D 178 -22.01 -39.43 -42.25
N TRP D 179 -22.83 -40.06 -41.39
CA TRP D 179 -24.16 -39.56 -41.03
C TRP D 179 -24.16 -39.10 -39.56
N LEU D 180 -25.09 -38.20 -39.21
CA LEU D 180 -25.30 -37.69 -37.83
C LEU D 180 -26.74 -37.18 -37.68
N ASP D 181 -27.18 -36.98 -36.43
CA ASP D 181 -28.61 -36.83 -36.11
C ASP D 181 -29.02 -35.36 -35.87
N TYR D 182 -28.25 -34.39 -36.38
CA TYR D 182 -28.62 -32.98 -36.25
C TYR D 182 -29.16 -32.50 -37.60
N LYS D 183 -30.49 -32.34 -37.69
CA LYS D 183 -31.13 -32.22 -38.99
C LYS D 183 -30.81 -30.85 -39.64
N ASN D 184 -30.19 -29.91 -38.91
CA ASN D 184 -30.03 -28.51 -39.41
C ASN D 184 -28.56 -28.07 -39.56
N ILE D 185 -27.62 -29.02 -39.78
CA ILE D 185 -26.17 -28.66 -39.94
C ILE D 185 -26.01 -27.76 -41.17
N CYS D 186 -26.72 -28.13 -42.24
CA CYS D 186 -26.56 -27.52 -43.55
C CYS D 186 -26.97 -26.04 -43.49
N LYS D 187 -28.02 -25.75 -42.69
CA LYS D 187 -28.59 -24.40 -42.58
C LYS D 187 -27.59 -23.50 -41.83
N VAL D 188 -26.76 -24.10 -40.97
CA VAL D 188 -25.93 -23.39 -39.99
C VAL D 188 -24.43 -23.50 -40.34
N VAL D 189 -24.11 -24.14 -41.47
CA VAL D 189 -22.71 -24.29 -41.92
C VAL D 189 -22.57 -23.55 -43.26
N GLU D 190 -21.53 -22.71 -43.34
CA GLU D 190 -21.20 -21.88 -44.51
C GLU D 190 -19.74 -22.15 -44.90
N VAL D 191 -19.51 -22.55 -46.16
CA VAL D 191 -18.17 -22.82 -46.76
C VAL D 191 -17.07 -22.20 -45.90
N GLY D 192 -16.22 -23.04 -45.29
CA GLY D 192 -15.09 -22.60 -44.46
C GLY D 192 -15.25 -22.93 -42.98
N SER D 193 -16.44 -23.45 -42.61
CA SER D 193 -16.75 -23.93 -41.24
C SER D 193 -15.81 -25.09 -40.87
N LYS D 194 -15.76 -25.39 -39.56
CA LYS D 194 -15.10 -26.59 -39.06
C LYS D 194 -16.14 -27.42 -38.27
N ILE D 195 -16.00 -28.76 -38.36
CA ILE D 195 -16.82 -29.72 -37.65
C ILE D 195 -15.90 -30.64 -36.86
N TYR D 196 -16.00 -30.61 -35.53
CA TYR D 196 -15.22 -31.50 -34.69
C TYR D 196 -16.00 -32.79 -34.46
N VAL D 197 -15.29 -33.92 -34.36
CA VAL D 197 -15.90 -35.23 -34.25
C VAL D 197 -15.14 -36.02 -33.17
N ASP D 198 -15.92 -36.69 -32.32
CA ASP D 198 -15.46 -37.44 -31.13
C ASP D 198 -14.52 -36.60 -30.27
N ASP D 199 -15.12 -35.73 -29.45
CA ASP D 199 -14.43 -34.92 -28.44
C ASP D 199 -13.17 -34.26 -29.02
N GLY D 200 -13.31 -33.67 -30.22
CA GLY D 200 -12.27 -32.89 -30.87
C GLY D 200 -11.10 -33.72 -31.39
N LEU D 201 -11.27 -35.05 -31.49
CA LEU D 201 -10.22 -35.97 -31.96
C LEU D 201 -10.00 -35.79 -33.48
N ILE D 202 -11.09 -35.54 -34.20
CA ILE D 202 -11.07 -35.24 -35.63
C ILE D 202 -11.56 -33.81 -35.83
N SER D 203 -11.12 -33.16 -36.92
CA SER D 203 -11.72 -31.91 -37.39
C SER D 203 -11.86 -31.95 -38.91
N LEU D 204 -13.11 -31.87 -39.39
CA LEU D 204 -13.45 -31.83 -40.80
C LEU D 204 -13.60 -30.35 -41.22
N GLN D 205 -13.39 -30.10 -42.51
CA GLN D 205 -13.53 -28.75 -43.08
C GLN D 205 -14.53 -28.80 -44.24
N VAL D 206 -15.74 -28.30 -44.00
CA VAL D 206 -16.70 -28.04 -45.06
C VAL D 206 -16.14 -26.91 -45.93
N LYS D 207 -16.36 -27.02 -47.24
CA LYS D 207 -16.20 -25.89 -48.14
C LYS D 207 -17.12 -26.04 -49.37
N GLN D 208 -18.19 -26.84 -49.24
CA GLN D 208 -19.28 -26.94 -50.22
C GLN D 208 -20.48 -27.63 -49.57
N LYS D 209 -21.59 -26.89 -49.41
CA LYS D 209 -22.82 -27.37 -48.76
C LYS D 209 -23.86 -27.73 -49.84
N GLY D 210 -24.86 -28.53 -49.47
CA GLY D 210 -25.90 -28.97 -50.41
C GLY D 210 -27.26 -29.22 -49.76
N ALA D 211 -27.57 -28.45 -48.69
CA ALA D 211 -28.86 -28.49 -48.00
C ALA D 211 -29.39 -29.94 -47.92
N ASP D 212 -28.61 -30.80 -47.26
CA ASP D 212 -28.93 -32.20 -46.85
C ASP D 212 -27.63 -33.00 -46.73
N PHE D 213 -26.64 -32.65 -47.56
CA PHE D 213 -25.30 -33.21 -47.49
C PHE D 213 -24.27 -32.07 -47.37
N LEU D 214 -23.09 -32.43 -46.83
CA LEU D 214 -21.92 -31.55 -46.66
C LEU D 214 -20.69 -32.28 -47.22
N VAL D 215 -19.84 -31.58 -47.98
CA VAL D 215 -18.60 -32.18 -48.49
C VAL D 215 -17.40 -31.53 -47.76
N THR D 216 -16.77 -32.35 -46.90
CA THR D 216 -15.71 -31.91 -46.00
C THR D 216 -14.38 -32.51 -46.48
N GLU D 217 -13.28 -31.97 -45.94
CA GLU D 217 -11.96 -32.58 -46.01
C GLU D 217 -11.35 -32.62 -44.61
N VAL D 218 -10.67 -33.73 -44.30
CA VAL D 218 -10.06 -33.91 -43.00
C VAL D 218 -8.98 -32.82 -42.82
N GLU D 219 -9.05 -32.12 -41.69
CA GLU D 219 -8.14 -31.03 -41.31
C GLU D 219 -7.17 -31.58 -40.25
N ASN D 220 -7.73 -32.20 -39.20
CA ASN D 220 -7.00 -33.09 -38.26
C ASN D 220 -7.51 -34.53 -38.44
N GLY D 221 -6.57 -35.49 -38.52
CA GLY D 221 -6.88 -36.89 -38.73
C GLY D 221 -6.88 -37.70 -37.43
N GLY D 222 -7.44 -38.91 -37.51
CA GLY D 222 -7.47 -39.88 -36.41
C GLY D 222 -8.34 -41.08 -36.77
N SER D 223 -8.40 -42.08 -35.89
CA SER D 223 -9.30 -43.22 -36.04
C SER D 223 -10.70 -42.83 -35.56
N LEU D 224 -11.73 -43.30 -36.27
CA LEU D 224 -13.14 -42.96 -36.00
C LEU D 224 -13.96 -44.25 -35.84
N GLY D 225 -14.45 -44.49 -34.62
CA GLY D 225 -15.32 -45.62 -34.28
C GLY D 225 -16.76 -45.39 -34.71
N SER D 226 -17.70 -45.51 -33.76
CA SER D 226 -19.15 -45.47 -34.02
C SER D 226 -19.88 -44.67 -32.92
N LYS D 227 -20.93 -43.94 -33.31
CA LYS D 227 -21.92 -43.35 -32.40
C LYS D 227 -21.23 -42.32 -31.50
N LYS D 228 -20.67 -41.28 -32.13
CA LYS D 228 -19.71 -40.37 -31.50
C LYS D 228 -20.38 -39.02 -31.21
N GLY D 229 -19.61 -38.12 -30.58
CA GLY D 229 -20.00 -36.73 -30.35
C GLY D 229 -19.43 -35.79 -31.40
N VAL D 230 -20.19 -34.74 -31.73
CA VAL D 230 -19.84 -33.75 -32.74
C VAL D 230 -20.07 -32.36 -32.15
N ASN D 231 -19.21 -31.40 -32.55
CA ASN D 231 -19.37 -30.01 -32.18
C ASN D 231 -19.12 -29.15 -33.42
N LEU D 232 -19.73 -27.96 -33.43
CA LEU D 232 -19.50 -26.91 -34.40
C LEU D 232 -18.91 -25.69 -33.71
N PRO D 233 -18.20 -24.78 -34.43
CA PRO D 233 -17.57 -23.61 -33.81
C PRO D 233 -18.59 -22.50 -33.53
N GLY D 234 -18.20 -21.57 -32.65
CA GLY D 234 -18.96 -20.37 -32.24
C GLY D 234 -20.37 -20.67 -31.72
N ALA D 235 -21.35 -19.96 -32.28
CA ALA D 235 -22.76 -20.00 -31.89
C ALA D 235 -23.60 -20.79 -32.91
N ALA D 236 -22.93 -21.56 -33.79
CA ALA D 236 -23.63 -22.20 -34.91
C ALA D 236 -24.80 -23.06 -34.38
N VAL D 237 -24.56 -23.81 -33.30
CA VAL D 237 -25.59 -24.69 -32.73
C VAL D 237 -26.77 -23.84 -32.26
N ASP D 238 -27.95 -24.07 -32.88
CA ASP D 238 -29.20 -23.37 -32.52
C ASP D 238 -30.11 -24.27 -31.70
N LEU D 239 -29.69 -25.51 -31.42
CA LEU D 239 -30.46 -26.43 -30.59
C LEU D 239 -30.85 -25.72 -29.29
N PRO D 240 -32.06 -25.99 -28.75
CA PRO D 240 -32.48 -25.45 -27.45
C PRO D 240 -31.50 -25.77 -26.30
N ALA D 241 -31.29 -24.82 -25.39
CA ALA D 241 -30.41 -25.05 -24.22
C ALA D 241 -31.05 -26.07 -23.26
N VAL D 242 -32.37 -25.96 -23.10
CA VAL D 242 -33.15 -26.91 -22.33
C VAL D 242 -34.03 -27.71 -23.32
N SER D 243 -33.70 -28.98 -23.53
CA SER D 243 -34.46 -29.86 -24.40
C SER D 243 -35.64 -30.43 -23.61
N GLU D 244 -36.56 -31.07 -24.35
CA GLU D 244 -37.69 -31.82 -23.78
C GLU D 244 -37.16 -32.81 -22.72
N LYS D 245 -36.09 -33.54 -23.04
CA LYS D 245 -35.46 -34.49 -22.10
C LYS D 245 -34.88 -33.74 -20.88
N ASP D 246 -34.16 -32.64 -21.08
CA ASP D 246 -33.64 -31.80 -19.94
C ASP D 246 -34.80 -31.31 -19.06
N ILE D 247 -35.94 -30.96 -19.65
CA ILE D 247 -37.08 -30.47 -18.89
C ILE D 247 -37.51 -31.60 -17.95
N GLN D 248 -37.58 -32.83 -18.45
CA GLN D 248 -38.03 -33.97 -17.63
C GLN D 248 -36.99 -34.26 -16.52
N ASP D 249 -35.69 -34.13 -16.85
CA ASP D 249 -34.61 -34.44 -15.87
C ASP D 249 -34.64 -33.40 -14.73
N LEU D 250 -34.84 -32.13 -15.08
CA LEU D 250 -34.83 -31.03 -14.10
C LEU D 250 -36.04 -31.15 -13.15
N LYS D 251 -37.22 -31.48 -13.69
CA LYS D 251 -38.42 -31.73 -12.85
C LYS D 251 -38.18 -32.95 -11.94
N PHE D 252 -37.54 -33.99 -12.48
CA PHE D 252 -37.12 -35.16 -11.65
C PHE D 252 -36.23 -34.72 -10.50
N GLY D 253 -35.31 -33.79 -10.77
CA GLY D 253 -34.38 -33.35 -9.77
C GLY D 253 -35.12 -32.65 -8.63
N VAL D 254 -36.15 -31.86 -9.01
CA VAL D 254 -36.94 -31.20 -8.01
C VAL D 254 -37.63 -32.29 -7.16
N GLU D 255 -38.24 -33.30 -7.76
CA GLU D 255 -38.99 -34.25 -6.92
C GLU D 255 -38.02 -35.09 -6.05
N GLN D 256 -36.77 -35.28 -6.48
CA GLN D 256 -35.79 -36.06 -5.71
C GLN D 256 -35.05 -35.17 -4.69
N ASP D 257 -35.36 -33.86 -4.65
CA ASP D 257 -34.77 -32.91 -3.69
C ASP D 257 -33.24 -32.80 -3.83
N VAL D 258 -32.77 -32.69 -5.07
CA VAL D 258 -31.36 -32.54 -5.31
C VAL D 258 -30.94 -31.14 -4.82
N ASP D 259 -29.64 -30.97 -4.59
CA ASP D 259 -29.08 -29.72 -4.03
C ASP D 259 -28.69 -28.73 -5.13
N MET D 260 -28.23 -29.26 -6.28
CA MET D 260 -27.71 -28.40 -7.31
C MET D 260 -27.89 -29.08 -8.65
N VAL D 261 -27.94 -28.25 -9.70
CA VAL D 261 -28.01 -28.69 -11.06
C VAL D 261 -26.76 -28.16 -11.78
N PHE D 262 -26.08 -29.04 -12.52
CA PHE D 262 -25.02 -28.65 -13.44
C PHE D 262 -25.64 -28.56 -14.85
N ALA D 263 -25.88 -27.34 -15.33
CA ALA D 263 -26.63 -27.10 -16.57
C ALA D 263 -25.66 -27.15 -17.76
N SER D 264 -25.90 -28.08 -18.69
CA SER D 264 -24.97 -28.32 -19.79
C SER D 264 -25.14 -27.25 -20.87
N PHE D 265 -24.01 -26.93 -21.51
CA PHE D 265 -23.97 -26.15 -22.74
C PHE D 265 -24.63 -24.77 -22.52
N ILE D 266 -24.22 -24.05 -21.47
CA ILE D 266 -24.76 -22.73 -21.27
C ILE D 266 -23.95 -21.76 -22.14
N ARG D 267 -24.68 -21.00 -22.97
CA ARG D 267 -24.07 -20.11 -23.96
C ARG D 267 -24.48 -18.66 -23.75
N LYS D 268 -25.51 -18.39 -22.94
CA LYS D 268 -25.93 -17.03 -22.63
C LYS D 268 -26.91 -17.05 -21.47
N ALA D 269 -27.15 -15.84 -20.93
CA ALA D 269 -27.93 -15.63 -19.72
C ALA D 269 -29.30 -16.29 -19.85
N SER D 270 -29.87 -16.20 -21.07
CA SER D 270 -31.23 -16.64 -21.27
C SER D 270 -31.28 -18.17 -21.23
N ASP D 271 -30.13 -18.85 -21.45
CA ASP D 271 -30.10 -20.31 -21.24
C ASP D 271 -30.27 -20.58 -19.73
N VAL D 272 -29.65 -19.75 -18.87
CA VAL D 272 -29.73 -19.92 -17.43
C VAL D 272 -31.18 -19.66 -16.98
N HIS D 273 -31.75 -18.55 -17.47
CA HIS D 273 -33.13 -18.17 -17.17
C HIS D 273 -34.08 -19.31 -17.54
N GLU D 274 -33.85 -19.97 -18.68
CA GLU D 274 -34.79 -21.10 -19.03
C GLU D 274 -34.67 -22.23 -18.01
N VAL D 275 -33.45 -22.55 -17.53
CA VAL D 275 -33.29 -23.63 -16.54
C VAL D 275 -34.03 -23.22 -15.26
N ARG D 276 -33.85 -21.98 -14.82
CA ARG D 276 -34.43 -21.46 -13.57
C ARG D 276 -35.97 -21.49 -13.63
N LYS D 277 -36.51 -21.11 -14.78
CA LYS D 277 -37.95 -21.16 -15.06
C LYS D 277 -38.48 -22.60 -14.85
N VAL D 278 -37.80 -23.59 -15.43
CA VAL D 278 -38.27 -24.97 -15.34
C VAL D 278 -38.22 -25.43 -13.88
N LEU D 279 -37.12 -25.12 -13.17
CA LEU D 279 -37.04 -25.56 -11.77
C LEU D 279 -38.15 -24.84 -10.97
N GLY D 280 -38.44 -23.59 -11.37
CA GLY D 280 -39.60 -22.82 -10.92
C GLY D 280 -39.57 -22.49 -9.44
N GLU D 281 -40.78 -22.28 -8.88
CA GLU D 281 -41.11 -22.05 -7.44
C GLU D 281 -40.62 -23.21 -6.56
N LYS D 282 -41.02 -24.45 -6.89
CA LYS D 282 -40.69 -25.63 -6.09
C LYS D 282 -39.16 -25.80 -6.01
N GLY D 283 -38.47 -25.55 -7.13
CA GLY D 283 -37.03 -25.73 -7.19
C GLY D 283 -36.23 -24.46 -6.96
N LYS D 284 -36.83 -23.45 -6.29
CA LYS D 284 -36.17 -22.10 -6.20
C LYS D 284 -34.86 -22.18 -5.41
N ASN D 285 -34.69 -23.17 -4.54
CA ASN D 285 -33.50 -23.21 -3.72
C ASN D 285 -32.43 -24.11 -4.32
N ILE D 286 -32.68 -24.70 -5.48
CA ILE D 286 -31.70 -25.54 -6.16
C ILE D 286 -30.68 -24.63 -6.84
N LYS D 287 -29.41 -24.80 -6.48
CA LYS D 287 -28.35 -23.95 -7.07
C LYS D 287 -28.14 -24.32 -8.53
N ILE D 288 -28.08 -23.32 -9.43
CA ILE D 288 -27.76 -23.57 -10.85
C ILE D 288 -26.29 -23.19 -11.12
N ILE D 289 -25.53 -24.20 -11.52
CA ILE D 289 -24.17 -24.10 -11.91
C ILE D 289 -24.14 -24.23 -13.43
N SER D 290 -23.78 -23.15 -14.15
CA SER D 290 -23.70 -23.20 -15.58
C SER D 290 -22.34 -23.79 -16.00
N LYS D 291 -22.38 -24.80 -16.88
CA LYS D 291 -21.18 -25.35 -17.43
C LYS D 291 -20.78 -24.52 -18.65
N ILE D 292 -19.51 -24.08 -18.64
CA ILE D 292 -18.91 -23.37 -19.75
C ILE D 292 -18.08 -24.41 -20.51
N GLU D 293 -18.48 -24.66 -21.76
CA GLU D 293 -18.03 -25.82 -22.51
C GLU D 293 -17.56 -25.42 -23.91
N ASN D 294 -17.61 -24.13 -24.25
CA ASN D 294 -17.36 -23.72 -25.60
C ASN D 294 -16.99 -22.24 -25.62
N HIS D 295 -16.47 -21.80 -26.76
CA HIS D 295 -15.99 -20.43 -26.92
C HIS D 295 -17.11 -19.41 -26.62
N GLU D 296 -18.35 -19.71 -27.03
CA GLU D 296 -19.46 -18.74 -26.90
C GLU D 296 -19.75 -18.45 -25.41
N GLY D 297 -19.78 -19.50 -24.59
CA GLY D 297 -19.90 -19.36 -23.14
C GLY D 297 -18.83 -18.43 -22.57
N VAL D 298 -17.57 -18.60 -23.01
CA VAL D 298 -16.48 -17.73 -22.55
C VAL D 298 -16.79 -16.31 -23.00
N ARG D 299 -17.20 -16.15 -24.26
CA ARG D 299 -17.41 -14.80 -24.81
C ARG D 299 -18.53 -14.08 -24.02
N ARG D 300 -19.56 -14.81 -23.62
CA ARG D 300 -20.72 -14.23 -22.93
C ARG D 300 -20.70 -14.57 -21.43
N PHE D 301 -19.49 -14.73 -20.89
CA PHE D 301 -19.34 -15.23 -19.54
C PHE D 301 -19.98 -14.28 -18.51
N ASP D 302 -19.79 -12.96 -18.67
CA ASP D 302 -20.19 -12.01 -17.65
C ASP D 302 -21.69 -12.11 -17.39
N GLU D 303 -22.52 -12.22 -18.45
CA GLU D 303 -23.98 -12.39 -18.30
C GLU D 303 -24.31 -13.80 -17.75
N ILE D 304 -23.56 -14.83 -18.09
CA ILE D 304 -23.90 -16.18 -17.59
C ILE D 304 -23.68 -16.19 -16.08
N LEU D 305 -22.54 -15.64 -15.65
CA LEU D 305 -22.18 -15.62 -14.25
C LEU D 305 -23.25 -14.88 -13.45
N GLU D 306 -23.64 -13.70 -13.96
CA GLU D 306 -24.61 -12.80 -13.31
C GLU D 306 -25.88 -13.57 -13.01
N ALA D 307 -26.33 -14.34 -14.00
CA ALA D 307 -27.60 -15.03 -13.97
C ALA D 307 -27.50 -16.38 -13.21
N SER D 308 -26.29 -16.93 -13.04
CA SER D 308 -26.10 -18.28 -12.39
C SER D 308 -25.82 -18.19 -10.88
N ASP D 309 -25.99 -19.31 -10.18
CA ASP D 309 -25.52 -19.43 -8.80
C ASP D 309 -24.03 -19.81 -8.76
N GLY D 310 -23.52 -20.41 -9.84
CA GLY D 310 -22.10 -20.68 -9.94
C GLY D 310 -21.73 -21.19 -11.31
N ILE D 311 -20.47 -21.60 -11.45
CA ILE D 311 -19.86 -21.92 -12.73
C ILE D 311 -19.06 -23.23 -12.63
N MET D 312 -19.13 -24.03 -13.70
CA MET D 312 -18.23 -25.15 -13.85
C MET D 312 -17.45 -24.96 -15.14
N VAL D 313 -16.13 -25.06 -15.01
CA VAL D 313 -15.19 -24.89 -16.14
C VAL D 313 -14.83 -26.29 -16.65
N ALA D 314 -15.30 -26.63 -17.84
CA ALA D 314 -15.09 -27.97 -18.43
C ALA D 314 -13.91 -27.92 -19.41
N ARG D 315 -12.69 -28.09 -18.88
CA ARG D 315 -11.46 -27.76 -19.66
C ARG D 315 -11.40 -28.56 -20.97
N GLY D 316 -11.63 -29.87 -20.89
CA GLY D 316 -11.67 -30.79 -22.05
C GLY D 316 -12.59 -30.33 -23.16
N ASP D 317 -13.80 -29.90 -22.80
CA ASP D 317 -14.77 -29.43 -23.79
C ASP D 317 -14.28 -28.14 -24.43
N LEU D 318 -13.78 -27.21 -23.60
CA LEU D 318 -13.16 -25.93 -24.03
C LEU D 318 -12.04 -26.20 -25.06
N GLY D 319 -11.24 -27.23 -24.78
CA GLY D 319 -10.11 -27.56 -25.64
C GLY D 319 -10.51 -28.15 -27.00
N ILE D 320 -11.79 -28.46 -27.22
CA ILE D 320 -12.26 -28.90 -28.55
C ILE D 320 -12.12 -27.73 -29.55
N GLU D 321 -12.73 -26.58 -29.26
CA GLU D 321 -12.70 -25.40 -30.17
C GLU D 321 -11.46 -24.52 -29.93
N ILE D 322 -11.09 -24.36 -28.66
CA ILE D 322 -10.10 -23.38 -28.27
C ILE D 322 -8.73 -24.06 -28.17
N PRO D 323 -7.67 -23.48 -28.78
CA PRO D 323 -6.36 -24.12 -28.80
C PRO D 323 -5.67 -24.15 -27.43
N ALA D 324 -4.70 -25.05 -27.28
CA ALA D 324 -4.03 -25.34 -25.98
C ALA D 324 -3.32 -24.09 -25.41
N GLU D 325 -2.89 -23.18 -26.29
CA GLU D 325 -2.20 -21.96 -25.90
C GLU D 325 -3.17 -20.91 -25.37
N LYS D 326 -4.48 -21.22 -25.34
CA LYS D 326 -5.47 -20.29 -24.86
C LYS D 326 -6.34 -20.89 -23.75
N VAL D 327 -6.45 -22.23 -23.64
CA VAL D 327 -7.44 -22.78 -22.70
C VAL D 327 -7.09 -22.33 -21.29
N PHE D 328 -5.78 -22.36 -20.91
CA PHE D 328 -5.39 -22.04 -19.50
C PHE D 328 -5.79 -20.61 -19.16
N LEU D 329 -5.72 -19.70 -20.11
CA LEU D 329 -6.17 -18.27 -19.90
C LEU D 329 -7.66 -18.19 -19.54
N ALA D 330 -8.48 -18.92 -20.31
CA ALA D 330 -9.96 -18.98 -20.13
C ALA D 330 -10.29 -19.46 -18.71
N GLN D 331 -9.56 -20.49 -18.27
CA GLN D 331 -9.77 -21.10 -16.96
C GLN D 331 -9.42 -20.07 -15.87
N LYS D 332 -8.26 -19.42 -16.03
CA LYS D 332 -7.80 -18.45 -15.03
C LYS D 332 -8.75 -17.24 -14.95
N MET D 333 -9.17 -16.74 -16.12
CA MET D 333 -10.12 -15.61 -16.24
C MET D 333 -11.42 -15.96 -15.50
N MET D 334 -12.01 -17.12 -15.82
CA MET D 334 -13.32 -17.49 -15.28
C MET D 334 -13.27 -17.75 -13.77
N ILE D 335 -12.21 -18.40 -13.30
CA ILE D 335 -12.08 -18.61 -11.87
C ILE D 335 -11.89 -17.24 -11.19
N GLY D 336 -11.10 -16.35 -11.79
CA GLY D 336 -10.88 -15.00 -11.29
C GLY D 336 -12.19 -14.20 -11.13
N ARG D 337 -13.00 -14.16 -12.18
CA ARG D 337 -14.30 -13.46 -12.17
C ARG D 337 -15.25 -14.13 -11.17
N CYS D 338 -15.21 -15.47 -11.05
CA CYS D 338 -16.10 -16.09 -10.07
C CYS D 338 -15.71 -15.67 -8.65
N ASN D 339 -14.38 -15.66 -8.38
CA ASN D 339 -13.86 -15.33 -7.05
C ASN D 339 -14.28 -13.88 -6.75
N ARG D 340 -14.17 -12.99 -7.73
CA ARG D 340 -14.46 -11.55 -7.54
C ARG D 340 -15.94 -11.38 -7.24
N ALA D 341 -16.79 -12.21 -7.85
CA ALA D 341 -18.25 -12.14 -7.66
C ALA D 341 -18.70 -12.87 -6.39
N GLY D 342 -17.85 -13.71 -5.78
CA GLY D 342 -18.27 -14.51 -4.64
C GLY D 342 -19.11 -15.73 -5.04
N LYS D 343 -18.97 -16.20 -6.27
CA LYS D 343 -19.79 -17.31 -6.72
C LYS D 343 -18.92 -18.56 -6.89
N PRO D 344 -19.40 -19.72 -6.38
CA PRO D 344 -18.65 -20.97 -6.51
C PRO D 344 -18.21 -21.27 -7.97
N VAL D 345 -16.98 -21.76 -8.10
CA VAL D 345 -16.50 -22.19 -9.39
C VAL D 345 -15.86 -23.56 -9.20
N ILE D 346 -16.24 -24.47 -10.10
CA ILE D 346 -15.86 -25.85 -10.09
C ILE D 346 -14.99 -26.09 -11.31
N CYS D 347 -13.82 -26.67 -11.08
CA CYS D 347 -12.99 -27.17 -12.14
C CYS D 347 -13.29 -28.64 -12.45
N ALA D 348 -13.57 -28.93 -13.73
CA ALA D 348 -13.98 -30.24 -14.13
C ALA D 348 -13.21 -30.72 -15.36
N THR D 349 -13.18 -32.05 -15.50
CA THR D 349 -12.65 -32.79 -16.65
C THR D 349 -11.12 -32.79 -16.65
N GLN D 350 -10.58 -33.88 -17.21
CA GLN D 350 -9.16 -34.20 -17.34
C GLN D 350 -8.45 -33.97 -16.01
N MET D 351 -8.99 -34.53 -14.91
CA MET D 351 -8.39 -34.30 -13.63
C MET D 351 -7.38 -35.42 -13.37
N LEU D 352 -7.87 -36.59 -12.95
CA LEU D 352 -7.01 -37.73 -12.68
C LEU D 352 -7.38 -38.89 -13.64
N GLU D 353 -7.45 -38.56 -14.94
CA GLU D 353 -7.92 -39.47 -15.99
C GLU D 353 -7.19 -40.83 -15.90
N SER D 354 -5.88 -40.79 -15.66
CA SER D 354 -5.04 -41.97 -15.75
C SER D 354 -5.41 -42.95 -14.64
N MET D 355 -6.07 -42.46 -13.59
CA MET D 355 -6.47 -43.30 -12.50
C MET D 355 -7.68 -44.17 -12.86
N ILE D 356 -8.23 -44.02 -14.05
CA ILE D 356 -9.26 -44.92 -14.51
C ILE D 356 -8.68 -46.34 -14.54
N LYS D 357 -7.42 -46.48 -15.01
CA LYS D 357 -6.74 -47.78 -15.13
C LYS D 357 -5.67 -47.98 -14.06
N LYS D 358 -5.17 -46.91 -13.42
CA LYS D 358 -4.02 -47.04 -12.50
C LYS D 358 -4.36 -46.52 -11.11
N PRO D 359 -3.83 -47.13 -10.04
CA PRO D 359 -4.12 -46.69 -8.67
C PRO D 359 -3.39 -45.42 -8.20
N ARG D 360 -2.46 -44.93 -9.02
CA ARG D 360 -1.71 -43.71 -8.75
C ARG D 360 -1.85 -42.77 -9.93
N PRO D 361 -1.93 -41.43 -9.72
CA PRO D 361 -1.98 -40.47 -10.81
C PRO D 361 -0.55 -40.07 -11.22
N THR D 362 -0.39 -39.54 -12.43
CA THR D 362 0.90 -39.03 -12.84
C THR D 362 1.22 -37.69 -12.16
N ARG D 363 2.50 -37.34 -12.28
CA ARG D 363 3.04 -36.09 -11.81
C ARG D 363 2.24 -34.92 -12.39
N ALA D 364 2.12 -34.88 -13.72
CA ALA D 364 1.44 -33.80 -14.50
C ALA D 364 -0.03 -33.63 -14.06
N GLU D 365 -0.72 -34.76 -13.86
CA GLU D 365 -2.09 -34.70 -13.35
C GLU D 365 -2.10 -34.03 -11.98
N GLY D 366 -1.11 -34.36 -11.13
CA GLY D 366 -1.05 -33.81 -9.79
C GLY D 366 -0.90 -32.30 -9.85
N SER D 367 -0.06 -31.88 -10.78
CA SER D 367 0.24 -30.49 -10.97
C SER D 367 -1.01 -29.78 -11.52
N ASP D 368 -1.70 -30.40 -12.48
CA ASP D 368 -2.83 -29.78 -13.11
C ASP D 368 -3.93 -29.51 -12.08
N VAL D 369 -4.21 -30.49 -11.22
CA VAL D 369 -5.17 -30.33 -10.12
C VAL D 369 -4.74 -29.21 -9.18
N ALA D 370 -3.49 -29.28 -8.68
CA ALA D 370 -2.96 -28.30 -7.71
C ALA D 370 -3.09 -26.89 -8.27
N ASN D 371 -2.80 -26.73 -9.57
CA ASN D 371 -2.85 -25.42 -10.22
C ASN D 371 -4.31 -24.90 -10.34
N ALA D 372 -5.29 -25.80 -10.45
CA ALA D 372 -6.72 -25.36 -10.40
C ALA D 372 -7.07 -24.83 -9.00
N VAL D 373 -6.54 -25.48 -7.97
CA VAL D 373 -6.77 -25.05 -6.63
C VAL D 373 -6.12 -23.68 -6.39
N LEU D 374 -4.87 -23.56 -6.81
CA LEU D 374 -4.14 -22.32 -6.64
C LEU D 374 -4.77 -21.21 -7.53
N ASP D 375 -5.44 -21.58 -8.62
CA ASP D 375 -6.08 -20.58 -9.45
C ASP D 375 -7.25 -19.92 -8.71
N GLY D 376 -7.86 -20.64 -7.76
CA GLY D 376 -8.95 -20.14 -6.92
C GLY D 376 -10.24 -20.96 -7.01
N ALA D 377 -10.18 -22.17 -7.58
CA ALA D 377 -11.36 -23.04 -7.69
C ALA D 377 -11.86 -23.42 -6.29
N ASP D 378 -13.17 -23.46 -6.14
CA ASP D 378 -13.80 -23.81 -4.87
C ASP D 378 -13.88 -25.35 -4.73
N CYS D 379 -14.19 -26.04 -5.84
CA CYS D 379 -14.32 -27.50 -5.86
C CYS D 379 -13.60 -28.05 -7.07
N ILE D 380 -13.21 -29.31 -6.97
CA ILE D 380 -12.67 -30.11 -8.05
C ILE D 380 -13.58 -31.33 -8.26
N MET D 381 -13.84 -31.65 -9.51
CA MET D 381 -14.73 -32.73 -9.84
C MET D 381 -13.97 -33.85 -10.53
N LEU D 382 -14.25 -35.09 -10.08
CA LEU D 382 -13.79 -36.30 -10.72
C LEU D 382 -14.94 -36.88 -11.56
N SER D 383 -14.59 -37.38 -12.76
CA SER D 383 -15.49 -37.96 -13.73
C SER D 383 -15.26 -39.48 -13.83
N GLY D 384 -14.77 -39.98 -14.97
CA GLY D 384 -14.62 -41.41 -15.22
C GLY D 384 -13.86 -42.12 -14.11
N GLU D 385 -12.93 -41.40 -13.47
CA GLU D 385 -12.10 -41.91 -12.35
C GLU D 385 -12.95 -42.52 -11.23
N THR D 386 -14.08 -41.87 -10.90
CA THR D 386 -14.98 -42.43 -9.88
C THR D 386 -16.19 -43.12 -10.50
N ALA D 387 -16.60 -42.73 -11.71
CA ALA D 387 -17.84 -43.26 -12.31
C ALA D 387 -17.68 -44.72 -12.76
N LYS D 388 -16.56 -45.04 -13.45
CA LYS D 388 -16.53 -46.34 -14.15
C LYS D 388 -15.14 -46.98 -14.12
N GLY D 389 -14.16 -46.34 -13.47
CA GLY D 389 -12.79 -46.81 -13.42
C GLY D 389 -12.58 -47.83 -12.31
N ASP D 390 -11.39 -48.43 -12.30
CA ASP D 390 -11.02 -49.52 -11.42
C ASP D 390 -10.61 -49.05 -10.03
N TYR D 391 -10.39 -47.75 -9.82
CA TYR D 391 -9.91 -47.29 -8.50
C TYR D 391 -10.71 -46.10 -7.99
N PRO D 392 -12.05 -46.22 -7.84
CA PRO D 392 -12.87 -45.07 -7.44
C PRO D 392 -12.38 -44.54 -6.10
N LEU D 393 -12.02 -45.46 -5.20
CA LEU D 393 -11.71 -45.12 -3.86
C LEU D 393 -10.40 -44.36 -3.80
N GLU D 394 -9.43 -44.83 -4.61
CA GLU D 394 -8.07 -44.31 -4.58
C GLU D 394 -8.05 -42.92 -5.24
N ALA D 395 -8.86 -42.74 -6.30
CA ALA D 395 -8.98 -41.44 -7.02
C ALA D 395 -9.48 -40.36 -6.05
N VAL D 396 -10.43 -40.71 -5.17
CA VAL D 396 -10.94 -39.79 -4.14
C VAL D 396 -9.79 -39.46 -3.18
N ARG D 397 -9.12 -40.50 -2.67
CA ARG D 397 -8.11 -40.27 -1.62
C ARG D 397 -6.94 -39.46 -2.21
N MET D 398 -6.64 -39.73 -3.47
CA MET D 398 -5.54 -39.05 -4.14
C MET D 398 -5.94 -37.60 -4.47
N GLN D 399 -7.23 -37.35 -4.78
CA GLN D 399 -7.73 -35.97 -4.96
C GLN D 399 -7.57 -35.18 -3.65
N HIS D 400 -7.90 -35.82 -2.55
CA HIS D 400 -7.84 -35.21 -1.25
C HIS D 400 -6.41 -34.84 -0.87
N LEU D 401 -5.49 -35.78 -1.15
CA LEU D 401 -4.04 -35.61 -0.89
C LEU D 401 -3.51 -34.40 -1.65
N ILE D 402 -3.80 -34.32 -2.95
CA ILE D 402 -3.31 -33.26 -3.81
C ILE D 402 -3.90 -31.93 -3.32
N ALA D 403 -5.22 -31.88 -3.13
CA ALA D 403 -5.91 -30.65 -2.69
C ALA D 403 -5.34 -30.14 -1.36
N ARG D 404 -5.05 -31.05 -0.43
CA ARG D 404 -4.47 -30.65 0.86
C ARG D 404 -3.03 -30.16 0.69
N GLU D 405 -2.28 -30.74 -0.24
CA GLU D 405 -0.89 -30.24 -0.43
C GLU D 405 -0.91 -28.84 -1.06
N ALA D 406 -1.83 -28.62 -2.02
CA ALA D 406 -1.93 -27.35 -2.74
C ALA D 406 -2.17 -26.19 -1.79
N GLU D 407 -2.84 -26.47 -0.66
CA GLU D 407 -3.17 -25.46 0.36
C GLU D 407 -1.92 -24.73 0.86
N ALA D 408 -0.79 -25.43 1.00
CA ALA D 408 0.42 -24.77 1.55
C ALA D 408 0.86 -23.63 0.62
N ALA D 409 0.59 -23.75 -0.69
CA ALA D 409 1.03 -22.76 -1.68
C ALA D 409 0.07 -21.57 -1.83
N ILE D 410 -1.10 -21.56 -1.16
CA ILE D 410 -2.04 -20.45 -1.31
C ILE D 410 -1.57 -19.33 -0.39
N TYR D 411 -1.56 -18.11 -0.92
CA TYR D 411 -1.12 -16.96 -0.17
C TYR D 411 -2.37 -16.21 0.30
N HIS D 412 -2.88 -16.58 1.47
CA HIS D 412 -4.16 -16.11 1.96
C HIS D 412 -4.15 -14.59 2.20
N LEU D 413 -3.02 -14.02 2.61
CA LEU D 413 -2.93 -12.55 2.89
C LEU D 413 -3.43 -11.76 1.66
N GLN D 414 -2.92 -12.11 0.48
CA GLN D 414 -3.09 -11.28 -0.71
C GLN D 414 -4.53 -11.41 -1.23
N LEU D 415 -5.06 -12.63 -1.20
CA LEU D 415 -6.43 -12.96 -1.64
C LEU D 415 -7.42 -12.06 -0.88
N PHE D 416 -7.32 -12.08 0.45
CA PHE D 416 -8.19 -11.29 1.33
C PHE D 416 -8.02 -9.79 1.07
N GLU D 417 -6.78 -9.29 1.13
CA GLU D 417 -6.44 -7.86 0.86
C GLU D 417 -7.06 -7.42 -0.48
N GLU D 418 -6.95 -8.26 -1.50
CA GLU D 418 -7.42 -7.84 -2.81
C GLU D 418 -8.95 -7.89 -2.85
N LEU D 419 -9.56 -8.94 -2.32
CA LEU D 419 -11.00 -9.10 -2.41
C LEU D 419 -11.65 -7.99 -1.56
N ARG D 420 -11.00 -7.62 -0.45
CA ARG D 420 -11.45 -6.49 0.38
C ARG D 420 -11.45 -5.19 -0.45
N ARG D 421 -10.35 -4.92 -1.15
CA ARG D 421 -10.21 -3.68 -1.95
C ARG D 421 -11.18 -3.64 -3.15
N LEU D 422 -11.48 -4.80 -3.76
CA LEU D 422 -12.38 -4.88 -4.92
C LEU D 422 -13.88 -5.00 -4.58
N ALA D 423 -14.24 -5.16 -3.29
CA ALA D 423 -15.67 -5.30 -2.95
C ALA D 423 -16.36 -3.94 -3.09
N PRO D 424 -17.62 -3.88 -3.57
CA PRO D 424 -18.35 -2.61 -3.66
C PRO D 424 -18.46 -2.02 -2.25
N ILE D 425 -18.38 -0.70 -2.11
CA ILE D 425 -18.48 -0.09 -0.77
C ILE D 425 -19.96 -0.03 -0.36
N THR D 426 -20.45 -1.09 0.30
CA THR D 426 -21.76 -1.09 0.98
C THR D 426 -21.55 -0.93 2.48
N SER D 427 -22.67 -0.65 3.15
CA SER D 427 -22.76 -0.53 4.57
C SER D 427 -23.40 -1.81 5.15
N ASP D 428 -23.91 -2.69 4.27
CA ASP D 428 -24.58 -3.93 4.62
C ASP D 428 -23.93 -4.54 5.86
N PRO D 429 -24.64 -4.57 7.00
CA PRO D 429 -24.09 -5.11 8.25
C PRO D 429 -23.53 -6.54 8.17
N THR D 430 -24.17 -7.43 7.39
CA THR D 430 -23.77 -8.83 7.30
C THR D 430 -22.44 -8.95 6.58
N GLU D 431 -22.24 -8.10 5.58
CA GLU D 431 -21.03 -8.03 4.80
C GLU D 431 -19.90 -7.49 5.66
N ALA D 432 -20.14 -6.39 6.39
CA ALA D 432 -19.11 -5.82 7.26
C ALA D 432 -18.68 -6.83 8.32
N THR D 433 -19.66 -7.57 8.85
CA THR D 433 -19.46 -8.57 9.87
C THR D 433 -18.59 -9.71 9.31
N ALA D 434 -18.87 -10.13 8.06
CA ALA D 434 -18.09 -11.21 7.47
C ALA D 434 -16.63 -10.79 7.22
N VAL D 435 -16.43 -9.59 6.67
CA VAL D 435 -15.11 -9.06 6.45
C VAL D 435 -14.36 -8.94 7.77
N GLY D 436 -15.04 -8.47 8.82
CA GLY D 436 -14.41 -8.29 10.19
C GLY D 436 -14.00 -9.63 10.81
N ALA D 437 -14.83 -10.66 10.58
CA ALA D 437 -14.54 -12.01 11.01
C ALA D 437 -13.23 -12.47 10.38
N VAL D 438 -13.08 -12.28 9.08
CA VAL D 438 -11.89 -12.76 8.39
C VAL D 438 -10.65 -12.00 8.88
N GLU D 439 -10.79 -10.69 9.03
CA GLU D 439 -9.68 -9.88 9.50
C GLU D 439 -9.32 -10.34 10.92
N ALA D 440 -10.31 -10.50 11.81
CA ALA D 440 -9.99 -10.98 13.16
C ALA D 440 -9.33 -12.37 13.12
N SER D 441 -9.74 -13.23 12.16
CA SER D 441 -9.19 -14.58 12.08
C SER D 441 -7.67 -14.54 11.81
N PHE D 442 -7.22 -13.62 10.95
CA PHE D 442 -5.77 -13.44 10.69
C PHE D 442 -5.06 -12.84 11.91
N LYS D 443 -5.65 -11.82 12.52
CA LYS D 443 -5.01 -11.05 13.56
C LYS D 443 -4.82 -11.89 14.82
N CYS D 444 -5.77 -12.80 15.05
CA CYS D 444 -5.84 -13.61 16.24
C CYS D 444 -5.26 -15.02 15.99
N CYS D 445 -4.84 -15.34 14.76
CA CYS D 445 -4.44 -16.69 14.33
C CYS D 445 -5.47 -17.72 14.79
N SER D 446 -6.73 -17.47 14.47
CA SER D 446 -7.81 -18.20 15.05
C SER D 446 -7.85 -19.60 14.42
N GLY D 447 -8.38 -20.56 15.17
CA GLY D 447 -8.47 -21.93 14.66
C GLY D 447 -9.61 -22.11 13.69
N ALA D 448 -10.59 -21.18 13.71
CA ALA D 448 -11.76 -21.31 12.93
C ALA D 448 -12.61 -20.05 13.03
N ILE D 449 -13.46 -19.89 12.02
CA ILE D 449 -14.57 -18.97 12.12
C ILE D 449 -15.81 -19.86 12.19
N ILE D 450 -16.52 -19.76 13.31
CA ILE D 450 -17.76 -20.52 13.55
C ILE D 450 -18.95 -19.62 13.20
N VAL D 451 -19.81 -20.06 12.27
CA VAL D 451 -20.94 -19.30 11.79
C VAL D 451 -22.24 -20.06 12.05
N LEU D 452 -23.10 -19.50 12.90
CA LEU D 452 -24.43 -20.06 13.17
C LEU D 452 -25.39 -19.48 12.13
N THR D 453 -25.91 -20.34 11.23
CA THR D 453 -26.62 -19.84 10.03
C THR D 453 -27.71 -20.83 9.61
N LYS D 454 -28.96 -20.35 9.49
CA LYS D 454 -30.01 -21.18 8.94
C LYS D 454 -29.86 -21.34 7.43
N SER D 455 -29.53 -20.27 6.72
CA SER D 455 -29.59 -20.27 5.27
C SER D 455 -28.20 -20.52 4.65
N GLY D 456 -27.15 -20.28 5.42
CA GLY D 456 -25.78 -20.42 4.95
C GLY D 456 -25.19 -19.13 4.39
N ARG D 457 -26.05 -18.12 4.21
CA ARG D 457 -25.72 -16.82 3.58
C ARG D 457 -24.41 -16.29 4.20
N SER D 458 -24.38 -16.17 5.54
CA SER D 458 -23.25 -15.56 6.26
C SER D 458 -21.96 -16.39 6.06
N ALA D 459 -22.06 -17.72 6.12
CA ALA D 459 -20.90 -18.58 5.84
C ALA D 459 -20.38 -18.36 4.42
N HIS D 460 -21.28 -18.23 3.43
CA HIS D 460 -20.89 -17.94 2.04
C HIS D 460 -20.19 -16.57 1.96
N GLN D 461 -20.69 -15.59 2.71
CA GLN D 461 -20.06 -14.24 2.72
C GLN D 461 -18.63 -14.34 3.29
N VAL D 462 -18.44 -15.12 4.34
CA VAL D 462 -17.12 -15.25 4.92
C VAL D 462 -16.21 -15.95 3.91
N ALA D 463 -16.68 -16.99 3.22
CA ALA D 463 -15.79 -17.83 2.34
C ALA D 463 -15.26 -17.01 1.16
N ARG D 464 -16.07 -16.05 0.70
CA ARG D 464 -15.71 -15.14 -0.39
C ARG D 464 -14.40 -14.40 -0.11
N TYR D 465 -14.06 -14.15 1.16
CA TYR D 465 -12.86 -13.37 1.53
C TYR D 465 -11.65 -14.26 1.83
N ARG D 466 -11.83 -15.57 1.64
CA ARG D 466 -10.76 -16.52 1.60
C ARG D 466 -9.94 -16.48 2.89
N PRO D 467 -10.53 -16.73 4.09
CA PRO D 467 -9.73 -16.84 5.30
C PRO D 467 -8.79 -18.04 5.18
N ARG D 468 -7.74 -18.07 6.00
CA ARG D 468 -6.92 -19.27 6.22
C ARG D 468 -7.66 -20.26 7.15
N ALA D 469 -8.26 -19.76 8.23
CA ALA D 469 -8.95 -20.63 9.17
C ALA D 469 -10.19 -21.25 8.53
N PRO D 470 -10.53 -22.50 8.90
CA PRO D 470 -11.74 -23.14 8.39
C PRO D 470 -13.01 -22.45 8.92
N ILE D 471 -14.06 -22.47 8.10
CA ILE D 471 -15.37 -21.94 8.47
C ILE D 471 -16.23 -23.14 8.89
N ILE D 472 -16.60 -23.21 10.17
CA ILE D 472 -17.49 -24.21 10.62
C ILE D 472 -18.88 -23.58 10.62
N ALA D 473 -19.69 -23.95 9.62
CA ALA D 473 -21.02 -23.43 9.49
C ALA D 473 -21.97 -24.40 10.21
N VAL D 474 -22.48 -23.95 11.36
CA VAL D 474 -23.46 -24.70 12.16
C VAL D 474 -24.88 -24.32 11.72
N THR D 475 -25.64 -25.31 11.25
CA THR D 475 -26.98 -25.15 10.73
C THR D 475 -27.86 -26.29 11.24
N ARG D 476 -29.17 -26.05 11.35
CA ARG D 476 -30.16 -27.12 11.55
C ARG D 476 -30.92 -27.38 10.23
N ASN D 477 -30.58 -26.70 9.16
CA ASN D 477 -31.24 -26.88 7.87
C ASN D 477 -30.38 -27.83 7.02
N PRO D 478 -30.85 -29.07 6.73
CA PRO D 478 -30.01 -30.04 6.04
C PRO D 478 -29.58 -29.62 4.63
N GLN D 479 -30.47 -28.91 3.91
CA GLN D 479 -30.12 -28.47 2.58
C GLN D 479 -28.94 -27.46 2.64
N THR D 480 -29.00 -26.54 3.62
CA THR D 480 -27.98 -25.52 3.83
C THR D 480 -26.63 -26.23 4.04
N ALA D 481 -26.59 -27.20 4.94
CA ALA D 481 -25.40 -28.01 5.21
C ALA D 481 -24.82 -28.64 3.92
N ARG D 482 -25.67 -29.17 3.04
CA ARG D 482 -25.22 -29.86 1.82
C ARG D 482 -24.69 -28.87 0.78
N GLN D 483 -25.39 -27.76 0.61
CA GLN D 483 -25.07 -26.83 -0.43
C GLN D 483 -23.80 -26.04 -0.08
N ALA D 484 -23.43 -26.06 1.21
CA ALA D 484 -22.28 -25.34 1.71
C ALA D 484 -21.00 -25.78 1.02
N HIS D 485 -20.99 -27.02 0.51
CA HIS D 485 -19.78 -27.67 -0.03
C HIS D 485 -19.34 -27.00 -1.32
N LEU D 486 -20.21 -26.22 -1.93
CA LEU D 486 -19.84 -25.49 -3.14
C LEU D 486 -18.79 -24.40 -2.87
N TYR D 487 -18.61 -24.02 -1.61
CA TYR D 487 -17.78 -22.92 -1.21
C TYR D 487 -16.51 -23.42 -0.54
N ARG D 488 -15.37 -23.01 -1.09
CA ARG D 488 -14.05 -23.22 -0.46
C ARG D 488 -14.09 -22.89 1.04
N GLY D 489 -13.60 -23.81 1.88
CA GLY D 489 -13.29 -23.55 3.25
C GLY D 489 -14.47 -23.69 4.20
N ILE D 490 -15.66 -24.00 3.69
CA ILE D 490 -16.78 -24.23 4.59
C ILE D 490 -16.81 -25.72 4.94
N PHE D 491 -16.78 -25.97 6.25
CA PHE D 491 -17.08 -27.22 6.85
C PHE D 491 -18.47 -27.18 7.48
N PRO D 492 -19.50 -27.69 6.79
CA PRO D 492 -20.87 -27.65 7.30
C PRO D 492 -21.11 -28.74 8.35
N VAL D 493 -21.72 -28.36 9.46
CA VAL D 493 -22.12 -29.37 10.43
C VAL D 493 -23.60 -29.18 10.76
N LEU D 494 -24.30 -30.31 10.83
CA LEU D 494 -25.74 -30.37 11.00
C LEU D 494 -26.03 -30.57 12.50
N CYS D 495 -26.57 -29.53 13.14
CA CYS D 495 -26.97 -29.61 14.52
C CYS D 495 -28.34 -30.30 14.60
N LYS D 496 -28.40 -31.40 15.36
CA LYS D 496 -29.60 -32.21 15.51
C LYS D 496 -30.31 -31.92 16.84
N ASP D 497 -29.68 -31.12 17.71
CA ASP D 497 -30.26 -30.79 19.02
C ASP D 497 -31.50 -29.92 18.83
N PRO D 498 -32.51 -29.98 19.73
CA PRO D 498 -33.71 -29.18 19.55
C PRO D 498 -33.39 -27.76 20.05
N VAL D 499 -34.19 -26.77 19.66
CA VAL D 499 -33.95 -25.38 20.05
C VAL D 499 -34.10 -25.26 21.57
N GLN D 500 -33.11 -24.65 22.22
CA GLN D 500 -33.21 -24.30 23.63
C GLN D 500 -34.14 -23.09 23.78
N GLU D 501 -34.88 -23.07 24.90
CA GLU D 501 -35.89 -22.04 25.14
C GLU D 501 -35.19 -20.68 25.30
N ALA D 502 -34.05 -20.66 26.02
CA ALA D 502 -33.28 -19.42 26.18
C ALA D 502 -32.33 -19.23 24.98
N TRP D 503 -32.36 -18.04 24.36
CA TRP D 503 -31.66 -17.81 23.12
C TRP D 503 -30.15 -17.98 23.32
N ALA D 504 -29.59 -17.37 24.37
CA ALA D 504 -28.15 -17.47 24.59
C ALA D 504 -27.72 -18.93 24.85
N GLU D 505 -28.60 -19.74 25.46
CA GLU D 505 -28.29 -21.14 25.70
C GLU D 505 -28.35 -21.89 24.37
N ASP D 506 -29.26 -21.50 23.47
CA ASP D 506 -29.31 -22.12 22.17
C ASP D 506 -28.02 -21.80 21.39
N VAL D 507 -27.49 -20.58 21.54
CA VAL D 507 -26.27 -20.16 20.88
C VAL D 507 -25.08 -20.94 21.45
N ASP D 508 -24.94 -21.00 22.78
CA ASP D 508 -23.80 -21.68 23.42
C ASP D 508 -23.81 -23.16 23.03
N LEU D 509 -25.00 -23.79 22.95
CA LEU D 509 -25.10 -25.19 22.61
C LEU D 509 -24.56 -25.42 21.18
N ARG D 510 -24.91 -24.56 20.23
CA ARG D 510 -24.44 -24.72 18.84
C ARG D 510 -22.93 -24.44 18.74
N VAL D 511 -22.46 -23.44 19.46
CA VAL D 511 -21.05 -23.06 19.48
C VAL D 511 -20.23 -24.22 20.08
N ASN D 512 -20.76 -24.81 21.15
CA ASN D 512 -20.12 -25.94 21.87
C ASN D 512 -20.06 -27.17 20.92
N PHE D 513 -21.12 -27.40 20.15
CA PHE D 513 -21.12 -28.42 19.13
C PHE D 513 -19.98 -28.17 18.14
N ALA D 514 -19.86 -26.91 17.69
CA ALA D 514 -18.75 -26.50 16.78
C ALA D 514 -17.37 -26.71 17.44
N MET D 515 -17.23 -26.35 18.71
CA MET D 515 -15.93 -26.52 19.37
C MET D 515 -15.52 -28.01 19.34
N ASN D 516 -16.49 -28.90 19.61
CA ASN D 516 -16.30 -30.35 19.67
C ASN D 516 -15.93 -30.88 18.30
N VAL D 517 -16.63 -30.43 17.24
CA VAL D 517 -16.35 -30.92 15.89
C VAL D 517 -14.91 -30.53 15.55
N GLY D 518 -14.56 -29.28 15.87
CA GLY D 518 -13.28 -28.71 15.53
C GLY D 518 -12.12 -29.35 16.30
N LYS D 519 -12.36 -29.75 17.55
CA LYS D 519 -11.33 -30.46 18.35
C LYS D 519 -11.15 -31.88 17.81
N ALA D 520 -12.25 -32.56 17.47
CA ALA D 520 -12.24 -33.94 16.94
C ALA D 520 -11.53 -33.98 15.58
N ARG D 521 -11.65 -32.90 14.80
CA ARG D 521 -11.02 -32.85 13.47
C ARG D 521 -9.61 -32.26 13.55
N GLY D 522 -9.20 -31.72 14.72
CA GLY D 522 -7.82 -31.25 14.93
C GLY D 522 -7.55 -29.83 14.42
N PHE D 523 -8.62 -29.04 14.24
CA PHE D 523 -8.51 -27.65 13.73
C PHE D 523 -7.93 -26.70 14.78
N PHE D 524 -8.23 -26.99 16.05
CA PHE D 524 -7.77 -26.19 17.17
C PHE D 524 -7.88 -27.03 18.45
N LYS D 525 -7.36 -26.49 19.55
CA LYS D 525 -7.38 -27.14 20.86
C LYS D 525 -7.69 -26.08 21.92
N LYS D 526 -7.96 -26.55 23.15
CA LYS D 526 -8.18 -25.68 24.28
C LYS D 526 -7.09 -24.60 24.31
N GLY D 527 -7.49 -23.36 24.59
CA GLY D 527 -6.54 -22.24 24.68
C GLY D 527 -6.40 -21.45 23.38
N ASP D 528 -6.80 -22.02 22.25
CA ASP D 528 -6.82 -21.30 20.98
C ASP D 528 -7.97 -20.29 21.02
N VAL D 529 -8.07 -19.46 19.97
CA VAL D 529 -9.15 -18.48 19.83
C VAL D 529 -9.98 -18.85 18.59
N VAL D 530 -11.30 -18.66 18.67
CA VAL D 530 -12.13 -18.77 17.48
C VAL D 530 -12.96 -17.50 17.33
N ILE D 531 -13.35 -17.22 16.08
CA ILE D 531 -14.28 -16.16 15.76
C ILE D 531 -15.65 -16.79 15.68
N VAL D 532 -16.66 -16.14 16.28
CA VAL D 532 -18.06 -16.67 16.25
C VAL D 532 -18.99 -15.61 15.65
N LEU D 533 -19.75 -15.99 14.61
CA LEU D 533 -20.78 -15.13 13.99
C LEU D 533 -22.18 -15.66 14.30
N THR D 534 -23.04 -14.74 14.75
CA THR D 534 -24.44 -15.00 15.09
C THR D 534 -25.29 -13.78 14.73
N GLY D 535 -26.60 -13.96 14.83
CA GLY D 535 -27.54 -12.87 14.93
C GLY D 535 -27.58 -12.36 16.35
N TRP D 536 -28.36 -11.29 16.57
CA TRP D 536 -28.60 -10.78 17.88
C TRP D 536 -30.07 -11.03 18.22
N ARG D 537 -30.33 -11.83 19.24
CA ARG D 537 -31.70 -12.17 19.73
C ARG D 537 -32.42 -13.18 18.79
N PRO D 538 -33.44 -13.90 19.31
CA PRO D 538 -33.88 -15.17 18.73
C PRO D 538 -34.48 -15.08 17.33
N GLY D 539 -34.24 -16.12 16.53
CA GLY D 539 -34.85 -16.39 15.23
C GLY D 539 -34.62 -15.29 14.20
N SER D 540 -33.51 -14.57 14.32
CA SER D 540 -33.24 -13.45 13.43
C SER D 540 -33.14 -13.95 11.98
N GLY D 541 -31.97 -14.45 11.59
CA GLY D 541 -31.62 -14.65 10.19
C GLY D 541 -30.58 -13.64 9.72
N PHE D 542 -30.38 -12.57 10.50
CA PHE D 542 -29.51 -11.44 10.11
C PHE D 542 -28.22 -11.51 10.94
N THR D 543 -27.14 -12.04 10.35
CA THR D 543 -25.93 -12.33 11.17
C THR D 543 -24.97 -11.12 11.12
N ASN D 544 -25.08 -10.28 12.16
CA ASN D 544 -24.43 -9.00 12.25
C ASN D 544 -23.63 -8.85 13.56
N THR D 545 -23.33 -9.99 14.20
CA THR D 545 -22.78 -10.06 15.52
C THR D 545 -21.55 -10.99 15.51
N MET D 546 -20.39 -10.46 15.87
CA MET D 546 -19.14 -11.15 15.86
C MET D 546 -18.61 -11.17 17.28
N ARG D 547 -18.07 -12.32 17.65
CA ARG D 547 -17.46 -12.46 18.93
C ARG D 547 -16.10 -13.14 18.77
N VAL D 548 -15.13 -12.74 19.60
CA VAL D 548 -13.84 -13.41 19.71
C VAL D 548 -13.82 -14.17 21.06
N VAL D 549 -13.69 -15.51 20.97
CA VAL D 549 -14.06 -16.50 22.00
C VAL D 549 -12.89 -17.46 22.22
N PRO D 550 -12.33 -17.61 23.45
CA PRO D 550 -11.35 -18.67 23.72
C PRO D 550 -11.96 -20.06 23.55
N VAL D 551 -11.18 -21.02 23.05
CA VAL D 551 -11.60 -22.40 23.07
C VAL D 551 -11.52 -22.89 24.51
N PRO D 552 -12.63 -23.38 25.10
CA PRO D 552 -12.62 -23.92 26.46
C PRO D 552 -12.18 -25.40 26.51
N SER E . 16.73 28.27 -1.63
CA SER E . 17.18 28.23 -0.20
C SER E . 18.71 28.45 -0.12
O SER E . 19.34 28.38 -1.17
CB SER E . 16.72 26.95 0.46
OG SER E . 17.01 25.79 -0.33
OXT SER E . 19.36 28.73 0.93
P PO4 F . 16.43 22.74 -18.85
O1 PO4 F . 15.48 22.29 -19.96
O2 PO4 F . 17.85 22.91 -19.36
O3 PO4 F . 15.97 24.12 -18.47
O4 PO4 F . 16.31 21.74 -17.65
N SER G . -15.77 14.56 25.17
CA SER G . -16.20 15.75 24.42
C SER G . -17.73 15.90 24.49
O SER G . -18.31 16.89 23.95
CB SER G . -15.70 15.68 23.00
OG SER G . -15.85 14.37 22.47
OXT SER G . -18.40 15.04 25.08
P PO4 H . -15.58 -2.11 30.84
O1 PO4 H . -17.02 -2.60 30.93
O2 PO4 H . -14.63 -3.29 30.75
O3 PO4 H . -15.24 -1.26 29.62
O4 PO4 H . -15.41 -1.37 32.16
N SER I . 15.88 -14.69 -24.77
CA SER I . 14.59 -14.85 -25.53
C SER I . 14.80 -14.43 -26.99
O SER I . 13.94 -14.65 -27.90
CB SER I . 13.48 -14.09 -24.86
OG SER I . 13.87 -12.77 -24.46
OXT SER I . 15.94 -13.92 -27.26
P PO4 J . 29.23 -4.97 -17.99
O1 PO4 J . 27.74 -5.20 -17.95
O2 PO4 J . 30.05 -6.20 -18.24
O3 PO4 J . 29.60 -4.01 -19.13
O4 PO4 J . 29.64 -4.46 -16.59
N SER K . -16.41 -28.35 2.19
CA SER K . -15.25 -29.27 2.18
C SER K . -15.38 -30.24 3.36
O SER K . -14.53 -31.11 3.48
CB SER K . -13.98 -28.50 2.26
OG SER K . -14.04 -27.62 3.36
OXT SER K . -16.32 -30.14 4.18
#